data_4IL2
#
_entry.id   4IL2
#
_cell.length_a   123.780
_cell.length_b   123.780
_cell.length_c   112.210
_cell.angle_alpha   90.00
_cell.angle_beta   90.00
_cell.angle_gamma   90.00
#
_symmetry.space_group_name_H-M   'P 4'
#
loop_
_entity.id
_entity.type
_entity.pdbx_description
1 polymer 'Starvation sensing protein rspA'
2 non-polymer 'MAGNESIUM ION'
3 water water
#
_entity_poly.entity_id   1
_entity_poly.type   'polypeptide(L)'
_entity_poly.pdbx_seq_one_letter_code
;MHHHHHHHHHHMHHDKRCKESNMKIVKAEVFVTCPGRNFVTLKITTEDGITGLGDATLNGRELSVASYLQDHLCPQLIGR
DAHRIEDIWQFFYKGAYWRRGPVTMSAISAVDMALWDIKAKAANMPLYQLLGGASREGVMVYCHTTGHSIDEALDDYARH
QELGFKAIRVQCGIPGMKTTYGMSKGKGLAYEPATKGQWPEEQLWSTEKYLDFMPKLFDAVRNKFGFDEHLLHDMHHRLT
PIEAARFGKSIEDYRMFWMEDPTPAENQECFRLIRQHTVTPIAVGEVFNSIWDCKQLIEEQLIDYIRTTLTHAGGITGMR
RIADFASLYQVRTGSHGPSDLSPVCMAAALHFDLWVPNFGVQEYMGYSEQMLEVFPHNWTFDNGYMHPGEKPGLGIEFDE
KLAAKYPYEPAYLPVARLEDGTLWNW
;
_entity_poly.pdbx_strand_id   A,B,C,D
#
loop_
_chem_comp.id
_chem_comp.type
_chem_comp.name
_chem_comp.formula
MG non-polymer 'MAGNESIUM ION' 'Mg 2'
#
# COMPACT_ATOMS: atom_id res chain seq x y z
N LYS A 24 -0.46 16.51 -27.50
CA LYS A 24 -0.40 16.53 -26.04
C LYS A 24 -1.28 17.61 -25.39
N ILE A 25 -2.19 17.19 -24.53
CA ILE A 25 -3.11 18.11 -23.87
C ILE A 25 -2.33 18.75 -22.73
N VAL A 26 -2.40 20.08 -22.59
CA VAL A 26 -1.64 20.73 -21.53
C VAL A 26 -2.53 21.29 -20.43
N LYS A 27 -3.77 21.58 -20.79
CA LYS A 27 -4.72 22.16 -19.86
C LYS A 27 -6.07 21.52 -20.10
N ALA A 28 -6.77 21.19 -19.02
CA ALA A 28 -8.16 20.77 -19.10
C ALA A 28 -8.98 21.55 -18.08
N GLU A 29 -9.61 22.63 -18.52
CA GLU A 29 -10.26 23.58 -17.61
C GLU A 29 -11.78 23.51 -17.62
N VAL A 30 -12.40 23.67 -16.45
CA VAL A 30 -13.85 23.74 -16.38
C VAL A 30 -14.33 25.12 -15.93
N PHE A 31 -15.33 25.65 -16.64
CA PHE A 31 -15.92 26.94 -16.31
C PHE A 31 -17.43 26.82 -16.02
N VAL A 32 -17.93 27.65 -15.11
CA VAL A 32 -19.36 27.64 -14.77
C VAL A 32 -19.89 29.06 -14.70
N THR A 33 -20.99 29.30 -15.43
CA THR A 33 -21.49 30.65 -15.66
C THR A 33 -23.00 30.69 -15.81
N CYS A 34 -23.57 31.88 -15.59
CA CYS A 34 -25.01 32.02 -15.50
C CYS A 34 -25.62 33.28 -16.15
N PRO A 35 -25.78 33.27 -17.48
CA PRO A 35 -26.29 34.48 -18.14
C PRO A 35 -27.61 34.37 -18.96
N GLY A 36 -28.80 34.29 -18.36
CA GLY A 36 -29.04 34.01 -16.97
C GLY A 36 -29.66 32.62 -16.97
N ARG A 37 -28.78 31.63 -17.01
CA ARG A 37 -29.09 30.24 -16.70
C ARG A 37 -27.71 29.63 -16.61
N ASN A 38 -27.57 28.51 -15.90
CA ASN A 38 -26.25 27.91 -15.68
C ASN A 38 -25.74 27.14 -16.88
N PHE A 39 -24.47 27.35 -17.19
CA PHE A 39 -23.77 26.51 -18.15
C PHE A 39 -22.45 26.02 -17.55
N VAL A 40 -22.12 24.75 -17.78
CA VAL A 40 -20.81 24.25 -17.41
C VAL A 40 -20.06 23.90 -18.69
N THR A 41 -18.87 24.48 -18.86
CA THR A 41 -18.12 24.38 -20.12
C THR A 41 -16.71 23.82 -19.87
N LEU A 42 -16.25 22.92 -20.73
CA LEU A 42 -14.90 22.34 -20.63
C LEU A 42 -14.03 22.86 -21.76
N LYS A 43 -12.80 23.22 -21.44
CA LYS A 43 -11.89 23.77 -22.44
C LYS A 43 -10.59 23.00 -22.36
N ILE A 44 -10.23 22.38 -23.47
CA ILE A 44 -9.03 21.57 -23.56
C ILE A 44 -8.03 22.33 -24.42
N THR A 45 -6.79 22.48 -23.93
CA THR A 45 -5.73 23.14 -24.68
C THR A 45 -4.60 22.13 -24.93
N THR A 46 -4.11 22.07 -26.17
CA THR A 46 -2.93 21.27 -26.45
C THR A 46 -1.65 22.11 -26.46
N GLU A 47 -0.52 21.43 -26.55
CA GLU A 47 0.78 22.06 -26.43
C GLU A 47 0.92 23.10 -27.54
N ASP A 48 0.45 22.75 -28.74
CA ASP A 48 0.64 23.63 -29.89
C ASP A 48 -0.44 24.67 -30.06
N GLY A 49 -1.25 24.91 -29.05
CA GLY A 49 -2.15 26.05 -29.08
C GLY A 49 -3.59 25.78 -29.49
N ILE A 50 -3.83 24.63 -30.11
CA ILE A 50 -5.20 24.27 -30.49
C ILE A 50 -6.08 24.11 -29.24
N THR A 51 -7.32 24.52 -29.37
CA THR A 51 -8.16 24.66 -28.19
C THR A 51 -9.53 24.08 -28.54
N GLY A 52 -10.13 23.35 -27.61
CA GLY A 52 -11.40 22.68 -27.89
C GLY A 52 -12.44 22.90 -26.81
N LEU A 53 -13.70 23.00 -27.23
CA LEU A 53 -14.78 23.33 -26.28
C LEU A 53 -15.82 22.22 -26.17
N GLY A 54 -16.38 22.05 -24.98
CA GLY A 54 -17.34 20.99 -24.76
C GLY A 54 -18.38 21.30 -23.69
N ASP A 55 -19.60 20.86 -23.96
CA ASP A 55 -20.71 21.15 -23.09
C ASP A 55 -20.86 20.03 -22.07
N ALA A 56 -20.93 20.39 -20.80
CA ALA A 56 -21.22 19.42 -19.75
C ALA A 56 -22.45 19.82 -18.97
N THR A 57 -23.28 20.70 -19.55
CA THR A 57 -24.41 21.25 -18.81
C THR A 57 -25.49 20.20 -18.50
N LEU A 58 -25.79 20.00 -17.21
CA LEU A 58 -26.81 19.05 -16.78
C LEU A 58 -27.82 19.79 -15.90
N ASN A 59 -28.99 20.11 -16.47
CA ASN A 59 -29.91 21.02 -15.80
C ASN A 59 -30.31 20.63 -14.38
N GLY A 60 -29.92 21.45 -13.40
CA GLY A 60 -30.29 21.23 -12.02
C GLY A 60 -29.25 20.52 -11.17
N ARG A 61 -28.29 19.85 -11.82
CA ARG A 61 -27.23 19.16 -11.10
C ARG A 61 -25.86 19.61 -11.62
N GLU A 62 -25.79 20.87 -12.03
CA GLU A 62 -24.62 21.36 -12.75
C GLU A 62 -23.28 21.13 -12.05
N LEU A 63 -23.25 21.35 -10.74
CA LEU A 63 -21.98 21.35 -9.99
C LEU A 63 -21.50 19.94 -9.72
N SER A 64 -22.40 18.98 -9.88
CA SER A 64 -22.04 17.59 -9.76
C SER A 64 -21.14 17.22 -10.96
N VAL A 65 -21.56 17.59 -12.16
CA VAL A 65 -20.71 17.38 -13.33
C VAL A 65 -19.40 18.19 -13.23
N ALA A 66 -19.47 19.47 -12.88
CA ALA A 66 -18.27 20.31 -12.75
C ALA A 66 -17.18 19.65 -11.90
N SER A 67 -17.59 19.04 -10.80
CA SER A 67 -16.71 18.31 -9.89
C SER A 67 -16.21 17.00 -10.53
N TYR A 68 -17.12 16.20 -11.08
CA TYR A 68 -16.72 15.01 -11.85
C TYR A 68 -15.57 15.35 -12.81
N LEU A 69 -15.71 16.43 -13.57
CA LEU A 69 -14.63 16.88 -14.44
C LEU A 69 -13.42 17.45 -13.68
N GLN A 70 -13.56 18.60 -13.05
CA GLN A 70 -12.41 19.26 -12.37
C GLN A 70 -11.69 18.37 -11.37
N ASP A 71 -12.45 17.65 -10.55
CA ASP A 71 -11.86 16.82 -9.48
C ASP A 71 -11.34 15.46 -9.98
N HIS A 72 -11.93 14.91 -11.04
CA HIS A 72 -11.66 13.50 -11.37
C HIS A 72 -11.24 13.15 -12.80
N LEU A 73 -11.74 13.85 -13.81
CA LEU A 73 -11.39 13.50 -15.18
C LEU A 73 -10.27 14.38 -15.72
N CYS A 74 -10.38 15.68 -15.47
CA CYS A 74 -9.44 16.65 -16.03
C CYS A 74 -7.96 16.38 -15.74
N PRO A 75 -7.60 16.12 -14.46
CA PRO A 75 -6.19 15.79 -14.19
C PRO A 75 -5.70 14.58 -14.98
N GLN A 76 -6.61 13.64 -15.25
CA GLN A 76 -6.27 12.43 -16.00
C GLN A 76 -6.20 12.68 -17.53
N LEU A 77 -6.46 13.92 -17.93
CA LEU A 77 -6.41 14.29 -19.34
C LEU A 77 -5.10 15.00 -19.68
N ILE A 78 -4.25 15.24 -18.69
CA ILE A 78 -3.04 16.02 -18.90
C ILE A 78 -1.88 15.39 -19.71
N GLY A 79 -1.31 14.28 -19.28
CA GLY A 79 -0.28 13.67 -20.12
C GLY A 79 -0.67 13.35 -21.57
N ARG A 80 -1.96 13.44 -21.87
CA ARG A 80 -2.56 12.63 -22.94
C ARG A 80 -2.64 13.24 -24.36
N ASP A 81 -2.52 12.37 -25.36
CA ASP A 81 -2.59 12.72 -26.79
C ASP A 81 -4.04 13.01 -27.22
N ALA A 82 -4.29 14.26 -27.63
CA ALA A 82 -5.59 14.69 -28.10
C ALA A 82 -6.19 13.83 -29.23
N HIS A 83 -5.32 13.32 -30.11
CA HIS A 83 -5.75 12.49 -31.24
C HIS A 83 -6.54 11.23 -30.84
N ARG A 84 -6.22 10.68 -29.67
CA ARG A 84 -6.79 9.42 -29.22
C ARG A 84 -8.20 9.58 -28.58
N ILE A 85 -9.14 10.10 -29.36
CA ILE A 85 -10.52 10.35 -28.91
C ILE A 85 -11.24 9.08 -28.45
N GLU A 86 -11.20 8.04 -29.29
CA GLU A 86 -11.80 6.76 -28.93
C GLU A 86 -11.23 6.22 -27.61
N ASP A 87 -9.91 6.27 -27.48
CA ASP A 87 -9.23 5.64 -26.34
C ASP A 87 -9.57 6.37 -25.04
N ILE A 88 -9.60 7.70 -25.09
CA ILE A 88 -9.95 8.51 -23.93
C ILE A 88 -11.41 8.26 -23.54
N TRP A 89 -12.29 8.18 -24.54
CA TRP A 89 -13.70 7.85 -24.30
C TRP A 89 -13.78 6.52 -23.58
N GLN A 90 -13.22 5.47 -24.18
CA GLN A 90 -13.27 4.14 -23.56
C GLN A 90 -12.63 4.14 -22.17
N PHE A 91 -11.54 4.89 -22.04
CA PHE A 91 -10.77 4.96 -20.80
C PHE A 91 -11.65 5.56 -19.70
N PHE A 92 -12.35 6.64 -20.01
CA PHE A 92 -13.27 7.23 -19.02
C PHE A 92 -14.58 6.43 -18.87
N TYR A 93 -15.05 5.84 -19.96
CA TYR A 93 -16.28 5.05 -19.87
C TYR A 93 -16.12 3.81 -19.00
N LYS A 94 -15.17 2.93 -19.31
CA LYS A 94 -14.98 1.69 -18.56
C LYS A 94 -14.18 1.92 -17.27
N GLY A 95 -13.19 2.81 -17.33
CA GLY A 95 -12.34 3.06 -16.18
C GLY A 95 -13.02 3.67 -14.99
N ALA A 96 -14.22 4.19 -15.17
CA ALA A 96 -14.97 4.80 -14.07
C ALA A 96 -15.53 3.70 -13.20
N TYR A 97 -15.53 2.49 -13.75
CA TYR A 97 -16.01 1.30 -13.08
C TYR A 97 -17.53 1.30 -12.89
N TRP A 98 -18.05 2.28 -12.16
CA TRP A 98 -19.49 2.54 -12.07
C TRP A 98 -19.93 3.25 -13.36
N ARG A 99 -20.53 2.50 -14.29
CA ARG A 99 -20.42 2.83 -15.71
C ARG A 99 -21.22 3.96 -16.39
N ARG A 100 -22.52 4.03 -16.21
CA ARG A 100 -23.30 4.98 -17.03
C ARG A 100 -23.74 6.19 -16.22
N GLY A 101 -24.87 6.76 -16.56
CA GLY A 101 -25.52 7.72 -15.67
C GLY A 101 -25.41 9.14 -16.14
N PRO A 102 -26.35 10.00 -15.71
CA PRO A 102 -26.52 11.34 -16.27
C PRO A 102 -25.29 12.21 -16.01
N VAL A 103 -24.75 12.15 -14.79
CA VAL A 103 -23.59 12.95 -14.40
C VAL A 103 -22.33 12.44 -15.09
N THR A 104 -21.98 11.18 -14.87
CA THR A 104 -20.92 10.49 -15.62
C THR A 104 -20.86 10.80 -17.14
N MET A 105 -22.01 10.75 -17.80
CA MET A 105 -22.03 10.87 -19.25
C MET A 105 -21.99 12.33 -19.70
N SER A 106 -22.55 13.20 -18.88
CA SER A 106 -22.48 14.63 -19.17
C SER A 106 -21.01 15.07 -19.20
N ALA A 107 -20.21 14.46 -18.33
CA ALA A 107 -18.78 14.70 -18.28
C ALA A 107 -18.02 14.10 -19.46
N ILE A 108 -18.27 12.81 -19.74
CA ILE A 108 -17.53 12.13 -20.80
C ILE A 108 -17.82 12.79 -22.15
N SER A 109 -19.06 13.24 -22.33
CA SER A 109 -19.50 13.90 -23.55
C SER A 109 -18.83 15.24 -23.75
N ALA A 110 -18.53 15.90 -22.64
CA ALA A 110 -17.88 17.19 -22.69
C ALA A 110 -16.45 17.00 -23.19
N VAL A 111 -15.76 16.01 -22.63
CA VAL A 111 -14.43 15.62 -23.09
C VAL A 111 -14.42 15.24 -24.56
N ASP A 112 -15.40 14.45 -24.98
CA ASP A 112 -15.53 14.03 -26.37
C ASP A 112 -15.72 15.22 -27.33
N MET A 113 -16.73 16.01 -27.07
CA MET A 113 -17.02 17.23 -27.82
C MET A 113 -15.76 18.12 -28.01
N ALA A 114 -15.04 18.36 -26.94
CA ALA A 114 -13.87 19.22 -27.02
C ALA A 114 -12.75 18.59 -27.82
N LEU A 115 -12.65 17.26 -27.79
CA LEU A 115 -11.60 16.57 -28.54
C LEU A 115 -11.90 16.52 -30.04
N TRP A 116 -13.18 16.45 -30.41
CA TRP A 116 -13.54 16.48 -31.83
C TRP A 116 -13.43 17.88 -32.38
N ASP A 117 -13.68 18.88 -31.52
CA ASP A 117 -13.42 20.28 -31.84
C ASP A 117 -11.96 20.46 -32.24
N ILE A 118 -11.08 19.89 -31.42
CA ILE A 118 -9.65 19.97 -31.63
C ILE A 118 -9.24 19.22 -32.91
N LYS A 119 -9.79 18.03 -33.12
CA LYS A 119 -9.39 17.22 -34.26
C LYS A 119 -9.75 17.89 -35.59
N ALA A 120 -10.92 18.53 -35.62
CA ALA A 120 -11.40 19.15 -36.85
C ALA A 120 -10.61 20.41 -37.15
N LYS A 121 -10.31 21.19 -36.11
CA LYS A 121 -9.38 22.31 -36.26
C LYS A 121 -8.09 21.77 -36.84
N ALA A 122 -7.62 20.65 -36.29
CA ALA A 122 -6.36 20.06 -36.71
C ALA A 122 -6.42 19.63 -38.17
N ALA A 123 -7.64 19.32 -38.63
CA ALA A 123 -7.86 18.94 -40.02
C ALA A 123 -8.08 20.14 -40.92
N ASN A 124 -8.06 21.33 -40.32
CA ASN A 124 -8.52 22.57 -40.98
C ASN A 124 -9.89 22.32 -41.64
N MET A 125 -10.78 21.65 -40.91
CA MET A 125 -12.13 21.37 -41.42
C MET A 125 -13.26 21.75 -40.45
N PRO A 126 -14.44 22.09 -41.01
CA PRO A 126 -15.62 22.11 -40.14
C PRO A 126 -15.93 20.65 -39.72
N LEU A 127 -16.50 20.46 -38.53
CA LEU A 127 -16.66 19.11 -37.97
C LEU A 127 -17.50 18.16 -38.85
N TYR A 128 -18.64 18.61 -39.34
CA TYR A 128 -19.50 17.78 -40.20
C TYR A 128 -18.74 17.10 -41.35
N GLN A 129 -17.61 17.68 -41.74
CA GLN A 129 -16.81 17.12 -42.81
C GLN A 129 -16.07 15.83 -42.40
N LEU A 130 -15.56 15.77 -41.18
CA LEU A 130 -14.89 14.58 -40.68
C LEU A 130 -15.86 13.42 -40.47
N LEU A 131 -17.15 13.73 -40.38
CA LEU A 131 -18.16 12.75 -40.03
C LEU A 131 -18.66 11.97 -41.25
N GLY A 132 -18.34 12.48 -42.44
CA GLY A 132 -18.82 11.91 -43.68
C GLY A 132 -19.40 12.95 -44.63
N GLY A 133 -19.30 14.21 -44.25
CA GLY A 133 -19.81 15.30 -45.07
C GLY A 133 -21.32 15.47 -44.99
N ALA A 134 -21.79 16.57 -45.57
CA ALA A 134 -23.20 16.94 -45.54
C ALA A 134 -24.10 15.98 -46.30
N SER A 135 -25.12 15.48 -45.61
CA SER A 135 -26.15 14.70 -46.28
C SER A 135 -27.33 15.57 -46.64
N ARG A 136 -27.28 16.83 -46.21
CA ARG A 136 -28.40 17.76 -46.40
C ARG A 136 -27.87 19.18 -46.66
N GLU A 137 -28.72 20.04 -47.23
CA GLU A 137 -28.33 21.42 -47.46
C GLU A 137 -28.65 22.28 -46.23
N GLY A 138 -29.58 21.81 -45.40
CA GLY A 138 -30.06 22.60 -44.26
C GLY A 138 -30.52 21.69 -43.14
N VAL A 139 -30.57 22.20 -41.91
CA VAL A 139 -31.05 21.41 -40.78
C VAL A 139 -32.39 21.94 -40.29
N MET A 140 -33.46 21.17 -40.51
CA MET A 140 -34.78 21.60 -40.10
C MET A 140 -34.85 21.68 -38.58
N VAL A 141 -35.30 22.82 -38.07
CA VAL A 141 -35.48 22.96 -36.63
C VAL A 141 -36.96 23.12 -36.31
N TYR A 142 -37.34 22.82 -35.07
CA TYR A 142 -38.67 23.21 -34.61
C TYR A 142 -38.57 24.18 -33.46
N CYS A 143 -39.57 25.05 -33.34
CA CYS A 143 -39.62 26.08 -32.31
C CYS A 143 -40.62 25.69 -31.23
N HIS A 144 -40.68 26.48 -30.16
CA HIS A 144 -41.67 26.27 -29.10
C HIS A 144 -42.79 27.31 -29.16
N THR A 145 -44.03 26.86 -28.98
CA THR A 145 -45.18 27.76 -28.93
C THR A 145 -46.06 27.34 -27.76
N THR A 146 -46.69 28.30 -27.10
CA THR A 146 -47.40 28.03 -25.84
C THR A 146 -48.47 29.08 -25.62
N GLY A 147 -49.37 28.83 -24.67
CA GLY A 147 -50.36 29.81 -24.27
C GLY A 147 -50.94 29.49 -22.91
N HIS A 148 -51.93 30.27 -22.51
CA HIS A 148 -52.73 30.00 -21.33
C HIS A 148 -54.05 29.48 -21.87
N SER A 149 -54.33 29.88 -23.11
CA SER A 149 -55.54 29.46 -23.82
C SER A 149 -55.20 29.07 -25.25
N ILE A 150 -56.18 28.46 -25.93
CA ILE A 150 -56.03 28.07 -27.32
C ILE A 150 -55.73 29.27 -28.21
N ASP A 151 -56.43 30.38 -27.96
CA ASP A 151 -56.29 31.58 -28.76
C ASP A 151 -54.90 32.14 -28.62
N GLU A 152 -54.36 32.06 -27.40
CA GLU A 152 -53.00 32.51 -27.16
C GLU A 152 -52.04 31.62 -27.94
N ALA A 153 -52.32 30.32 -27.91
CA ALA A 153 -51.48 29.36 -28.62
C ALA A 153 -51.51 29.60 -30.13
N LEU A 154 -52.68 29.90 -30.69
CA LEU A 154 -52.78 30.06 -32.14
C LEU A 154 -52.12 31.34 -32.64
N ASP A 155 -52.09 32.37 -31.80
CA ASP A 155 -51.44 33.61 -32.21
C ASP A 155 -49.94 33.39 -32.11
N ASP A 156 -49.56 32.57 -31.15
CA ASP A 156 -48.16 32.20 -30.98
C ASP A 156 -47.67 31.35 -32.13
N TYR A 157 -48.55 30.49 -32.67
CA TYR A 157 -48.15 29.62 -33.77
C TYR A 157 -48.04 30.46 -35.03
N ALA A 158 -48.92 31.44 -35.16
CA ALA A 158 -48.99 32.27 -36.35
C ALA A 158 -47.79 33.21 -36.47
N ARG A 159 -47.26 33.63 -35.33
CA ARG A 159 -46.11 34.52 -35.34
C ARG A 159 -44.86 33.68 -35.57
N HIS A 160 -44.88 32.44 -35.11
CA HIS A 160 -43.74 31.58 -35.28
C HIS A 160 -43.73 30.99 -36.67
N GLN A 161 -44.90 30.83 -37.26
CA GLN A 161 -44.97 30.47 -38.67
C GLN A 161 -44.41 31.65 -39.46
N GLU A 162 -44.77 32.85 -39.05
CA GLU A 162 -44.31 34.06 -39.70
C GLU A 162 -42.77 34.18 -39.67
N LEU A 163 -42.17 33.67 -38.61
CA LEU A 163 -40.73 33.69 -38.41
C LEU A 163 -40.02 32.64 -39.31
N GLY A 164 -40.80 31.72 -39.88
CA GLY A 164 -40.32 30.86 -40.95
C GLY A 164 -40.05 29.40 -40.61
N PHE A 165 -40.32 29.03 -39.37
CA PHE A 165 -40.14 27.64 -38.97
C PHE A 165 -41.12 26.76 -39.73
N LYS A 166 -40.69 25.55 -40.08
CA LYS A 166 -41.55 24.64 -40.83
C LYS A 166 -42.10 23.59 -39.90
N ALA A 167 -41.64 23.65 -38.66
CA ALA A 167 -42.02 22.66 -37.67
C ALA A 167 -42.26 23.39 -36.37
N ILE A 168 -43.41 23.16 -35.76
CA ILE A 168 -43.76 23.91 -34.55
C ILE A 168 -44.36 22.97 -33.49
N ARG A 169 -43.78 23.00 -32.30
CA ARG A 169 -44.27 22.17 -31.20
C ARG A 169 -45.29 22.97 -30.42
N VAL A 170 -46.50 22.46 -30.28
CA VAL A 170 -47.55 23.25 -29.64
C VAL A 170 -48.00 22.73 -28.28
N GLN A 171 -48.07 23.64 -27.32
CA GLN A 171 -48.66 23.36 -26.02
C GLN A 171 -49.61 24.51 -25.68
N CYS A 172 -50.52 24.28 -24.73
CA CYS A 172 -51.25 25.36 -24.07
C CYS A 172 -51.84 24.82 -22.79
N GLY A 173 -52.31 25.71 -21.92
CA GLY A 173 -52.77 25.33 -20.59
C GLY A 173 -54.05 24.51 -20.60
N ILE A 174 -54.21 23.65 -19.59
CA ILE A 174 -55.50 23.02 -19.35
C ILE A 174 -56.38 23.93 -18.47
N PRO A 175 -57.59 24.26 -18.94
CA PRO A 175 -58.63 24.91 -18.12
C PRO A 175 -58.67 24.33 -16.71
N GLY A 176 -58.29 25.12 -15.70
CA GLY A 176 -58.09 24.58 -14.36
C GLY A 176 -56.62 24.28 -14.09
N PRO A 200 -37.43 22.95 -5.69
CA PRO A 200 -38.22 22.93 -6.94
C PRO A 200 -39.66 23.44 -6.78
N GLU A 201 -40.11 24.20 -7.77
CA GLU A 201 -41.53 24.48 -7.95
C GLU A 201 -42.28 23.15 -8.00
N GLU A 202 -43.38 23.05 -7.26
CA GLU A 202 -44.25 21.89 -7.38
C GLU A 202 -45.43 22.30 -8.23
N GLN A 203 -45.66 21.56 -9.31
CA GLN A 203 -46.84 21.80 -10.13
C GLN A 203 -47.89 20.71 -9.90
N LEU A 204 -49.14 21.05 -10.22
CA LEU A 204 -50.26 20.12 -10.10
C LEU A 204 -50.50 19.40 -11.42
N TRP A 205 -50.77 18.11 -11.36
CA TRP A 205 -51.06 17.36 -12.59
C TRP A 205 -52.35 16.55 -12.58
N SER A 206 -53.12 16.71 -13.66
CA SER A 206 -54.29 15.88 -13.92
C SER A 206 -54.21 15.27 -15.31
N THR A 207 -53.94 13.98 -15.36
CA THR A 207 -53.93 13.22 -16.59
C THR A 207 -55.29 13.33 -17.27
N GLU A 208 -56.33 13.13 -16.47
CA GLU A 208 -57.70 13.09 -16.96
C GLU A 208 -58.15 14.40 -17.63
N LYS A 209 -57.77 15.54 -17.05
CA LYS A 209 -58.17 16.80 -17.64
C LYS A 209 -57.43 17.01 -18.95
N TYR A 210 -56.22 16.49 -19.02
CA TYR A 210 -55.37 16.59 -20.20
C TYR A 210 -55.91 15.71 -21.34
N LEU A 211 -56.20 14.43 -21.07
CA LEU A 211 -56.84 13.55 -22.06
C LEU A 211 -58.08 14.14 -22.74
N ASP A 212 -58.98 14.67 -21.92
CA ASP A 212 -60.25 15.19 -22.43
C ASP A 212 -60.03 16.47 -23.25
N PHE A 213 -59.05 17.27 -22.87
CA PHE A 213 -58.93 18.59 -23.46
C PHE A 213 -57.90 18.72 -24.57
N MET A 214 -56.70 18.21 -24.37
CA MET A 214 -55.62 18.52 -25.31
C MET A 214 -55.75 18.20 -26.82
N PRO A 215 -56.56 17.19 -27.20
CA PRO A 215 -56.77 17.05 -28.66
C PRO A 215 -57.42 18.31 -29.24
N LYS A 216 -58.25 18.97 -28.44
CA LYS A 216 -58.90 20.21 -28.86
C LYS A 216 -57.90 21.23 -29.42
N LEU A 217 -56.66 21.20 -28.95
CA LEU A 217 -55.65 22.14 -29.43
C LEU A 217 -55.28 21.86 -30.89
N PHE A 218 -54.87 20.63 -31.16
CA PHE A 218 -54.39 20.26 -32.48
C PHE A 218 -55.51 20.47 -33.50
N ASP A 219 -56.74 20.26 -33.06
CA ASP A 219 -57.92 20.52 -33.88
C ASP A 219 -57.92 21.97 -34.34
N ALA A 220 -57.63 22.88 -33.42
CA ALA A 220 -57.69 24.31 -33.68
C ALA A 220 -56.56 24.73 -34.62
N VAL A 221 -55.34 24.26 -34.33
CA VAL A 221 -54.15 24.48 -35.17
C VAL A 221 -54.39 24.09 -36.61
N ARG A 222 -54.97 22.90 -36.80
CA ARG A 222 -55.29 22.41 -38.14
C ARG A 222 -56.44 23.18 -38.81
N ASN A 223 -57.43 23.61 -38.03
CA ASN A 223 -58.52 24.35 -38.62
C ASN A 223 -58.09 25.71 -39.11
N LYS A 224 -57.37 26.46 -38.27
CA LYS A 224 -56.86 27.76 -38.68
C LYS A 224 -55.87 27.56 -39.82
N PHE A 225 -54.71 27.03 -39.47
CA PHE A 225 -53.64 26.86 -40.42
C PHE A 225 -53.78 25.45 -40.95
N GLY A 226 -53.35 25.21 -42.17
CA GLY A 226 -53.65 23.92 -42.78
C GLY A 226 -52.84 22.79 -42.19
N PHE A 227 -52.51 21.85 -43.06
CA PHE A 227 -51.50 20.87 -42.75
C PHE A 227 -50.20 21.44 -43.30
N ASP A 228 -49.42 20.70 -44.07
CA ASP A 228 -48.13 21.25 -44.52
C ASP A 228 -47.11 21.39 -43.34
N GLU A 229 -47.25 22.39 -42.46
CA GLU A 229 -46.34 22.43 -41.27
C GLU A 229 -46.37 21.14 -40.47
N HIS A 230 -45.23 20.80 -39.86
CA HIS A 230 -45.12 19.67 -38.96
C HIS A 230 -45.58 20.04 -37.56
N LEU A 231 -46.47 19.22 -37.00
CA LEU A 231 -47.13 19.55 -35.74
C LEU A 231 -46.68 18.66 -34.60
N LEU A 232 -46.17 19.29 -33.55
CA LEU A 232 -45.45 18.57 -32.51
C LEU A 232 -46.07 18.78 -31.15
N HIS A 233 -45.78 17.85 -30.24
CA HIS A 233 -46.28 17.96 -28.88
C HIS A 233 -45.45 17.15 -27.91
N ASP A 234 -45.26 17.73 -26.74
CA ASP A 234 -44.45 17.18 -25.67
C ASP A 234 -45.45 16.77 -24.59
N MET A 235 -45.43 15.50 -24.20
CA MET A 235 -46.34 14.94 -23.20
C MET A 235 -45.71 14.93 -21.79
N HIS A 236 -44.40 15.14 -21.72
CA HIS A 236 -43.70 15.27 -20.44
C HIS A 236 -43.86 14.08 -19.49
N HIS A 237 -43.78 12.86 -20.03
CA HIS A 237 -43.79 11.62 -19.24
C HIS A 237 -45.00 11.45 -18.32
N ARG A 238 -46.09 12.16 -18.60
CA ARG A 238 -47.17 12.28 -17.61
C ARG A 238 -48.11 11.08 -17.55
N LEU A 239 -48.12 10.26 -18.61
CA LEU A 239 -49.13 9.23 -18.79
C LEU A 239 -48.66 7.79 -18.54
N THR A 240 -49.64 6.91 -18.40
CA THR A 240 -49.51 5.46 -18.31
C THR A 240 -49.43 5.02 -19.76
N PRO A 241 -48.90 3.81 -20.02
CA PRO A 241 -48.84 3.37 -21.41
C PRO A 241 -50.21 3.34 -22.05
N ILE A 242 -51.22 2.80 -21.37
CA ILE A 242 -52.54 2.70 -21.98
C ILE A 242 -53.25 4.05 -22.09
N GLU A 243 -52.90 5.02 -21.23
CA GLU A 243 -53.43 6.37 -21.42
C GLU A 243 -52.79 6.97 -22.67
N ALA A 244 -51.50 6.72 -22.87
CA ALA A 244 -50.77 7.19 -24.05
C ALA A 244 -51.33 6.62 -25.35
N ALA A 245 -51.70 5.33 -25.32
CA ALA A 245 -52.37 4.70 -26.44
C ALA A 245 -53.65 5.46 -26.78
N ARG A 246 -54.44 5.71 -25.74
CA ARG A 246 -55.68 6.45 -25.88
C ARG A 246 -55.39 7.83 -26.46
N PHE A 247 -54.41 8.53 -25.89
CA PHE A 247 -54.03 9.84 -26.39
C PHE A 247 -53.68 9.80 -27.88
N GLY A 248 -52.87 8.81 -28.28
CA GLY A 248 -52.43 8.67 -29.66
C GLY A 248 -53.57 8.55 -30.65
N LYS A 249 -54.49 7.62 -30.37
CA LYS A 249 -55.67 7.38 -31.20
C LYS A 249 -56.44 8.66 -31.41
N SER A 250 -56.67 9.37 -30.31
CA SER A 250 -57.54 10.53 -30.31
C SER A 250 -56.96 11.72 -31.06
N ILE A 251 -55.69 11.65 -31.44
CA ILE A 251 -55.09 12.77 -32.16
C ILE A 251 -54.63 12.37 -33.55
N GLU A 252 -54.97 11.14 -33.94
CA GLU A 252 -54.51 10.61 -35.22
C GLU A 252 -55.01 11.46 -36.38
N ASP A 253 -56.22 12.01 -36.22
CA ASP A 253 -56.90 12.85 -37.22
C ASP A 253 -56.10 14.11 -37.60
N TYR A 254 -55.21 14.56 -36.70
CA TYR A 254 -54.43 15.77 -36.93
C TYR A 254 -53.02 15.48 -37.43
N ARG A 255 -52.66 14.19 -37.45
CA ARG A 255 -51.45 13.71 -38.11
C ARG A 255 -50.18 14.36 -37.56
N MET A 256 -49.87 14.07 -36.31
CA MET A 256 -48.74 14.74 -35.67
C MET A 256 -47.43 14.24 -36.28
N PHE A 257 -46.44 15.13 -36.35
CA PHE A 257 -45.09 14.73 -36.75
C PHE A 257 -44.59 13.78 -35.65
N TRP A 258 -44.92 14.09 -34.39
CA TRP A 258 -44.74 13.18 -33.25
C TRP A 258 -45.49 13.55 -31.97
N MET A 259 -45.69 12.57 -31.09
CA MET A 259 -45.92 12.82 -29.66
C MET A 259 -44.73 12.28 -28.86
N GLU A 260 -44.23 13.15 -27.98
CA GLU A 260 -42.93 12.95 -27.35
C GLU A 260 -43.05 12.68 -25.85
N ASP A 261 -42.22 11.77 -25.35
CA ASP A 261 -42.21 11.35 -23.94
C ASP A 261 -43.59 11.01 -23.36
N PRO A 262 -44.27 10.01 -23.97
CA PRO A 262 -45.63 9.62 -23.57
C PRO A 262 -45.73 9.08 -22.14
N THR A 263 -44.76 8.27 -21.73
CA THR A 263 -44.81 7.56 -20.46
C THR A 263 -43.34 7.38 -20.08
N PRO A 264 -43.03 7.25 -18.77
CA PRO A 264 -41.64 7.04 -18.35
C PRO A 264 -41.07 5.77 -18.94
N ALA A 265 -39.80 5.82 -19.33
CA ALA A 265 -39.23 4.81 -20.21
C ALA A 265 -38.07 3.98 -19.64
N GLU A 266 -37.91 3.98 -18.32
CA GLU A 266 -36.92 3.14 -17.64
C GLU A 266 -37.20 1.71 -18.04
N ASN A 267 -38.47 1.35 -17.99
CA ASN A 267 -38.89 0.08 -18.52
C ASN A 267 -39.32 0.33 -19.96
N GLN A 268 -38.46 -0.03 -20.91
CA GLN A 268 -38.78 0.24 -22.30
C GLN A 268 -39.92 -0.63 -22.81
N GLU A 269 -40.28 -1.69 -22.09
CA GLU A 269 -41.45 -2.48 -22.49
C GLU A 269 -42.77 -1.70 -22.38
N CYS A 270 -42.74 -0.59 -21.65
CA CYS A 270 -43.97 0.16 -21.41
C CYS A 270 -44.44 0.89 -22.68
N PHE A 271 -43.57 0.97 -23.68
CA PHE A 271 -43.93 1.62 -24.93
C PHE A 271 -44.65 0.67 -25.88
N ARG A 272 -44.54 -0.63 -25.63
CA ARG A 272 -45.22 -1.63 -26.44
C ARG A 272 -46.72 -1.36 -26.58
N LEU A 273 -47.38 -1.02 -25.47
CA LEU A 273 -48.83 -0.84 -25.43
C LEU A 273 -49.30 0.34 -26.29
N ILE A 274 -48.54 1.43 -26.26
CA ILE A 274 -48.87 2.60 -27.05
C ILE A 274 -48.70 2.26 -28.52
N ARG A 275 -47.64 1.52 -28.83
CA ARG A 275 -47.27 1.23 -30.21
C ARG A 275 -48.29 0.32 -30.91
N GLN A 276 -48.86 -0.64 -30.18
CA GLN A 276 -49.85 -1.53 -30.79
C GLN A 276 -51.21 -0.85 -31.02
N HIS A 277 -51.43 0.32 -30.42
CA HIS A 277 -52.76 0.95 -30.47
C HIS A 277 -52.88 2.24 -31.29
N THR A 278 -51.75 2.85 -31.67
CA THR A 278 -51.84 4.09 -32.41
C THR A 278 -50.85 4.14 -33.56
N VAL A 279 -51.16 4.97 -34.56
CA VAL A 279 -50.19 5.24 -35.63
C VAL A 279 -49.63 6.67 -35.54
N THR A 280 -49.97 7.38 -34.45
CA THR A 280 -49.38 8.69 -34.23
C THR A 280 -47.94 8.41 -33.87
N PRO A 281 -46.99 9.03 -34.60
CA PRO A 281 -45.54 8.89 -34.41
C PRO A 281 -45.10 9.18 -32.99
N ILE A 282 -44.10 8.44 -32.52
CA ILE A 282 -43.60 8.57 -31.15
C ILE A 282 -42.14 9.03 -31.13
N ALA A 283 -41.85 9.98 -30.24
CA ALA A 283 -40.48 10.37 -29.98
C ALA A 283 -40.13 10.32 -28.49
N VAL A 284 -38.87 10.07 -28.19
CA VAL A 284 -38.45 9.96 -26.80
C VAL A 284 -36.93 10.07 -26.70
N GLY A 285 -36.41 10.52 -25.57
CA GLY A 285 -35.00 10.30 -25.28
C GLY A 285 -34.14 11.41 -24.73
N GLU A 286 -34.76 12.53 -24.39
CA GLU A 286 -34.10 13.64 -23.73
C GLU A 286 -33.24 13.23 -22.57
N VAL A 287 -33.82 12.41 -21.70
CA VAL A 287 -33.22 12.08 -20.41
C VAL A 287 -32.36 10.83 -20.49
N PHE A 288 -32.14 10.35 -21.71
CA PHE A 288 -31.33 9.16 -21.94
C PHE A 288 -29.86 9.56 -21.96
N ASN A 289 -28.99 8.70 -21.43
CA ASN A 289 -27.55 8.96 -21.51
C ASN A 289 -26.79 7.86 -22.25
N SER A 290 -27.50 6.88 -22.77
CA SER A 290 -26.87 5.64 -23.21
C SER A 290 -27.68 4.96 -24.30
N ILE A 291 -27.02 4.18 -25.15
CA ILE A 291 -27.76 3.29 -26.02
C ILE A 291 -28.48 2.22 -25.19
N TRP A 292 -28.01 1.97 -23.98
CA TRP A 292 -28.63 0.94 -23.13
C TRP A 292 -29.99 1.40 -22.61
N ASP A 293 -30.21 2.72 -22.64
CA ASP A 293 -31.48 3.33 -22.26
C ASP A 293 -32.56 3.15 -23.35
N CYS A 294 -32.14 2.90 -24.58
CA CYS A 294 -33.06 2.97 -25.73
C CYS A 294 -32.91 1.83 -26.73
N LYS A 295 -31.96 0.93 -26.47
CA LYS A 295 -31.73 -0.20 -27.38
C LYS A 295 -33.01 -1.03 -27.63
N GLN A 296 -33.83 -1.22 -26.61
CA GLN A 296 -35.04 -2.02 -26.75
C GLN A 296 -36.12 -1.23 -27.49
N LEU A 297 -36.28 0.04 -27.12
CA LEU A 297 -37.24 0.90 -27.82
C LEU A 297 -37.00 0.96 -29.32
N ILE A 298 -35.75 0.90 -29.73
CA ILE A 298 -35.42 1.01 -31.14
C ILE A 298 -35.52 -0.34 -31.84
N GLU A 299 -34.95 -1.37 -31.22
CA GLU A 299 -34.94 -2.71 -31.80
C GLU A 299 -36.33 -3.30 -31.97
N GLU A 300 -37.27 -2.85 -31.14
CA GLU A 300 -38.64 -3.37 -31.21
C GLU A 300 -39.55 -2.42 -31.98
N GLN A 301 -38.93 -1.44 -32.64
CA GLN A 301 -39.65 -0.44 -33.44
C GLN A 301 -40.79 0.21 -32.65
N LEU A 302 -40.47 0.71 -31.47
CA LEU A 302 -41.45 1.31 -30.57
C LEU A 302 -41.45 2.84 -30.69
N ILE A 303 -40.42 3.38 -31.32
CA ILE A 303 -40.34 4.81 -31.49
C ILE A 303 -39.97 5.13 -32.93
N ASP A 304 -40.28 6.36 -33.33
CA ASP A 304 -39.91 6.91 -34.62
C ASP A 304 -38.76 7.91 -34.59
N TYR A 305 -38.62 8.62 -33.46
CA TYR A 305 -37.54 9.61 -33.27
C TYR A 305 -36.81 9.41 -31.94
N ILE A 306 -35.47 9.36 -31.97
CA ILE A 306 -34.67 9.24 -30.75
C ILE A 306 -34.11 10.61 -30.42
N ARG A 307 -34.35 11.08 -29.19
CA ARG A 307 -34.08 12.47 -28.86
C ARG A 307 -32.82 12.70 -28.04
N THR A 308 -31.92 11.72 -28.07
CA THR A 308 -30.69 11.80 -27.27
C THR A 308 -29.89 13.01 -27.75
N THR A 309 -28.95 13.47 -26.92
CA THR A 309 -28.22 14.71 -27.22
C THR A 309 -26.73 14.52 -27.03
N LEU A 310 -25.94 15.30 -27.75
CA LEU A 310 -24.49 15.21 -27.66
C LEU A 310 -23.97 15.43 -26.23
N THR A 311 -24.48 16.44 -25.53
CA THR A 311 -24.04 16.73 -24.16
C THR A 311 -24.34 15.62 -23.18
N HIS A 312 -25.47 14.95 -23.36
CA HIS A 312 -25.96 14.02 -22.34
C HIS A 312 -25.82 12.54 -22.69
N ALA A 313 -25.60 12.25 -23.97
CA ALA A 313 -25.60 10.85 -24.41
C ALA A 313 -24.26 10.33 -24.93
N GLY A 314 -23.14 10.96 -24.61
CA GLY A 314 -21.88 10.39 -25.05
C GLY A 314 -21.08 11.16 -26.10
N GLY A 315 -21.58 12.33 -26.52
CA GLY A 315 -20.81 13.17 -27.42
C GLY A 315 -20.92 12.71 -28.85
N ILE A 316 -19.95 13.08 -29.68
CA ILE A 316 -19.95 12.65 -31.07
C ILE A 316 -19.73 11.15 -31.16
N THR A 317 -18.84 10.63 -30.31
CA THR A 317 -18.46 9.22 -30.35
C THR A 317 -19.64 8.32 -30.00
N GLY A 318 -20.35 8.68 -28.92
CA GLY A 318 -21.42 7.83 -28.44
C GLY A 318 -22.67 7.96 -29.26
N MET A 319 -23.01 9.19 -29.60
CA MET A 319 -24.23 9.50 -30.30
C MET A 319 -24.15 9.10 -31.79
N ARG A 320 -22.95 8.94 -32.30
CA ARG A 320 -22.76 8.39 -33.65
C ARG A 320 -23.27 6.94 -33.70
N ARG A 321 -22.84 6.17 -32.71
CA ARG A 321 -23.25 4.79 -32.53
C ARG A 321 -24.76 4.64 -32.32
N ILE A 322 -25.34 5.43 -31.43
CA ILE A 322 -26.80 5.45 -31.24
C ILE A 322 -27.57 5.80 -32.51
N ALA A 323 -27.07 6.80 -33.24
CA ALA A 323 -27.71 7.23 -34.48
C ALA A 323 -27.68 6.10 -35.51
N ASP A 324 -26.50 5.53 -35.69
CA ASP A 324 -26.32 4.43 -36.64
C ASP A 324 -27.19 3.21 -36.32
N PHE A 325 -27.29 2.86 -35.03
CA PHE A 325 -28.14 1.75 -34.62
C PHE A 325 -29.60 2.01 -34.97
N ALA A 326 -30.05 3.22 -34.71
CA ALA A 326 -31.43 3.58 -34.99
C ALA A 326 -31.76 3.52 -36.47
N SER A 327 -30.76 3.74 -37.33
CA SER A 327 -30.98 3.78 -38.78
C SER A 327 -31.48 2.44 -39.32
N LEU A 328 -30.93 1.36 -38.79
CA LEU A 328 -31.33 0.00 -39.18
C LEU A 328 -32.84 -0.26 -39.00
N TYR A 329 -33.47 0.47 -38.09
CA TYR A 329 -34.89 0.24 -37.82
C TYR A 329 -35.76 1.38 -38.37
N GLN A 330 -35.16 2.18 -39.24
CA GLN A 330 -35.80 3.38 -39.79
C GLN A 330 -36.24 4.32 -38.66
N VAL A 331 -35.44 4.41 -37.61
CA VAL A 331 -35.68 5.39 -36.57
C VAL A 331 -34.78 6.59 -36.85
N ARG A 332 -35.31 7.80 -36.69
CA ARG A 332 -34.61 9.03 -37.05
C ARG A 332 -34.27 9.89 -35.84
N THR A 333 -33.35 10.85 -36.02
CA THR A 333 -32.81 11.64 -34.92
C THR A 333 -33.63 12.88 -34.60
N GLY A 334 -33.99 13.06 -33.33
CA GLY A 334 -34.80 14.21 -32.96
C GLY A 334 -34.20 14.89 -31.75
N SER A 335 -32.90 15.15 -31.82
CA SER A 335 -32.12 15.73 -30.71
C SER A 335 -32.82 16.88 -30.01
N HIS A 336 -32.85 16.74 -28.69
CA HIS A 336 -33.28 17.72 -27.73
C HIS A 336 -32.44 18.98 -27.94
N GLY A 337 -33.09 20.13 -27.96
CA GLY A 337 -32.38 21.39 -28.11
C GLY A 337 -32.98 22.47 -27.24
N PRO A 338 -32.90 22.29 -25.92
CA PRO A 338 -33.45 23.25 -24.96
C PRO A 338 -32.45 24.35 -24.64
N SER A 339 -32.83 25.28 -23.76
CA SER A 339 -31.95 26.37 -23.37
C SER A 339 -30.77 25.89 -22.53
N ASP A 340 -31.00 24.80 -21.80
CA ASP A 340 -30.05 24.29 -20.85
C ASP A 340 -29.01 23.36 -21.48
N LEU A 341 -29.02 23.22 -22.82
CA LEU A 341 -27.82 22.79 -23.54
C LEU A 341 -27.18 24.07 -24.13
N SER A 342 -25.92 24.30 -23.82
CA SER A 342 -25.24 25.54 -24.19
C SER A 342 -24.93 25.57 -25.70
N PRO A 343 -24.73 26.78 -26.26
CA PRO A 343 -24.37 26.93 -27.69
C PRO A 343 -23.24 26.02 -28.16
N VAL A 344 -22.36 25.57 -27.27
CA VAL A 344 -21.31 24.63 -27.66
C VAL A 344 -21.91 23.36 -28.26
N CYS A 345 -23.00 22.91 -27.64
CA CYS A 345 -23.68 21.68 -28.04
C CYS A 345 -24.48 21.92 -29.31
N MET A 346 -25.21 23.03 -29.35
CA MET A 346 -25.94 23.45 -30.55
C MET A 346 -25.07 23.38 -31.81
N ALA A 347 -23.92 24.03 -31.76
CA ALA A 347 -22.87 23.96 -32.77
C ALA A 347 -22.59 22.52 -33.19
N ALA A 348 -22.02 21.74 -32.29
CA ALA A 348 -21.74 20.35 -32.55
C ALA A 348 -22.97 19.59 -33.04
N ALA A 349 -24.14 19.92 -32.49
CA ALA A 349 -25.35 19.25 -32.94
C ALA A 349 -25.75 19.67 -34.35
N LEU A 350 -25.41 20.89 -34.77
CA LEU A 350 -25.70 21.27 -36.14
C LEU A 350 -24.71 20.56 -37.08
N HIS A 351 -23.52 20.26 -36.58
CA HIS A 351 -22.55 19.51 -37.37
C HIS A 351 -23.01 18.08 -37.54
N PHE A 352 -23.35 17.43 -36.43
CA PHE A 352 -23.89 16.07 -36.42
C PHE A 352 -25.11 15.96 -37.32
N ASP A 353 -26.05 16.89 -37.16
CA ASP A 353 -27.32 16.85 -37.89
C ASP A 353 -27.10 17.00 -39.39
N LEU A 354 -26.08 17.77 -39.75
CA LEU A 354 -25.76 18.03 -41.16
C LEU A 354 -25.31 16.73 -41.84
N TRP A 355 -24.73 15.84 -41.06
CA TRP A 355 -24.23 14.60 -41.65
C TRP A 355 -25.19 13.43 -41.55
N VAL A 356 -25.82 13.22 -40.41
CA VAL A 356 -26.58 11.99 -40.19
C VAL A 356 -27.51 11.73 -41.34
N PRO A 357 -27.33 10.56 -41.97
CA PRO A 357 -28.24 10.06 -43.00
C PRO A 357 -29.67 10.17 -42.50
N ASN A 358 -29.94 9.52 -41.37
CA ASN A 358 -31.28 9.38 -40.79
C ASN A 358 -31.66 10.55 -39.90
N PHE A 359 -31.38 11.77 -40.35
CA PHE A 359 -31.76 12.95 -39.59
C PHE A 359 -33.26 13.12 -39.69
N GLY A 360 -33.87 13.53 -38.58
CA GLY A 360 -35.30 13.78 -38.53
C GLY A 360 -35.65 15.27 -38.39
N VAL A 361 -35.23 15.86 -37.27
CA VAL A 361 -35.54 17.23 -36.88
C VAL A 361 -34.52 17.65 -35.81
N GLN A 362 -34.33 18.96 -35.62
CA GLN A 362 -33.53 19.44 -34.50
C GLN A 362 -34.39 20.35 -33.62
N GLU A 363 -34.36 20.16 -32.31
CA GLU A 363 -35.08 21.10 -31.47
C GLU A 363 -34.23 22.36 -31.33
N TYR A 364 -34.90 23.50 -31.42
CA TYR A 364 -34.24 24.77 -31.21
C TYR A 364 -35.15 25.62 -30.36
N MET A 365 -35.07 25.43 -29.04
CA MET A 365 -35.84 26.25 -28.13
C MET A 365 -35.30 27.67 -28.15
N GLY A 366 -34.01 27.82 -28.41
CA GLY A 366 -33.43 29.15 -28.56
C GLY A 366 -32.67 29.63 -27.34
N TYR A 367 -32.04 30.79 -27.46
CA TYR A 367 -31.24 31.37 -26.38
C TYR A 367 -31.40 32.87 -26.25
N SER A 368 -31.03 33.41 -25.08
CA SER A 368 -31.00 34.84 -24.80
C SER A 368 -29.82 35.51 -25.49
N GLU A 369 -30.01 36.77 -25.86
CA GLU A 369 -28.91 37.57 -26.36
C GLU A 369 -27.89 37.65 -25.24
N GLN A 370 -28.40 37.64 -24.00
CA GLN A 370 -27.58 37.47 -22.81
C GLN A 370 -26.91 36.08 -22.75
N MET A 371 -27.57 35.01 -23.18
CA MET A 371 -26.90 33.70 -23.22
C MET A 371 -25.81 33.62 -24.29
N LEU A 372 -26.16 34.06 -25.51
CA LEU A 372 -25.32 33.80 -26.68
C LEU A 372 -24.03 34.58 -26.73
N GLU A 373 -23.96 35.69 -26.01
CA GLU A 373 -22.86 36.60 -26.20
C GLU A 373 -21.64 36.11 -25.40
N VAL A 374 -21.87 35.19 -24.47
CA VAL A 374 -20.77 34.46 -23.84
C VAL A 374 -20.20 33.45 -24.85
N PHE A 375 -21.00 33.05 -25.83
CA PHE A 375 -20.56 32.05 -26.80
C PHE A 375 -20.60 32.58 -28.24
N PRO A 376 -19.53 33.26 -28.68
CA PRO A 376 -19.55 33.75 -30.07
C PRO A 376 -19.71 32.58 -31.04
N HIS A 377 -20.77 32.63 -31.85
CA HIS A 377 -21.13 31.53 -32.75
C HIS A 377 -21.18 32.01 -34.19
N ASN A 378 -21.23 31.06 -35.13
CA ASN A 378 -21.19 31.35 -36.57
C ASN A 378 -22.22 30.55 -37.34
N TRP A 379 -23.18 29.97 -36.62
CA TRP A 379 -24.25 29.22 -37.28
C TRP A 379 -25.23 30.22 -37.90
N THR A 380 -25.99 29.77 -38.90
CA THR A 380 -26.99 30.65 -39.49
C THR A 380 -28.37 30.00 -39.42
N PHE A 381 -29.39 30.79 -39.77
CA PHE A 381 -30.79 30.36 -39.82
C PHE A 381 -31.39 31.03 -41.05
N ASP A 382 -32.14 30.27 -41.83
CA ASP A 382 -32.84 30.83 -42.98
C ASP A 382 -34.07 30.01 -43.31
N ASN A 383 -35.25 30.62 -43.12
CA ASN A 383 -36.50 29.99 -43.57
C ASN A 383 -36.71 28.60 -42.98
N GLY A 384 -36.42 28.47 -41.68
CA GLY A 384 -36.64 27.22 -40.97
C GLY A 384 -35.52 26.18 -41.06
N TYR A 385 -34.38 26.53 -41.67
CA TYR A 385 -33.20 25.66 -41.66
C TYR A 385 -31.99 26.33 -41.02
N MET A 386 -31.25 25.55 -40.24
CA MET A 386 -29.98 26.03 -39.73
C MET A 386 -28.82 25.31 -40.38
N HIS A 387 -27.66 25.96 -40.33
CA HIS A 387 -26.42 25.39 -40.82
C HIS A 387 -25.33 25.80 -39.83
N PRO A 388 -24.38 24.89 -39.56
CA PRO A 388 -23.20 25.18 -38.72
C PRO A 388 -22.26 26.12 -39.44
N GLY A 389 -21.26 26.65 -38.74
CA GLY A 389 -20.26 27.48 -39.40
C GLY A 389 -19.53 26.77 -40.53
N GLU A 390 -18.64 27.47 -41.22
CA GLU A 390 -17.78 26.79 -42.15
C GLU A 390 -16.37 26.97 -41.66
N LYS A 391 -16.24 27.33 -40.39
CA LYS A 391 -14.92 27.50 -39.82
C LYS A 391 -14.41 26.16 -39.27
N PRO A 392 -13.08 26.04 -39.11
CA PRO A 392 -12.45 24.86 -38.52
C PRO A 392 -13.07 24.48 -37.20
N GLY A 393 -13.24 23.19 -36.95
CA GLY A 393 -13.79 22.72 -35.69
C GLY A 393 -15.30 22.81 -35.52
N LEU A 394 -15.71 23.07 -34.30
CA LEU A 394 -17.11 23.26 -33.99
C LEU A 394 -17.57 24.58 -34.54
N GLY A 395 -16.60 25.45 -34.78
CA GLY A 395 -16.85 26.86 -35.03
C GLY A 395 -17.49 27.57 -33.85
N ILE A 396 -16.99 27.39 -32.64
CA ILE A 396 -17.58 28.10 -31.51
C ILE A 396 -16.52 28.65 -30.57
N GLU A 397 -16.80 29.77 -29.92
CA GLU A 397 -15.86 30.32 -28.95
C GLU A 397 -16.48 30.45 -27.56
N PHE A 398 -15.62 30.68 -26.55
CA PHE A 398 -16.07 30.89 -25.18
C PHE A 398 -15.41 32.14 -24.62
N ASP A 399 -16.22 33.17 -24.40
CA ASP A 399 -15.70 34.39 -23.84
C ASP A 399 -15.53 34.20 -22.33
N GLU A 400 -14.31 33.88 -21.91
CA GLU A 400 -14.02 33.64 -20.49
C GLU A 400 -14.22 34.89 -19.61
N LYS A 401 -13.61 36.02 -19.99
CA LYS A 401 -13.76 37.25 -19.24
C LYS A 401 -15.23 37.62 -19.04
N LEU A 402 -16.02 37.56 -20.11
CA LEU A 402 -17.45 37.86 -19.96
C LEU A 402 -18.07 36.84 -19.01
N ALA A 403 -17.73 35.59 -19.24
CA ALA A 403 -18.23 34.49 -18.44
C ALA A 403 -18.02 34.76 -16.95
N ALA A 404 -16.81 35.17 -16.58
CA ALA A 404 -16.48 35.45 -15.19
C ALA A 404 -17.36 36.53 -14.52
N LYS A 405 -18.07 37.33 -15.33
CA LYS A 405 -19.05 38.33 -14.85
C LYS A 405 -20.27 37.67 -14.22
N TYR A 406 -20.48 36.39 -14.53
CA TYR A 406 -21.71 35.69 -14.19
C TYR A 406 -21.45 34.47 -13.32
N PRO A 407 -21.45 34.63 -11.99
CA PRO A 407 -21.22 33.49 -11.08
C PRO A 407 -22.38 32.50 -11.10
N TYR A 408 -22.12 31.25 -10.72
CA TYR A 408 -23.16 30.24 -10.61
C TYR A 408 -24.30 30.71 -9.71
N GLU A 409 -25.53 30.40 -10.09
CA GLU A 409 -26.72 30.61 -9.27
C GLU A 409 -27.60 29.37 -9.28
N PRO A 410 -28.01 28.87 -8.09
CA PRO A 410 -28.81 27.64 -7.99
C PRO A 410 -30.19 27.74 -8.64
N ALA A 411 -30.51 26.75 -9.47
CA ALA A 411 -31.83 26.69 -10.08
C ALA A 411 -32.23 25.25 -10.31
N TYR A 412 -33.45 24.87 -9.93
CA TYR A 412 -33.87 23.48 -10.13
C TYR A 412 -35.11 23.39 -11.00
N LEU A 413 -35.25 22.26 -11.69
CA LEU A 413 -36.45 21.96 -12.46
C LEU A 413 -37.63 21.72 -11.53
N PRO A 414 -38.85 22.00 -12.02
CA PRO A 414 -40.04 21.71 -11.21
C PRO A 414 -40.25 20.22 -10.98
N VAL A 415 -41.09 19.88 -10.01
CA VAL A 415 -41.59 18.52 -9.83
C VAL A 415 -43.09 18.57 -10.03
N ALA A 416 -43.70 17.43 -10.35
CA ALA A 416 -45.14 17.33 -10.55
C ALA A 416 -45.74 16.50 -9.45
N ARG A 417 -46.95 16.87 -9.02
CA ARG A 417 -47.65 16.14 -7.99
C ARG A 417 -49.12 15.99 -8.40
N LEU A 418 -49.72 14.85 -8.11
CA LEU A 418 -51.16 14.73 -8.32
C LEU A 418 -51.94 15.56 -7.28
N GLU A 419 -53.26 15.58 -7.43
CA GLU A 419 -54.15 16.36 -6.58
C GLU A 419 -53.99 15.85 -5.18
N ASP A 420 -53.75 14.55 -5.17
CA ASP A 420 -53.30 13.77 -4.07
C ASP A 420 -52.11 14.22 -3.29
N GLY A 421 -51.19 14.88 -3.99
CA GLY A 421 -49.85 15.03 -3.48
C GLY A 421 -48.91 13.88 -3.86
N THR A 422 -49.34 12.82 -4.54
CA THR A 422 -48.31 11.82 -4.88
C THR A 422 -47.32 12.37 -5.88
N LEU A 423 -46.03 12.17 -5.59
CA LEU A 423 -44.97 12.68 -6.43
C LEU A 423 -44.97 11.96 -7.77
N TRP A 424 -45.13 12.73 -8.84
CA TRP A 424 -45.34 12.20 -10.16
C TRP A 424 -44.17 12.56 -11.07
N ASN A 425 -44.28 12.21 -12.35
CA ASN A 425 -43.26 12.49 -13.36
C ASN A 425 -43.42 13.89 -13.98
N TRP A 426 -42.49 14.82 -13.71
CA TRP A 426 -42.55 16.18 -14.29
C TRP A 426 -42.03 16.18 -15.70
N MET B 23 -41.03 15.04 12.13
CA MET B 23 -39.66 15.44 12.46
C MET B 23 -39.06 16.28 11.34
N LYS B 24 -39.20 17.59 11.49
CA LYS B 24 -38.63 18.56 10.58
C LYS B 24 -37.13 18.37 10.54
N ILE B 25 -36.60 18.22 9.34
CA ILE B 25 -35.17 18.13 9.16
C ILE B 25 -34.63 19.54 9.35
N VAL B 26 -33.61 19.69 10.19
CA VAL B 26 -33.11 21.01 10.47
C VAL B 26 -31.71 21.22 9.90
N LYS B 27 -30.94 20.13 9.77
CA LYS B 27 -29.60 20.20 9.19
C LYS B 27 -29.32 18.99 8.29
N ALA B 28 -28.58 19.20 7.21
CA ALA B 28 -28.24 18.09 6.30
C ALA B 28 -26.81 18.24 5.79
N GLU B 29 -25.86 17.57 6.44
CA GLU B 29 -24.44 17.85 6.19
C GLU B 29 -23.65 16.72 5.55
N VAL B 30 -22.72 17.08 4.67
CA VAL B 30 -21.85 16.09 4.03
C VAL B 30 -20.45 16.19 4.61
N PHE B 31 -19.85 15.03 4.88
CA PHE B 31 -18.48 15.03 5.40
C PHE B 31 -17.61 14.15 4.48
N VAL B 32 -16.41 14.63 4.18
CA VAL B 32 -15.43 13.88 3.40
C VAL B 32 -14.21 13.67 4.28
N THR B 33 -13.89 12.41 4.58
CA THR B 33 -12.74 12.08 5.41
C THR B 33 -11.93 10.92 4.81
N CYS B 34 -10.64 10.88 5.12
CA CYS B 34 -9.77 9.89 4.50
C CYS B 34 -8.88 9.14 5.48
N PRO B 35 -9.43 8.14 6.19
CA PRO B 35 -8.52 7.45 7.13
C PRO B 35 -8.35 5.92 7.00
N GLY B 36 -7.56 5.36 6.09
CA GLY B 36 -6.89 6.00 4.99
C GLY B 36 -7.40 5.41 3.67
N ARG B 37 -8.67 5.66 3.42
CA ARG B 37 -9.19 5.71 2.06
C ARG B 37 -10.37 6.66 2.22
N ASN B 38 -10.89 7.15 1.09
CA ASN B 38 -11.95 8.17 1.13
C ASN B 38 -13.32 7.64 1.54
N PHE B 39 -14.01 8.39 2.41
CA PHE B 39 -15.40 8.14 2.76
C PHE B 39 -16.22 9.44 2.68
N VAL B 40 -17.40 9.33 2.06
CA VAL B 40 -18.36 10.43 1.99
C VAL B 40 -19.53 10.02 2.86
N THR B 41 -19.84 10.83 3.88
CA THR B 41 -20.90 10.51 4.85
C THR B 41 -21.92 11.65 4.96
N LEU B 42 -23.21 11.32 4.86
CA LEU B 42 -24.27 12.32 5.03
C LEU B 42 -24.80 12.20 6.45
N LYS B 43 -24.98 13.33 7.13
CA LYS B 43 -25.59 13.35 8.45
C LYS B 43 -26.83 14.23 8.39
N ILE B 44 -27.98 13.65 8.74
CA ILE B 44 -29.22 14.40 8.82
C ILE B 44 -29.63 14.63 10.28
N THR B 45 -29.95 15.88 10.63
CA THR B 45 -30.36 16.18 12.01
C THR B 45 -31.80 16.71 12.09
N THR B 46 -32.58 16.22 13.04
CA THR B 46 -34.00 16.60 13.14
C THR B 46 -34.23 17.66 14.22
N GLU B 47 -35.39 18.33 14.16
CA GLU B 47 -35.74 19.43 15.06
C GLU B 47 -35.66 19.02 16.54
N ASP B 48 -36.08 17.79 16.81
CA ASP B 48 -36.08 17.24 18.16
C ASP B 48 -34.72 16.65 18.49
N GLY B 49 -33.84 16.58 17.49
CA GLY B 49 -32.46 16.22 17.73
C GLY B 49 -32.07 14.78 17.44
N ILE B 50 -32.92 14.05 16.74
CA ILE B 50 -32.54 12.72 16.27
C ILE B 50 -31.52 12.88 15.17
N THR B 51 -30.52 12.02 15.15
CA THR B 51 -29.49 12.06 14.12
C THR B 51 -29.47 10.74 13.28
N GLY B 52 -29.32 10.85 11.98
CA GLY B 52 -29.17 9.66 11.15
C GLY B 52 -28.02 9.83 10.17
N LEU B 53 -27.25 8.77 9.95
CA LEU B 53 -26.12 8.82 9.01
C LEU B 53 -26.36 7.98 7.77
N GLY B 54 -25.86 8.46 6.63
CA GLY B 54 -25.94 7.73 5.38
C GLY B 54 -24.59 7.68 4.64
N ASP B 55 -24.30 6.56 4.00
CA ASP B 55 -23.04 6.45 3.26
C ASP B 55 -23.31 6.77 1.81
N ALA B 56 -22.41 7.55 1.22
CA ALA B 56 -22.55 8.02 -0.15
C ALA B 56 -21.25 7.86 -0.91
N THR B 57 -20.40 6.96 -0.43
CA THR B 57 -19.08 6.75 -1.01
C THR B 57 -19.15 6.10 -2.39
N LEU B 58 -18.47 6.70 -3.36
CA LEU B 58 -18.38 6.13 -4.68
C LEU B 58 -16.89 6.14 -5.03
N ASN B 59 -16.23 4.98 -4.84
CA ASN B 59 -14.79 4.87 -5.06
C ASN B 59 -14.32 5.53 -6.37
N GLY B 60 -13.30 6.37 -6.29
CA GLY B 60 -12.74 6.94 -7.50
C GLY B 60 -13.45 8.16 -8.08
N ARG B 61 -14.67 8.44 -7.63
CA ARG B 61 -15.40 9.63 -8.09
C ARG B 61 -16.11 10.28 -6.88
N GLU B 62 -15.48 10.25 -5.71
CA GLU B 62 -16.19 10.59 -4.46
C GLU B 62 -16.77 12.01 -4.39
N LEU B 63 -16.00 13.00 -4.86
CA LEU B 63 -16.36 14.41 -4.74
C LEU B 63 -17.57 14.81 -5.60
N SER B 64 -17.87 14.03 -6.63
CA SER B 64 -19.02 14.29 -7.49
C SER B 64 -20.31 14.10 -6.71
N VAL B 65 -20.34 13.03 -5.92
CA VAL B 65 -21.45 12.70 -5.03
C VAL B 65 -21.50 13.71 -3.89
N ALA B 66 -20.33 14.00 -3.30
CA ALA B 66 -20.22 15.03 -2.28
C ALA B 66 -20.92 16.29 -2.75
N SER B 67 -20.61 16.70 -3.99
CA SER B 67 -21.27 17.84 -4.62
C SER B 67 -22.76 17.63 -4.79
N TYR B 68 -23.10 16.51 -5.44
CA TYR B 68 -24.48 16.13 -5.68
C TYR B 68 -25.25 16.22 -4.39
N LEU B 69 -24.63 15.87 -3.27
CA LEU B 69 -25.28 16.06 -1.98
C LEU B 69 -25.19 17.51 -1.46
N GLN B 70 -23.98 18.03 -1.31
CA GLN B 70 -23.77 19.39 -0.78
C GLN B 70 -24.46 20.51 -1.55
N ASP B 71 -24.28 20.51 -2.88
CA ASP B 71 -24.66 21.65 -3.71
C ASP B 71 -26.11 21.63 -4.20
N HIS B 72 -26.65 20.42 -4.36
CA HIS B 72 -27.99 20.24 -4.89
C HIS B 72 -28.58 19.05 -4.20
N LEU B 73 -29.48 19.22 -3.26
CA LEU B 73 -30.22 18.12 -2.57
C LEU B 73 -30.31 18.39 -1.07
N CYS B 74 -29.19 18.68 -0.43
CA CYS B 74 -29.19 18.95 1.01
C CYS B 74 -29.91 20.24 1.41
N PRO B 75 -29.74 21.33 0.62
CA PRO B 75 -30.62 22.49 0.84
C PRO B 75 -32.09 22.18 0.52
N GLN B 76 -32.36 21.15 -0.25
CA GLN B 76 -33.74 20.76 -0.54
C GLN B 76 -34.34 19.90 0.57
N LEU B 77 -33.49 19.46 1.48
CA LEU B 77 -33.89 18.51 2.52
C LEU B 77 -34.22 19.28 3.79
N ILE B 78 -34.11 20.60 3.72
CA ILE B 78 -34.20 21.48 4.89
C ILE B 78 -35.62 21.75 5.44
N GLY B 79 -36.59 22.03 4.60
CA GLY B 79 -37.94 22.18 5.14
C GLY B 79 -38.53 20.85 5.61
N ARG B 80 -38.08 19.77 4.99
CA ARG B 80 -38.84 18.52 4.96
C ARG B 80 -39.05 17.70 6.25
N ASP B 81 -40.12 16.93 6.24
CA ASP B 81 -40.43 15.98 7.31
C ASP B 81 -39.64 14.68 7.08
N ALA B 82 -38.66 14.44 7.96
CA ALA B 82 -37.84 13.24 7.87
C ALA B 82 -38.66 11.95 7.88
N HIS B 83 -39.90 12.00 8.37
CA HIS B 83 -40.76 10.81 8.46
C HIS B 83 -41.11 10.27 7.08
N ARG B 84 -41.30 11.18 6.13
CA ARG B 84 -41.75 10.84 4.79
C ARG B 84 -40.61 10.32 3.91
N ILE B 85 -40.19 9.09 4.20
CA ILE B 85 -39.04 8.49 3.56
C ILE B 85 -39.30 8.19 2.09
N GLU B 86 -40.47 7.61 1.79
CA GLU B 86 -40.82 7.27 0.41
C GLU B 86 -40.94 8.48 -0.50
N ASP B 87 -41.72 9.47 -0.08
CA ASP B 87 -41.90 10.66 -0.90
C ASP B 87 -40.56 11.36 -1.18
N ILE B 88 -39.70 11.40 -0.17
CA ILE B 88 -38.36 11.95 -0.33
C ILE B 88 -37.55 11.18 -1.38
N TRP B 89 -37.59 9.85 -1.29
CA TRP B 89 -36.86 8.97 -2.20
C TRP B 89 -37.32 9.23 -3.64
N GLN B 90 -38.64 9.21 -3.86
CA GLN B 90 -39.25 9.49 -5.16
C GLN B 90 -38.99 10.93 -5.60
N PHE B 91 -39.01 11.86 -4.64
CA PHE B 91 -38.81 13.28 -4.93
C PHE B 91 -37.44 13.52 -5.54
N PHE B 92 -36.44 12.87 -4.98
CA PHE B 92 -35.10 13.00 -5.52
C PHE B 92 -34.93 12.09 -6.72
N TYR B 93 -35.47 10.88 -6.65
CA TYR B 93 -35.30 9.93 -7.76
C TYR B 93 -35.90 10.47 -9.07
N LYS B 94 -37.16 10.86 -9.03
CA LYS B 94 -37.85 11.30 -10.23
C LYS B 94 -37.62 12.77 -10.46
N GLY B 95 -37.61 13.53 -9.36
CA GLY B 95 -37.45 14.97 -9.40
C GLY B 95 -36.13 15.41 -9.97
N ALA B 96 -35.10 14.61 -9.78
CA ALA B 96 -33.96 14.71 -10.66
C ALA B 96 -34.53 14.20 -11.97
N TYR B 97 -34.66 15.08 -12.95
CA TYR B 97 -35.28 14.76 -14.20
C TYR B 97 -34.41 13.73 -14.98
N TRP B 98 -33.10 13.80 -14.75
CA TRP B 98 -32.15 12.80 -15.25
C TRP B 98 -32.08 11.69 -14.21
N ARG B 99 -32.44 10.46 -14.56
CA ARG B 99 -32.92 9.51 -13.54
C ARG B 99 -31.99 8.52 -12.81
N ARG B 100 -31.10 7.83 -13.50
CA ARG B 100 -30.43 6.79 -12.71
C ARG B 100 -28.99 7.16 -12.45
N GLY B 101 -28.14 6.14 -12.35
CA GLY B 101 -26.72 6.35 -12.44
C GLY B 101 -25.97 6.30 -11.13
N PRO B 102 -24.69 5.98 -11.21
CA PRO B 102 -23.81 5.80 -10.06
C PRO B 102 -23.79 7.02 -9.14
N VAL B 103 -23.66 8.22 -9.71
CA VAL B 103 -23.50 9.43 -8.88
C VAL B 103 -24.82 9.82 -8.20
N THR B 104 -25.86 9.90 -9.02
CA THR B 104 -27.20 10.23 -8.57
C THR B 104 -27.60 9.26 -7.47
N MET B 105 -27.45 7.97 -7.75
CA MET B 105 -27.97 6.96 -6.84
C MET B 105 -27.17 6.84 -5.56
N SER B 106 -25.87 7.12 -5.62
CA SER B 106 -25.05 7.23 -4.42
C SER B 106 -25.62 8.31 -3.51
N ALA B 107 -26.11 9.40 -4.09
CA ALA B 107 -26.62 10.51 -3.29
C ALA B 107 -27.94 10.15 -2.62
N ILE B 108 -28.88 9.73 -3.45
CA ILE B 108 -30.21 9.31 -2.99
C ILE B 108 -30.17 8.24 -1.90
N SER B 109 -29.32 7.21 -2.10
CA SER B 109 -29.16 6.14 -1.10
C SER B 109 -28.69 6.66 0.26
N ALA B 110 -27.76 7.62 0.22
CA ALA B 110 -27.21 8.22 1.45
C ALA B 110 -28.31 8.88 2.26
N VAL B 111 -29.22 9.55 1.56
CA VAL B 111 -30.38 10.17 2.18
C VAL B 111 -31.24 9.08 2.80
N ASP B 112 -31.60 8.10 1.97
CA ASP B 112 -32.54 7.07 2.38
C ASP B 112 -32.03 6.30 3.60
N MET B 113 -30.74 6.01 3.59
CA MET B 113 -30.08 5.29 4.67
C MET B 113 -30.14 6.11 5.95
N ALA B 114 -29.80 7.39 5.85
CA ALA B 114 -29.92 8.31 6.98
C ALA B 114 -31.36 8.42 7.47
N LEU B 115 -32.32 8.39 6.54
CA LEU B 115 -33.73 8.54 6.93
C LEU B 115 -34.25 7.32 7.70
N TRP B 116 -33.78 6.13 7.30
CA TRP B 116 -34.20 4.88 7.98
C TRP B 116 -33.50 4.68 9.31
N ASP B 117 -32.33 5.32 9.45
CA ASP B 117 -31.58 5.32 10.68
C ASP B 117 -32.38 6.14 11.71
N ILE B 118 -32.85 7.28 11.24
CA ILE B 118 -33.65 8.19 12.05
C ILE B 118 -34.96 7.55 12.42
N LYS B 119 -35.60 6.86 11.47
CA LYS B 119 -36.89 6.23 11.73
C LYS B 119 -36.81 5.10 12.76
N ALA B 120 -35.75 4.31 12.74
CA ALA B 120 -35.64 3.25 13.75
C ALA B 120 -35.29 3.83 15.13
N LYS B 121 -34.50 4.90 15.14
CA LYS B 121 -34.24 5.64 16.37
C LYS B 121 -35.54 6.17 16.97
N ALA B 122 -36.41 6.75 16.14
CA ALA B 122 -37.71 7.27 16.59
C ALA B 122 -38.55 6.15 17.17
N ALA B 123 -38.41 4.97 16.57
CA ALA B 123 -39.14 3.77 16.99
C ALA B 123 -38.50 3.02 18.17
N ASN B 124 -37.34 3.50 18.63
CA ASN B 124 -36.52 2.77 19.60
C ASN B 124 -36.32 1.28 19.24
N MET B 125 -35.76 1.01 18.07
CA MET B 125 -35.68 -0.35 17.55
C MET B 125 -34.46 -0.47 16.66
N PRO B 126 -33.73 -1.60 16.73
CA PRO B 126 -32.73 -1.93 15.70
C PRO B 126 -33.41 -1.85 14.35
N LEU B 127 -32.73 -1.41 13.28
CA LEU B 127 -33.45 -1.19 12.03
C LEU B 127 -34.10 -2.48 11.49
N TYR B 128 -33.49 -3.63 11.73
CA TYR B 128 -34.00 -4.87 11.13
C TYR B 128 -35.42 -5.17 11.56
N GLN B 129 -35.74 -4.73 12.78
CA GLN B 129 -37.04 -4.91 13.39
C GLN B 129 -38.12 -4.22 12.57
N LEU B 130 -37.79 -3.07 12.00
CA LEU B 130 -38.72 -2.32 11.15
C LEU B 130 -38.91 -2.93 9.78
N LEU B 131 -37.94 -3.73 9.35
CA LEU B 131 -37.96 -4.34 8.03
C LEU B 131 -38.79 -5.61 7.99
N GLY B 132 -39.16 -6.13 9.16
CA GLY B 132 -39.90 -7.39 9.23
C GLY B 132 -39.35 -8.35 10.25
N GLY B 133 -38.31 -7.93 10.97
CA GLY B 133 -37.68 -8.79 11.95
C GLY B 133 -36.72 -9.78 11.33
N ALA B 134 -36.04 -10.56 12.17
CA ALA B 134 -34.97 -11.44 11.73
C ALA B 134 -35.42 -12.72 11.05
N SER B 135 -34.79 -13.07 9.94
CA SER B 135 -35.08 -14.36 9.31
C SER B 135 -34.08 -15.42 9.76
N ARG B 136 -33.03 -14.99 10.46
CA ARG B 136 -31.92 -15.87 10.76
C ARG B 136 -31.23 -15.39 12.02
N GLU B 137 -30.39 -16.24 12.60
CA GLU B 137 -29.75 -15.90 13.86
C GLU B 137 -28.52 -15.07 13.58
N GLY B 138 -28.09 -15.02 12.33
CA GLY B 138 -26.87 -14.30 12.02
C GLY B 138 -26.59 -14.32 10.53
N VAL B 139 -25.60 -13.53 10.12
CA VAL B 139 -25.39 -13.25 8.70
C VAL B 139 -24.07 -13.82 8.17
N MET B 140 -24.11 -14.82 7.28
CA MET B 140 -22.87 -15.42 6.77
C MET B 140 -22.06 -14.41 5.97
N VAL B 141 -20.77 -14.31 6.28
CA VAL B 141 -19.87 -13.46 5.52
C VAL B 141 -18.78 -14.27 4.85
N TYR B 142 -18.31 -13.81 3.68
CA TYR B 142 -17.13 -14.38 3.05
C TYR B 142 -15.93 -13.43 3.09
N CYS B 143 -14.73 -13.99 3.19
CA CYS B 143 -13.50 -13.21 3.10
C CYS B 143 -12.87 -13.42 1.71
N HIS B 144 -11.83 -12.65 1.40
CA HIS B 144 -10.98 -12.92 0.23
C HIS B 144 -9.68 -13.56 0.68
N THR B 145 -9.11 -14.40 -0.18
CA THR B 145 -7.72 -14.83 -0.03
C THR B 145 -7.06 -14.67 -1.41
N THR B 146 -5.73 -14.45 -1.44
CA THR B 146 -4.95 -14.37 -2.70
C THR B 146 -3.53 -14.90 -2.54
N GLY B 147 -2.80 -14.91 -3.65
CA GLY B 147 -1.40 -15.29 -3.66
C GLY B 147 -0.80 -15.00 -5.02
N HIS B 148 0.53 -14.93 -5.11
CA HIS B 148 1.19 -14.80 -6.40
C HIS B 148 1.24 -16.18 -7.02
N SER B 149 1.22 -17.19 -6.16
CA SER B 149 1.32 -18.57 -6.57
C SER B 149 0.18 -19.37 -5.95
N ILE B 150 -0.09 -20.55 -6.49
CA ILE B 150 -1.12 -21.39 -5.89
C ILE B 150 -0.80 -21.73 -4.42
N ASP B 151 0.45 -22.11 -4.14
CA ASP B 151 0.85 -22.43 -2.77
C ASP B 151 0.52 -21.32 -1.78
N GLU B 152 0.89 -20.09 -2.11
CA GLU B 152 0.62 -18.90 -1.32
C GLU B 152 -0.87 -18.75 -1.01
N ALA B 153 -1.68 -18.91 -2.05
CA ALA B 153 -3.13 -18.83 -1.93
C ALA B 153 -3.69 -19.92 -1.02
N LEU B 154 -3.08 -21.11 -1.04
CA LEU B 154 -3.53 -22.19 -0.16
C LEU B 154 -3.26 -21.85 1.31
N ASP B 155 -2.13 -21.20 1.58
CA ASP B 155 -1.81 -20.78 2.95
C ASP B 155 -2.77 -19.71 3.43
N ASP B 156 -3.06 -18.73 2.55
CA ASP B 156 -4.00 -17.65 2.86
C ASP B 156 -5.35 -18.28 3.15
N TYR B 157 -5.73 -19.29 2.38
CA TYR B 157 -6.96 -20.04 2.60
C TYR B 157 -6.94 -20.68 3.99
N ALA B 158 -5.85 -21.35 4.33
CA ALA B 158 -5.73 -21.98 5.62
C ALA B 158 -5.77 -20.95 6.75
N ARG B 159 -5.20 -19.78 6.50
CA ARG B 159 -5.23 -18.74 7.52
C ARG B 159 -6.68 -18.33 7.78
N HIS B 160 -7.46 -18.13 6.73
CA HIS B 160 -8.81 -17.63 6.93
C HIS B 160 -9.76 -18.73 7.42
N GLN B 161 -9.52 -19.95 6.98
CA GLN B 161 -10.21 -21.11 7.53
C GLN B 161 -10.08 -21.20 9.06
N GLU B 162 -8.90 -20.95 9.60
CA GLU B 162 -8.76 -21.07 11.05
C GLU B 162 -9.42 -19.89 11.80
N LEU B 163 -9.73 -18.84 11.05
CA LEU B 163 -10.43 -17.68 11.58
C LEU B 163 -11.94 -17.93 11.72
N GLY B 164 -12.41 -19.03 11.15
CA GLY B 164 -13.80 -19.44 11.26
C GLY B 164 -14.68 -19.10 10.06
N PHE B 165 -14.07 -18.62 8.99
CA PHE B 165 -14.85 -18.28 7.80
C PHE B 165 -15.41 -19.54 7.13
N LYS B 166 -16.73 -19.53 6.88
CA LYS B 166 -17.40 -20.68 6.26
C LYS B 166 -17.44 -20.56 4.75
N ALA B 167 -17.23 -19.34 4.26
CA ALA B 167 -17.30 -19.09 2.84
C ALA B 167 -16.07 -18.26 2.51
N ILE B 168 -15.28 -18.68 1.53
CA ILE B 168 -14.08 -17.89 1.17
C ILE B 168 -13.87 -17.69 -0.35
N ARG B 169 -13.53 -16.46 -0.73
CA ARG B 169 -13.30 -16.11 -2.14
C ARG B 169 -11.81 -16.25 -2.33
N VAL B 170 -11.40 -16.97 -3.38
CA VAL B 170 -9.98 -17.17 -3.65
C VAL B 170 -9.57 -16.70 -5.02
N GLN B 171 -8.38 -16.10 -5.08
CA GLN B 171 -7.76 -15.71 -6.32
C GLN B 171 -6.28 -16.06 -6.21
N CYS B 172 -5.57 -15.99 -7.34
CA CYS B 172 -4.11 -15.82 -7.31
C CYS B 172 -3.51 -15.40 -8.66
N GLY B 173 -2.27 -14.92 -8.65
CA GLY B 173 -1.64 -14.42 -9.86
C GLY B 173 -1.55 -15.41 -11.02
N ILE B 174 -1.61 -14.92 -12.25
CA ILE B 174 -1.44 -15.75 -13.45
C ILE B 174 0.03 -15.74 -13.78
N PRO B 175 0.69 -16.91 -13.80
CA PRO B 175 2.15 -16.95 -14.01
C PRO B 175 2.62 -16.22 -15.26
N GLY B 176 3.59 -15.33 -15.08
CA GLY B 176 4.06 -14.48 -16.16
C GLY B 176 3.57 -13.04 -16.03
N MET B 177 2.43 -12.84 -15.35
CA MET B 177 1.70 -11.56 -15.40
C MET B 177 1.84 -10.65 -14.18
N LYS B 178 2.94 -10.74 -13.44
CA LYS B 178 3.09 -9.86 -12.27
C LYS B 178 3.37 -8.46 -12.82
N THR B 179 2.92 -7.39 -12.13
CA THR B 179 3.23 -6.02 -12.59
C THR B 179 4.72 -5.72 -12.61
N THR B 180 5.15 -4.95 -13.59
CA THR B 180 6.53 -4.50 -13.64
C THR B 180 6.68 -3.11 -13.03
N TYR B 181 5.60 -2.64 -12.39
CA TYR B 181 5.54 -1.30 -11.84
C TYR B 181 6.05 -1.30 -10.39
N GLY B 182 7.11 -0.52 -10.17
CA GLY B 182 7.86 -0.58 -8.93
C GLY B 182 7.16 -0.07 -7.70
N MET B 183 6.08 0.70 -7.91
CA MET B 183 5.37 1.32 -6.81
C MET B 183 3.99 0.72 -6.62
N SER B 184 3.74 -0.40 -7.29
CA SER B 184 2.46 -1.10 -7.14
C SER B 184 2.34 -1.62 -5.71
N LYS B 185 1.14 -1.51 -5.13
CA LYS B 185 0.89 -2.09 -3.81
C LYS B 185 0.60 -3.58 -4.02
N GLY B 186 0.57 -3.93 -5.30
CA GLY B 186 0.60 -5.29 -5.80
C GLY B 186 -0.24 -6.33 -5.12
N LYS B 187 0.46 -7.13 -4.32
CA LYS B 187 -0.10 -8.31 -3.71
C LYS B 187 -1.12 -7.89 -2.69
N GLY B 188 -1.09 -6.60 -2.33
CA GLY B 188 -2.13 -5.97 -1.54
C GLY B 188 -3.30 -5.80 -2.48
N LEU B 189 -3.69 -4.55 -2.76
CA LEU B 189 -4.48 -4.22 -3.95
C LEU B 189 -5.79 -5.00 -4.09
N ALA B 190 -5.78 -6.28 -3.76
CA ALA B 190 -7.03 -7.03 -3.76
C ALA B 190 -7.90 -6.48 -2.63
N TYR B 191 -7.30 -5.81 -1.66
CA TYR B 191 -8.06 -5.17 -0.58
C TYR B 191 -8.37 -3.71 -0.86
N GLU B 192 -7.38 -2.99 -1.38
CA GLU B 192 -7.53 -1.57 -1.60
C GLU B 192 -7.06 -1.23 -3.00
N PRO B 193 -7.93 -1.46 -4.00
CA PRO B 193 -7.48 -1.32 -5.38
C PRO B 193 -7.32 0.13 -5.78
N ALA B 194 -8.01 1.04 -5.11
CA ALA B 194 -7.90 2.45 -5.41
C ALA B 194 -6.57 3.00 -4.88
N THR B 195 -5.73 3.48 -5.79
CA THR B 195 -4.39 3.85 -5.43
C THR B 195 -4.21 5.37 -5.34
N LYS B 196 -3.69 5.84 -4.21
CA LYS B 196 -3.52 7.29 -3.98
C LYS B 196 -2.71 7.90 -5.11
N GLY B 197 -3.17 9.04 -5.62
CA GLY B 197 -2.51 9.64 -6.76
C GLY B 197 -3.48 10.34 -7.71
N GLN B 198 -3.03 10.50 -8.95
CA GLN B 198 -3.68 11.33 -9.94
C GLN B 198 -4.23 10.47 -11.08
N TRP B 199 -3.46 9.49 -11.50
CA TRP B 199 -3.79 8.66 -12.64
C TRP B 199 -4.02 7.23 -12.15
N PRO B 200 -4.89 6.47 -12.81
CA PRO B 200 -5.10 5.06 -12.50
C PRO B 200 -3.88 4.18 -12.82
N GLU B 201 -3.67 3.15 -12.01
CA GLU B 201 -2.64 2.19 -12.35
C GLU B 201 -3.14 1.38 -13.54
N GLU B 202 -2.25 1.06 -14.45
CA GLU B 202 -2.64 0.36 -15.67
C GLU B 202 -2.21 -1.09 -15.60
N GLN B 203 -3.16 -2.03 -15.67
CA GLN B 203 -2.80 -3.45 -15.63
C GLN B 203 -2.93 -4.14 -16.99
N LEU B 204 -2.02 -5.05 -17.29
CA LEU B 204 -2.12 -5.84 -18.53
C LEU B 204 -2.94 -7.10 -18.31
N TRP B 205 -3.93 -7.31 -19.18
CA TRP B 205 -4.78 -8.50 -19.08
C TRP B 205 -4.65 -9.44 -20.29
N SER B 206 -4.56 -10.75 -20.01
CA SER B 206 -4.65 -11.82 -21.00
C SER B 206 -5.77 -12.78 -20.58
N THR B 207 -6.84 -12.81 -21.34
CA THR B 207 -7.91 -13.73 -21.03
C THR B 207 -7.46 -15.17 -21.22
N GLU B 208 -6.73 -15.42 -22.31
CA GLU B 208 -6.28 -16.77 -22.67
C GLU B 208 -5.45 -17.44 -21.57
N LYS B 209 -4.56 -16.69 -20.94
CA LYS B 209 -3.77 -17.28 -19.86
C LYS B 209 -4.63 -17.54 -18.63
N TYR B 210 -5.63 -16.69 -18.40
CA TYR B 210 -6.60 -16.90 -17.31
C TYR B 210 -7.37 -18.20 -17.50
N LEU B 211 -7.93 -18.39 -18.70
CA LEU B 211 -8.67 -19.61 -19.04
C LEU B 211 -7.86 -20.90 -18.80
N ASP B 212 -6.57 -20.87 -19.13
CA ASP B 212 -5.76 -22.08 -19.00
C ASP B 212 -5.30 -22.34 -17.56
N PHE B 213 -5.22 -21.29 -16.75
CA PHE B 213 -4.56 -21.40 -15.46
C PHE B 213 -5.51 -21.51 -14.28
N MET B 214 -6.41 -20.55 -14.17
CA MET B 214 -7.27 -20.43 -12.97
C MET B 214 -8.02 -21.68 -12.49
N PRO B 215 -8.54 -22.54 -13.40
CA PRO B 215 -9.19 -23.73 -12.84
C PRO B 215 -8.23 -24.54 -11.96
N LYS B 216 -6.92 -24.44 -12.20
CA LYS B 216 -5.95 -25.20 -11.38
C LYS B 216 -5.90 -24.76 -9.93
N LEU B 217 -6.35 -23.53 -9.67
CA LEU B 217 -6.33 -22.95 -8.33
C LEU B 217 -7.41 -23.66 -7.53
N PHE B 218 -8.60 -23.68 -8.09
CA PHE B 218 -9.73 -24.36 -7.45
C PHE B 218 -9.48 -25.85 -7.27
N ASP B 219 -8.81 -26.46 -8.25
CA ASP B 219 -8.47 -27.88 -8.12
C ASP B 219 -7.64 -28.11 -6.87
N ALA B 220 -6.63 -27.27 -6.68
CA ALA B 220 -5.65 -27.46 -5.63
C ALA B 220 -6.29 -27.20 -4.26
N VAL B 221 -7.09 -26.13 -4.18
CA VAL B 221 -7.86 -25.84 -2.98
C VAL B 221 -8.74 -27.02 -2.55
N ARG B 222 -9.62 -27.48 -3.44
CA ARG B 222 -10.50 -28.61 -3.13
C ARG B 222 -9.70 -29.87 -2.77
N ASN B 223 -8.57 -30.07 -3.44
CA ASN B 223 -7.72 -31.23 -3.15
C ASN B 223 -7.13 -31.18 -1.72
N LYS B 224 -6.64 -30.02 -1.28
CA LYS B 224 -5.99 -29.93 0.02
C LYS B 224 -7.03 -29.79 1.14
N PHE B 225 -7.98 -28.89 0.92
CA PHE B 225 -9.09 -28.63 1.80
C PHE B 225 -10.28 -29.01 0.98
N GLY B 226 -10.91 -30.13 1.30
CA GLY B 226 -12.02 -30.59 0.51
C GLY B 226 -13.15 -29.61 0.35
N PHE B 227 -14.37 -30.10 0.48
CA PHE B 227 -15.50 -29.24 0.25
C PHE B 227 -15.87 -28.58 1.61
N ASP B 228 -17.07 -28.67 2.16
CA ASP B 228 -17.27 -28.09 3.54
C ASP B 228 -17.12 -26.57 3.72
N GLU B 229 -16.38 -25.93 2.83
CA GLU B 229 -16.25 -24.48 2.80
C GLU B 229 -16.98 -24.06 1.55
N HIS B 230 -17.71 -22.95 1.57
CA HIS B 230 -18.27 -22.40 0.34
C HIS B 230 -17.15 -21.68 -0.40
N LEU B 231 -17.01 -21.95 -1.70
CA LEU B 231 -15.86 -21.48 -2.49
C LEU B 231 -16.30 -20.48 -3.57
N LEU B 232 -15.78 -19.25 -3.49
CA LEU B 232 -16.20 -18.11 -4.32
C LEU B 232 -15.07 -17.65 -5.22
N HIS B 233 -15.41 -17.05 -6.36
CA HIS B 233 -14.37 -16.48 -7.23
C HIS B 233 -14.87 -15.35 -8.13
N ASP B 234 -14.05 -14.30 -8.19
CA ASP B 234 -14.39 -13.06 -8.88
C ASP B 234 -13.69 -13.03 -10.24
N MET B 235 -14.47 -12.91 -11.31
CA MET B 235 -13.93 -12.86 -12.67
C MET B 235 -13.68 -11.43 -13.18
N HIS B 236 -14.10 -10.43 -12.41
CA HIS B 236 -13.74 -9.04 -12.70
C HIS B 236 -14.07 -8.54 -14.11
N HIS B 237 -15.19 -8.98 -14.66
CA HIS B 237 -15.72 -8.46 -15.93
C HIS B 237 -14.89 -8.74 -17.19
N ARG B 238 -13.89 -9.62 -17.10
CA ARG B 238 -12.85 -9.71 -18.14
C ARG B 238 -13.18 -10.49 -19.42
N LEU B 239 -14.09 -11.45 -19.30
CA LEU B 239 -14.37 -12.39 -20.38
C LEU B 239 -15.59 -11.98 -21.17
N THR B 240 -15.73 -12.57 -22.36
CA THR B 240 -16.92 -12.45 -23.18
C THR B 240 -17.88 -13.58 -22.80
N PRO B 241 -19.15 -13.51 -23.25
CA PRO B 241 -20.09 -14.58 -22.86
C PRO B 241 -19.58 -16.01 -23.14
N ILE B 242 -19.16 -16.31 -24.37
CA ILE B 242 -18.68 -17.65 -24.68
C ILE B 242 -17.40 -18.04 -23.89
N GLU B 243 -16.54 -17.07 -23.58
CA GLU B 243 -15.38 -17.34 -22.72
C GLU B 243 -15.85 -17.72 -21.31
N ALA B 244 -16.70 -16.89 -20.72
CA ALA B 244 -17.29 -17.15 -19.39
C ALA B 244 -17.99 -18.51 -19.38
N ALA B 245 -18.73 -18.79 -20.45
CA ALA B 245 -19.39 -20.10 -20.60
C ALA B 245 -18.40 -21.25 -20.46
N ARG B 246 -17.33 -21.22 -21.24
CA ARG B 246 -16.28 -22.23 -21.17
C ARG B 246 -15.67 -22.32 -19.77
N PHE B 247 -15.36 -21.17 -19.21
CA PHE B 247 -14.73 -21.14 -17.89
C PHE B 247 -15.61 -21.77 -16.81
N GLY B 248 -16.90 -21.46 -16.86
CA GLY B 248 -17.85 -22.02 -15.91
C GLY B 248 -17.87 -23.53 -16.03
N LYS B 249 -17.96 -24.02 -17.27
CA LYS B 249 -17.87 -25.44 -17.54
C LYS B 249 -16.62 -26.04 -16.91
N SER B 250 -15.49 -25.36 -17.07
CA SER B 250 -14.22 -25.94 -16.70
C SER B 250 -14.04 -25.97 -15.18
N ILE B 251 -14.91 -25.28 -14.44
CA ILE B 251 -14.82 -25.31 -12.98
C ILE B 251 -15.98 -26.05 -12.28
N GLU B 252 -16.82 -26.73 -13.06
CA GLU B 252 -17.97 -27.43 -12.49
C GLU B 252 -17.62 -28.48 -11.44
N ASP B 253 -16.55 -29.23 -11.66
CA ASP B 253 -16.06 -30.24 -10.69
C ASP B 253 -15.84 -29.71 -9.27
N TYR B 254 -15.63 -28.41 -9.14
CA TYR B 254 -15.20 -27.83 -7.87
C TYR B 254 -16.37 -27.25 -7.09
N ARG B 255 -17.56 -27.31 -7.70
CA ARG B 255 -18.81 -26.83 -7.11
C ARG B 255 -18.66 -25.45 -6.47
N MET B 256 -18.29 -24.45 -7.27
CA MET B 256 -18.15 -23.10 -6.75
C MET B 256 -19.49 -22.64 -6.17
N PHE B 257 -19.42 -21.91 -5.07
CA PHE B 257 -20.62 -21.28 -4.52
C PHE B 257 -21.10 -20.25 -5.55
N TRP B 258 -20.14 -19.60 -6.19
CA TRP B 258 -20.44 -18.72 -7.32
C TRP B 258 -19.22 -18.37 -8.14
N MET B 259 -19.45 -18.01 -9.39
CA MET B 259 -18.46 -17.35 -10.21
C MET B 259 -19.00 -15.95 -10.51
N GLU B 260 -18.15 -14.93 -10.33
CA GLU B 260 -18.66 -13.57 -10.15
C GLU B 260 -18.19 -12.58 -11.20
N ASP B 261 -19.08 -11.66 -11.58
CA ASP B 261 -18.84 -10.68 -12.64
C ASP B 261 -18.12 -11.26 -13.88
N PRO B 262 -18.76 -12.25 -14.53
CA PRO B 262 -18.24 -13.01 -15.68
C PRO B 262 -17.88 -12.16 -16.88
N THR B 263 -18.77 -11.25 -17.25
CA THR B 263 -18.68 -10.50 -18.50
C THR B 263 -19.39 -9.17 -18.23
N PRO B 264 -19.02 -8.09 -18.95
CA PRO B 264 -19.74 -6.81 -18.82
C PRO B 264 -21.24 -7.03 -18.92
N ALA B 265 -22.02 -6.37 -18.09
CA ALA B 265 -23.44 -6.64 -18.07
C ALA B 265 -24.36 -5.49 -18.49
N GLU B 266 -23.86 -4.52 -19.24
CA GLU B 266 -24.72 -3.42 -19.66
C GLU B 266 -25.83 -4.00 -20.52
N ASN B 267 -25.43 -4.91 -21.41
CA ASN B 267 -26.31 -5.73 -22.20
C ASN B 267 -26.59 -6.99 -21.39
N GLN B 268 -27.73 -7.00 -20.70
CA GLN B 268 -28.11 -8.10 -19.86
C GLN B 268 -28.30 -9.40 -20.64
N GLU B 269 -28.63 -9.28 -21.93
CA GLU B 269 -28.75 -10.45 -22.78
C GLU B 269 -27.43 -11.23 -22.87
N CYS B 270 -26.29 -10.55 -22.65
CA CYS B 270 -25.00 -11.25 -22.73
C CYS B 270 -24.82 -12.38 -21.68
N PHE B 271 -25.70 -12.45 -20.68
CA PHE B 271 -25.53 -13.51 -19.67
C PHE B 271 -26.14 -14.83 -20.15
N ARG B 272 -26.89 -14.76 -21.26
CA ARG B 272 -27.62 -15.90 -21.79
C ARG B 272 -26.71 -17.03 -22.22
N LEU B 273 -25.68 -16.72 -23.02
CA LEU B 273 -24.75 -17.74 -23.50
C LEU B 273 -24.07 -18.44 -22.33
N ILE B 274 -23.83 -17.68 -21.26
CA ILE B 274 -23.25 -18.26 -20.06
C ILE B 274 -24.19 -19.30 -19.44
N ARG B 275 -25.44 -18.89 -19.19
CA ARG B 275 -26.43 -19.75 -18.54
C ARG B 275 -26.78 -21.01 -19.35
N GLN B 276 -26.72 -20.91 -20.67
CA GLN B 276 -27.03 -22.04 -21.54
C GLN B 276 -26.01 -23.19 -21.40
N HIS B 277 -24.80 -22.86 -20.96
CA HIS B 277 -23.69 -23.79 -21.14
C HIS B 277 -23.08 -24.37 -19.86
N THR B 278 -23.36 -23.75 -18.71
CA THR B 278 -22.75 -24.19 -17.45
C THR B 278 -23.76 -24.23 -16.32
N VAL B 279 -23.50 -25.10 -15.34
CA VAL B 279 -24.29 -25.11 -14.10
C VAL B 279 -23.51 -24.48 -12.93
N THR B 280 -22.33 -23.92 -13.20
CA THR B 280 -21.65 -23.09 -12.19
C THR B 280 -22.49 -21.83 -11.84
N PRO B 281 -22.79 -21.61 -10.54
CA PRO B 281 -23.60 -20.48 -10.07
C PRO B 281 -23.02 -19.10 -10.42
N ILE B 282 -23.91 -18.15 -10.70
CA ILE B 282 -23.51 -16.87 -11.25
C ILE B 282 -23.93 -15.70 -10.39
N ALA B 283 -22.96 -14.85 -10.07
CA ALA B 283 -23.24 -13.69 -9.25
C ALA B 283 -22.83 -12.46 -10.03
N VAL B 284 -23.56 -11.37 -9.82
CA VAL B 284 -23.21 -10.10 -10.42
C VAL B 284 -23.94 -8.96 -9.69
N GLY B 285 -23.40 -7.74 -9.77
CA GLY B 285 -24.20 -6.59 -9.41
C GLY B 285 -23.56 -5.48 -8.61
N GLU B 286 -22.28 -5.68 -8.29
CA GLU B 286 -21.43 -4.67 -7.67
C GLU B 286 -21.65 -3.27 -8.21
N VAL B 287 -21.64 -3.17 -9.53
CA VAL B 287 -21.58 -1.89 -10.23
C VAL B 287 -22.94 -1.35 -10.60
N PHE B 288 -23.99 -2.03 -10.16
CA PHE B 288 -25.35 -1.65 -10.51
C PHE B 288 -25.86 -0.54 -9.57
N ASN B 289 -26.69 0.36 -10.07
CA ASN B 289 -27.33 1.36 -9.21
C ASN B 289 -28.87 1.27 -9.22
N SER B 290 -29.42 0.30 -9.94
CA SER B 290 -30.87 0.29 -10.13
C SER B 290 -31.45 -1.08 -10.49
N ILE B 291 -32.72 -1.28 -10.19
CA ILE B 291 -33.39 -2.50 -10.60
C ILE B 291 -33.38 -2.62 -12.13
N TRP B 292 -33.33 -1.48 -12.82
CA TRP B 292 -33.26 -1.49 -14.28
C TRP B 292 -31.94 -2.02 -14.82
N ASP B 293 -30.91 -2.02 -13.98
CA ASP B 293 -29.65 -2.67 -14.31
C ASP B 293 -29.72 -4.20 -14.26
N CYS B 294 -30.71 -4.77 -13.56
CA CYS B 294 -30.72 -6.22 -13.36
C CYS B 294 -32.05 -6.94 -13.57
N LYS B 295 -33.09 -6.19 -13.93
CA LYS B 295 -34.41 -6.75 -14.16
C LYS B 295 -34.40 -7.94 -15.11
N GLN B 296 -33.77 -7.78 -16.26
CA GLN B 296 -33.79 -8.82 -17.29
C GLN B 296 -32.96 -10.02 -16.82
N LEU B 297 -31.82 -9.75 -16.18
CA LEU B 297 -30.93 -10.80 -15.68
C LEU B 297 -31.64 -11.71 -14.68
N ILE B 298 -32.47 -11.12 -13.82
CA ILE B 298 -33.21 -11.86 -12.79
C ILE B 298 -34.43 -12.58 -13.37
N GLU B 299 -35.23 -11.89 -14.13
CA GLU B 299 -36.47 -12.42 -14.63
C GLU B 299 -36.27 -13.58 -15.58
N GLU B 300 -35.15 -13.52 -16.27
CA GLU B 300 -34.69 -14.55 -17.13
C GLU B 300 -33.85 -15.67 -16.40
N GLN B 301 -33.64 -15.53 -15.12
CA GLN B 301 -32.88 -16.48 -14.33
C GLN B 301 -31.50 -16.72 -14.92
N LEU B 302 -30.79 -15.61 -15.18
CA LEU B 302 -29.43 -15.68 -15.70
C LEU B 302 -28.41 -15.63 -14.59
N ILE B 303 -28.86 -15.24 -13.39
CA ILE B 303 -27.99 -15.20 -12.22
C ILE B 303 -28.61 -15.90 -10.98
N ASP B 304 -27.75 -16.21 -10.02
CA ASP B 304 -28.19 -16.84 -8.77
C ASP B 304 -28.06 -15.89 -7.60
N TYR B 305 -27.15 -14.94 -7.72
CA TYR B 305 -26.88 -13.98 -6.63
C TYR B 305 -26.80 -12.55 -7.14
N ILE B 306 -27.52 -11.65 -6.48
CA ILE B 306 -27.55 -10.26 -6.92
C ILE B 306 -26.75 -9.38 -5.94
N ARG B 307 -25.63 -8.84 -6.42
CA ARG B 307 -24.66 -8.19 -5.52
C ARG B 307 -24.81 -6.67 -5.32
N THR B 308 -25.99 -6.12 -5.61
CA THR B 308 -26.23 -4.70 -5.48
C THR B 308 -26.12 -4.31 -4.01
N THR B 309 -25.88 -3.02 -3.77
CA THR B 309 -25.56 -2.53 -2.41
C THR B 309 -26.43 -1.35 -1.96
N LEU B 310 -26.62 -1.24 -0.65
CA LEU B 310 -27.39 -0.15 -0.07
C LEU B 310 -26.88 1.24 -0.52
N THR B 311 -25.58 1.48 -0.42
CA THR B 311 -24.99 2.76 -0.84
C THR B 311 -25.13 3.09 -2.33
N HIS B 312 -25.00 2.08 -3.20
CA HIS B 312 -25.00 2.37 -4.63
C HIS B 312 -26.32 2.06 -5.35
N ALA B 313 -27.17 1.27 -4.72
CA ALA B 313 -28.37 0.77 -5.39
C ALA B 313 -29.69 1.21 -4.79
N GLY B 314 -29.69 2.32 -4.04
CA GLY B 314 -30.93 2.94 -3.67
C GLY B 314 -31.32 2.85 -2.21
N GLY B 315 -30.36 2.55 -1.34
CA GLY B 315 -30.60 2.45 0.09
C GLY B 315 -31.56 1.33 0.50
N ILE B 316 -32.04 1.38 1.75
CA ILE B 316 -33.03 0.43 2.23
C ILE B 316 -34.26 0.32 1.31
N THR B 317 -34.80 1.48 0.92
CA THR B 317 -36.05 1.54 0.15
C THR B 317 -35.93 0.89 -1.22
N GLY B 318 -34.86 1.21 -1.93
CA GLY B 318 -34.70 0.74 -3.29
C GLY B 318 -34.22 -0.68 -3.28
N MET B 319 -33.50 -1.06 -2.23
CA MET B 319 -32.85 -2.37 -2.21
C MET B 319 -33.78 -3.48 -1.70
N ARG B 320 -34.77 -3.12 -0.87
CA ARG B 320 -35.83 -4.05 -0.49
C ARG B 320 -36.61 -4.49 -1.75
N ARG B 321 -36.84 -3.54 -2.65
CA ARG B 321 -37.52 -3.84 -3.92
C ARG B 321 -36.75 -4.80 -4.83
N ILE B 322 -35.46 -4.54 -5.02
CA ILE B 322 -34.59 -5.41 -5.80
C ILE B 322 -34.61 -6.83 -5.23
N ALA B 323 -34.38 -6.95 -3.93
CA ALA B 323 -34.34 -8.25 -3.26
C ALA B 323 -35.67 -9.01 -3.35
N ASP B 324 -36.77 -8.30 -3.12
CA ASP B 324 -38.08 -8.94 -3.19
C ASP B 324 -38.35 -9.44 -4.63
N PHE B 325 -38.01 -8.63 -5.62
CA PHE B 325 -38.16 -9.03 -7.03
C PHE B 325 -37.33 -10.26 -7.29
N ALA B 326 -36.08 -10.22 -6.85
CA ALA B 326 -35.20 -11.35 -7.06
C ALA B 326 -35.79 -12.64 -6.51
N SER B 327 -36.41 -12.54 -5.33
CA SER B 327 -36.88 -13.72 -4.61
C SER B 327 -37.85 -14.55 -5.44
N LEU B 328 -38.59 -13.88 -6.32
CA LEU B 328 -39.64 -14.51 -7.13
C LEU B 328 -39.02 -15.50 -8.10
N TYR B 329 -37.73 -15.29 -8.36
CA TYR B 329 -36.98 -16.11 -9.30
C TYR B 329 -35.97 -17.03 -8.59
N GLN B 330 -36.08 -17.10 -7.26
CA GLN B 330 -35.18 -17.88 -6.39
C GLN B 330 -33.74 -17.37 -6.46
N VAL B 331 -33.61 -16.10 -6.79
CA VAL B 331 -32.35 -15.40 -6.75
C VAL B 331 -32.10 -14.86 -5.33
N ARG B 332 -30.91 -15.15 -4.79
CA ARG B 332 -30.52 -14.71 -3.44
C ARG B 332 -29.60 -13.46 -3.46
N THR B 333 -29.48 -12.77 -2.32
CA THR B 333 -28.68 -11.54 -2.22
C THR B 333 -27.23 -11.87 -1.86
N GLY B 334 -26.28 -11.20 -2.48
CA GLY B 334 -24.88 -11.44 -2.16
C GLY B 334 -24.11 -10.14 -2.15
N SER B 335 -24.59 -9.24 -1.32
CA SER B 335 -24.12 -7.86 -1.29
C SER B 335 -22.58 -7.70 -1.28
N HIS B 336 -22.13 -6.88 -2.20
CA HIS B 336 -20.75 -6.40 -2.28
C HIS B 336 -20.38 -5.61 -1.01
N GLY B 337 -19.21 -5.88 -0.44
CA GLY B 337 -18.83 -5.22 0.78
C GLY B 337 -17.35 -4.96 0.89
N PRO B 338 -16.83 -4.06 0.05
CA PRO B 338 -15.40 -3.81 0.01
C PRO B 338 -15.02 -2.72 1.01
N SER B 339 -13.76 -2.29 1.00
CA SER B 339 -13.31 -1.16 1.83
C SER B 339 -14.03 0.13 1.51
N ASP B 340 -14.52 0.24 0.28
CA ASP B 340 -15.04 1.51 -0.22
C ASP B 340 -16.53 1.73 0.04
N LEU B 341 -17.15 0.79 0.73
CA LEU B 341 -18.39 1.10 1.42
C LEU B 341 -18.05 1.38 2.90
N SER B 342 -18.59 2.46 3.47
CA SER B 342 -18.21 2.87 4.82
C SER B 342 -18.86 1.95 5.86
N PRO B 343 -18.34 1.94 7.10
CA PRO B 343 -18.96 1.15 8.17
C PRO B 343 -20.45 1.48 8.41
N VAL B 344 -20.91 2.63 7.94
CA VAL B 344 -22.34 2.98 8.01
C VAL B 344 -23.11 2.06 7.06
N CYS B 345 -22.63 1.95 5.83
CA CYS B 345 -23.26 1.03 4.88
C CYS B 345 -23.14 -0.43 5.36
N MET B 346 -22.08 -0.75 6.10
CA MET B 346 -21.88 -2.13 6.60
C MET B 346 -22.89 -2.46 7.68
N ALA B 347 -23.04 -1.55 8.64
CA ALA B 347 -24.01 -1.70 9.70
C ALA B 347 -25.40 -1.76 9.12
N ALA B 348 -25.63 -0.97 8.09
CA ALA B 348 -26.94 -0.99 7.43
C ALA B 348 -27.16 -2.31 6.70
N ALA B 349 -26.12 -2.82 6.03
CA ALA B 349 -26.27 -4.06 5.27
C ALA B 349 -26.61 -5.25 6.19
N LEU B 350 -26.04 -5.24 7.40
CA LEU B 350 -26.24 -6.32 8.36
C LEU B 350 -27.68 -6.37 8.90
N HIS B 351 -28.29 -5.19 9.07
CA HIS B 351 -29.72 -5.13 9.36
C HIS B 351 -30.57 -5.67 8.21
N PHE B 352 -30.30 -5.23 6.98
CA PHE B 352 -30.95 -5.78 5.78
C PHE B 352 -30.75 -7.30 5.65
N ASP B 353 -29.51 -7.74 5.84
CA ASP B 353 -29.16 -9.15 5.67
C ASP B 353 -29.89 -10.02 6.71
N LEU B 354 -30.00 -9.50 7.93
CA LEU B 354 -30.58 -10.28 9.01
C LEU B 354 -32.07 -10.48 8.75
N TRP B 355 -32.69 -9.53 8.07
CA TRP B 355 -34.11 -9.66 7.76
C TRP B 355 -34.38 -10.39 6.47
N VAL B 356 -33.68 -10.03 5.41
CA VAL B 356 -34.07 -10.43 4.05
C VAL B 356 -34.26 -11.96 3.89
N PRO B 357 -35.43 -12.37 3.36
CA PRO B 357 -35.68 -13.80 3.40
C PRO B 357 -34.78 -14.55 2.43
N ASN B 358 -34.62 -14.04 1.21
CA ASN B 358 -33.79 -14.69 0.19
C ASN B 358 -32.29 -14.32 0.29
N PHE B 359 -31.80 -14.15 1.51
CA PHE B 359 -30.37 -13.86 1.73
C PHE B 359 -29.46 -14.99 1.28
N GLY B 360 -28.35 -14.66 0.62
CA GLY B 360 -27.37 -15.66 0.22
C GLY B 360 -26.06 -15.63 1.03
N VAL B 361 -25.33 -14.52 0.90
CA VAL B 361 -24.09 -14.31 1.65
C VAL B 361 -23.83 -12.80 1.71
N GLN B 362 -22.97 -12.38 2.63
CA GLN B 362 -22.54 -10.98 2.67
C GLN B 362 -21.03 -10.95 2.50
N GLU B 363 -20.56 -10.01 1.70
CA GLU B 363 -19.13 -9.84 1.51
C GLU B 363 -18.65 -8.99 2.68
N TYR B 364 -17.53 -9.38 3.26
CA TYR B 364 -16.93 -8.59 4.31
C TYR B 364 -15.45 -8.37 4.14
N MET B 365 -15.15 -7.29 3.44
CA MET B 365 -13.78 -6.86 3.42
C MET B 365 -13.51 -6.19 4.75
N GLY B 366 -12.29 -6.30 5.27
CA GLY B 366 -12.05 -5.75 6.60
C GLY B 366 -12.12 -4.25 6.54
N TYR B 367 -12.16 -3.61 7.71
CA TYR B 367 -11.80 -2.21 7.77
C TYR B 367 -10.55 -2.15 8.65
N SER B 368 -9.63 -1.26 8.31
CA SER B 368 -8.46 -1.09 9.17
C SER B 368 -8.95 -0.52 10.48
N GLU B 369 -8.11 -0.53 11.50
CA GLU B 369 -8.51 0.02 12.78
C GLU B 369 -8.73 1.51 12.61
N GLN B 370 -7.81 2.12 11.87
CA GLN B 370 -7.86 3.54 11.56
C GLN B 370 -9.23 3.93 11.03
N MET B 371 -9.76 3.14 10.07
CA MET B 371 -11.05 3.40 9.43
C MET B 371 -12.19 3.30 10.45
N LEU B 372 -12.17 2.26 11.28
CA LEU B 372 -13.23 1.98 12.26
C LEU B 372 -13.33 2.94 13.47
N GLU B 373 -12.21 3.47 13.92
CA GLU B 373 -12.26 4.38 15.05
C GLU B 373 -12.93 5.73 14.63
N VAL B 374 -13.06 5.97 13.33
CA VAL B 374 -13.92 7.07 12.84
C VAL B 374 -15.42 6.72 12.93
N PHE B 375 -15.74 5.42 12.89
CA PHE B 375 -17.13 4.99 12.89
C PHE B 375 -17.37 3.99 14.01
N PRO B 376 -17.51 4.49 15.26
CA PRO B 376 -17.78 3.61 16.39
C PRO B 376 -19.01 2.75 16.08
N HIS B 377 -18.86 1.44 16.25
CA HIS B 377 -19.86 0.51 15.74
C HIS B 377 -20.25 -0.46 16.83
N ASN B 378 -21.19 -1.36 16.51
CA ASN B 378 -21.64 -2.35 17.49
C ASN B 378 -22.03 -3.72 16.92
N TRP B 379 -21.79 -3.94 15.63
CA TRP B 379 -21.98 -5.29 15.10
C TRP B 379 -20.97 -6.22 15.74
N THR B 380 -21.20 -7.53 15.63
CA THR B 380 -20.26 -8.52 16.12
C THR B 380 -20.01 -9.61 15.09
N PHE B 381 -18.95 -10.40 15.31
CA PHE B 381 -18.63 -11.55 14.46
C PHE B 381 -18.37 -12.76 15.35
N ASP B 382 -18.97 -13.91 15.00
CA ASP B 382 -18.76 -15.15 15.74
C ASP B 382 -18.84 -16.31 14.76
N ASN B 383 -17.73 -17.02 14.63
CA ASN B 383 -17.61 -18.22 13.81
C ASN B 383 -18.15 -18.15 12.39
N GLY B 384 -17.88 -17.04 11.72
CA GLY B 384 -18.27 -16.85 10.35
C GLY B 384 -19.61 -16.16 10.17
N TYR B 385 -20.28 -15.78 11.25
CA TYR B 385 -21.54 -15.07 11.12
C TYR B 385 -21.49 -13.70 11.78
N MET B 386 -22.01 -12.68 11.08
CA MET B 386 -22.13 -11.36 11.68
C MET B 386 -23.57 -11.06 12.09
N HIS B 387 -23.70 -10.05 12.96
CA HIS B 387 -24.98 -9.63 13.52
C HIS B 387 -24.81 -8.17 13.87
N PRO B 388 -25.80 -7.33 13.53
CA PRO B 388 -25.63 -5.89 13.72
C PRO B 388 -25.88 -5.49 15.18
N GLY B 389 -25.96 -4.20 15.45
CA GLY B 389 -26.38 -3.75 16.77
C GLY B 389 -27.71 -4.36 17.27
N GLU B 390 -27.94 -4.32 18.58
CA GLU B 390 -29.31 -4.42 19.09
C GLU B 390 -29.62 -3.01 19.58
N LYS B 391 -28.80 -2.09 19.09
CA LYS B 391 -28.95 -0.65 19.27
C LYS B 391 -30.03 -0.15 18.32
N PRO B 392 -30.76 0.90 18.73
CA PRO B 392 -31.76 1.51 17.86
C PRO B 392 -31.13 2.27 16.70
N GLY B 393 -31.86 2.39 15.59
CA GLY B 393 -31.25 2.82 14.34
C GLY B 393 -30.32 1.79 13.73
N LEU B 394 -29.26 2.27 13.09
CA LEU B 394 -28.30 1.39 12.43
C LEU B 394 -27.33 0.81 13.44
N GLY B 395 -27.12 1.55 14.53
CA GLY B 395 -26.12 1.16 15.51
C GLY B 395 -24.71 1.64 15.21
N ILE B 396 -24.61 2.78 14.52
CA ILE B 396 -23.33 3.27 14.00
C ILE B 396 -23.18 4.77 14.33
N GLU B 397 -21.96 5.20 14.65
CA GLU B 397 -21.69 6.64 14.76
C GLU B 397 -20.68 7.14 13.74
N PHE B 398 -20.40 8.44 13.82
CA PHE B 398 -19.43 9.15 12.99
C PHE B 398 -18.72 10.20 13.84
N ASP B 399 -17.48 9.92 14.21
CA ASP B 399 -16.70 10.83 15.05
C ASP B 399 -16.20 12.00 14.20
N GLU B 400 -16.97 13.10 14.17
CA GLU B 400 -16.62 14.27 13.35
C GLU B 400 -15.29 14.94 13.70
N LYS B 401 -14.85 14.79 14.94
CA LYS B 401 -13.60 15.44 15.35
C LYS B 401 -12.42 14.67 14.79
N LEU B 402 -12.51 13.34 14.81
CA LEU B 402 -11.45 12.53 14.22
C LEU B 402 -11.58 12.50 12.70
N ALA B 403 -12.79 12.56 12.18
CA ALA B 403 -12.96 12.66 10.74
C ALA B 403 -12.25 13.91 10.19
N ALA B 404 -12.38 15.02 10.92
CA ALA B 404 -11.78 16.31 10.54
C ALA B 404 -10.24 16.27 10.41
N LYS B 405 -9.64 15.26 11.02
CA LYS B 405 -8.20 15.08 10.98
C LYS B 405 -7.70 14.53 9.63
N TYR B 406 -8.60 13.98 8.84
CA TYR B 406 -8.22 13.29 7.60
C TYR B 406 -8.86 13.91 6.36
N PRO B 407 -8.24 14.97 5.82
CA PRO B 407 -8.89 15.54 4.64
C PRO B 407 -8.82 14.58 3.45
N TYR B 408 -9.68 14.79 2.47
CA TYR B 408 -9.73 14.03 1.22
C TYR B 408 -8.36 13.88 0.53
N GLU B 409 -8.02 12.64 0.15
CA GLU B 409 -6.88 12.37 -0.72
C GLU B 409 -7.32 11.67 -2.01
N PRO B 410 -6.90 12.19 -3.19
CA PRO B 410 -7.24 11.58 -4.48
C PRO B 410 -6.74 10.15 -4.61
N ALA B 411 -7.61 9.25 -5.09
CA ALA B 411 -7.22 7.86 -5.27
C ALA B 411 -8.15 7.19 -6.28
N TYR B 412 -7.57 6.37 -7.15
CA TYR B 412 -8.30 5.94 -8.32
C TYR B 412 -8.22 4.44 -8.60
N LEU B 413 -9.29 3.90 -9.18
CA LEU B 413 -9.31 2.47 -9.50
C LEU B 413 -8.43 2.19 -10.72
N PRO B 414 -7.82 1.00 -10.78
CA PRO B 414 -7.03 0.69 -11.97
C PRO B 414 -7.86 0.70 -13.25
N VAL B 415 -7.17 0.70 -14.38
CA VAL B 415 -7.77 0.29 -15.64
C VAL B 415 -6.99 -0.92 -16.15
N ALA B 416 -7.62 -1.70 -17.01
CA ALA B 416 -6.92 -2.82 -17.61
C ALA B 416 -6.75 -2.55 -19.11
N ARG B 417 -5.60 -2.93 -19.64
CA ARG B 417 -5.39 -2.91 -21.08
C ARG B 417 -4.96 -4.30 -21.51
N LEU B 418 -5.42 -4.73 -22.67
CA LEU B 418 -4.95 -5.99 -23.25
C LEU B 418 -3.50 -5.84 -23.75
N GLU B 419 -2.90 -6.95 -24.19
CA GLU B 419 -1.50 -6.95 -24.71
C GLU B 419 -1.36 -5.93 -25.83
N ASP B 420 -2.50 -5.72 -26.48
CA ASP B 420 -2.75 -4.75 -27.52
C ASP B 420 -2.50 -3.30 -27.20
N GLY B 421 -2.64 -2.95 -25.93
CA GLY B 421 -2.88 -1.57 -25.55
C GLY B 421 -4.37 -1.25 -25.51
N THR B 422 -5.22 -2.18 -25.98
CA THR B 422 -6.66 -1.93 -26.02
C THR B 422 -7.26 -1.66 -24.64
N LEU B 423 -7.99 -0.55 -24.49
CA LEU B 423 -8.61 -0.31 -23.19
C LEU B 423 -9.78 -1.28 -22.97
N TRP B 424 -9.67 -2.03 -21.88
CA TRP B 424 -10.51 -3.21 -21.65
C TRP B 424 -11.26 -3.03 -20.33
N ASN B 425 -11.93 -4.11 -19.91
CA ASN B 425 -12.72 -4.10 -18.67
C ASN B 425 -11.85 -4.44 -17.46
N TRP B 426 -11.79 -3.51 -16.49
CA TRP B 426 -11.08 -3.75 -15.24
C TRP B 426 -12.01 -4.45 -14.26
N MET C 23 26.58 -26.58 1.05
CA MET C 23 26.00 -26.58 -0.29
C MET C 23 27.07 -26.11 -1.27
N LYS C 24 27.70 -27.04 -1.97
CA LYS C 24 28.79 -26.71 -2.87
C LYS C 24 28.44 -25.72 -4.00
N ILE C 25 29.24 -24.68 -4.16
CA ILE C 25 29.05 -23.73 -5.26
C ILE C 25 29.55 -24.33 -6.58
N VAL C 26 28.71 -24.35 -7.62
CA VAL C 26 29.02 -25.04 -8.88
C VAL C 26 29.20 -24.05 -10.04
N LYS C 27 28.63 -22.86 -9.85
CA LYS C 27 28.69 -21.79 -10.85
C LYS C 27 28.61 -20.44 -10.14
N ALA C 28 29.37 -19.48 -10.69
CA ALA C 28 29.32 -18.08 -10.22
C ALA C 28 29.47 -17.18 -11.43
N GLU C 29 28.35 -16.68 -11.92
CA GLU C 29 28.33 -15.99 -13.20
C GLU C 29 28.13 -14.49 -13.04
N VAL C 30 28.73 -13.74 -13.94
CA VAL C 30 28.61 -12.28 -13.94
C VAL C 30 27.90 -11.89 -15.21
N PHE C 31 26.87 -11.07 -15.06
CA PHE C 31 26.08 -10.63 -16.20
C PHE C 31 26.11 -9.12 -16.23
N VAL C 32 26.32 -8.56 -17.42
CA VAL C 32 26.27 -7.11 -17.56
C VAL C 32 25.13 -6.76 -18.52
N THR C 33 24.36 -5.73 -18.18
CA THR C 33 23.18 -5.39 -18.97
C THR C 33 22.82 -3.92 -18.83
N CYS C 34 22.15 -3.40 -19.85
CA CYS C 34 21.87 -1.97 -19.91
C CYS C 34 20.45 -1.65 -20.38
N PRO C 35 19.45 -1.76 -19.49
CA PRO C 35 18.06 -1.47 -19.83
C PRO C 35 17.32 -0.35 -19.07
N GLY C 36 17.58 0.95 -19.25
CA GLY C 36 18.64 1.51 -20.04
C GLY C 36 19.52 2.34 -19.10
N ARG C 37 20.35 1.60 -18.39
CA ARG C 37 21.55 2.08 -17.72
C ARG C 37 22.21 0.80 -17.27
N ASN C 38 23.51 0.86 -16.95
CA ASN C 38 24.29 -0.35 -16.70
C ASN C 38 24.02 -1.02 -15.33
N PHE C 39 23.84 -2.34 -15.38
CA PHE C 39 23.80 -3.14 -14.17
C PHE C 39 24.81 -4.30 -14.24
N VAL C 40 25.44 -4.60 -13.12
CA VAL C 40 26.36 -5.73 -13.00
C VAL C 40 25.77 -6.67 -11.95
N THR C 41 25.48 -7.90 -12.38
CA THR C 41 24.75 -8.84 -11.55
C THR C 41 25.47 -10.18 -11.45
N LEU C 42 25.59 -10.69 -10.23
CA LEU C 42 26.26 -11.96 -9.99
C LEU C 42 25.24 -13.03 -9.68
N LYS C 43 25.37 -14.19 -10.33
CA LYS C 43 24.49 -15.31 -9.99
C LYS C 43 25.34 -16.45 -9.44
N ILE C 44 25.09 -16.85 -8.19
CA ILE C 44 25.72 -18.05 -7.67
C ILE C 44 24.68 -19.17 -7.73
N THR C 45 25.12 -20.37 -8.10
CA THR C 45 24.25 -21.55 -8.17
C THR C 45 24.82 -22.70 -7.33
N THR C 46 24.05 -23.22 -6.37
CA THR C 46 24.50 -24.38 -5.60
C THR C 46 24.33 -25.67 -6.40
N GLU C 47 24.87 -26.75 -5.84
CA GLU C 47 24.78 -28.09 -6.44
C GLU C 47 23.33 -28.55 -6.61
N ASP C 48 22.57 -28.43 -5.51
CA ASP C 48 21.16 -28.79 -5.46
C ASP C 48 20.27 -27.71 -6.05
N GLY C 49 20.90 -26.84 -6.83
CA GLY C 49 20.18 -25.88 -7.65
C GLY C 49 19.57 -24.67 -6.98
N ILE C 50 19.94 -24.38 -5.73
CA ILE C 50 19.45 -23.14 -5.16
C ILE C 50 20.29 -22.02 -5.77
N THR C 51 19.61 -20.95 -6.14
CA THR C 51 20.27 -19.85 -6.84
C THR C 51 20.19 -18.54 -6.05
N GLY C 52 21.24 -17.72 -6.15
CA GLY C 52 21.31 -16.47 -5.41
C GLY C 52 21.76 -15.31 -6.28
N LEU C 53 21.17 -14.12 -6.08
CA LEU C 53 21.60 -12.95 -6.84
C LEU C 53 22.25 -11.91 -5.95
N GLY C 54 23.28 -11.25 -6.48
CA GLY C 54 23.89 -10.09 -5.82
C GLY C 54 24.13 -8.96 -6.81
N ASP C 55 23.99 -7.71 -6.37
CA ASP C 55 24.29 -6.54 -7.21
C ASP C 55 25.76 -6.18 -7.07
N ALA C 56 26.39 -5.85 -8.18
CA ALA C 56 27.78 -5.38 -8.13
C ALA C 56 27.95 -4.02 -8.81
N THR C 57 26.83 -3.38 -9.17
CA THR C 57 26.88 -2.14 -9.97
C THR C 57 27.63 -1.01 -9.28
N LEU C 58 28.70 -0.56 -9.95
CA LEU C 58 29.48 0.58 -9.51
C LEU C 58 29.39 1.62 -10.60
N ASN C 59 28.47 2.56 -10.43
CA ASN C 59 28.09 3.49 -11.49
C ASN C 59 29.30 4.21 -12.08
N GLY C 60 29.52 4.09 -13.40
CA GLY C 60 30.63 4.77 -14.06
C GLY C 60 31.98 4.05 -14.14
N ARG C 61 32.11 2.94 -13.43
CA ARG C 61 33.30 2.09 -13.46
C ARG C 61 32.88 0.62 -13.44
N GLU C 62 31.74 0.31 -14.08
CA GLU C 62 31.09 -0.99 -13.92
C GLU C 62 31.91 -2.21 -14.30
N LEU C 63 32.66 -2.10 -15.40
CA LEU C 63 33.37 -3.23 -15.97
C LEU C 63 34.55 -3.63 -15.11
N SER C 64 35.04 -2.69 -14.29
CA SER C 64 36.17 -2.96 -13.43
C SER C 64 35.78 -3.93 -12.33
N VAL C 65 34.57 -3.76 -11.82
CA VAL C 65 33.97 -4.71 -10.89
C VAL C 65 33.67 -6.04 -11.59
N ALA C 66 33.04 -5.98 -12.77
CA ALA C 66 32.72 -7.20 -13.52
C ALA C 66 33.97 -8.06 -13.71
N SER C 67 35.10 -7.41 -13.99
CA SER C 67 36.37 -8.11 -14.08
C SER C 67 36.80 -8.71 -12.76
N TYR C 68 36.75 -7.91 -11.69
CA TYR C 68 37.17 -8.30 -10.35
C TYR C 68 36.43 -9.58 -9.90
N LEU C 69 35.16 -9.72 -10.32
CA LEU C 69 34.41 -10.95 -10.07
C LEU C 69 34.74 -12.10 -11.05
N GLN C 70 34.50 -11.87 -12.33
CA GLN C 70 34.79 -12.88 -13.37
C GLN C 70 36.22 -13.40 -13.41
N ASP C 71 37.19 -12.51 -13.23
CA ASP C 71 38.58 -12.90 -13.42
C ASP C 71 39.20 -13.34 -12.09
N HIS C 72 38.73 -12.76 -10.99
CA HIS C 72 39.47 -12.88 -9.72
C HIS C 72 38.63 -13.04 -8.46
N LEU C 73 37.39 -13.48 -8.54
CA LEU C 73 36.71 -13.93 -7.33
C LEU C 73 35.92 -15.18 -7.65
N CYS C 74 35.30 -15.17 -8.81
CA CYS C 74 34.37 -16.23 -9.17
C CYS C 74 34.99 -17.61 -9.42
N PRO C 75 36.21 -17.68 -9.98
CA PRO C 75 36.76 -19.04 -10.09
C PRO C 75 37.05 -19.63 -8.71
N GLN C 76 37.41 -18.76 -7.76
CA GLN C 76 37.83 -19.20 -6.44
C GLN C 76 36.62 -19.50 -5.56
N LEU C 77 35.42 -19.19 -6.08
CA LEU C 77 34.15 -19.52 -5.41
C LEU C 77 33.64 -20.93 -5.72
N ILE C 78 34.17 -21.57 -6.76
CA ILE C 78 33.66 -22.88 -7.17
C ILE C 78 33.93 -24.06 -6.19
N GLY C 79 35.09 -24.16 -5.59
CA GLY C 79 35.27 -25.21 -4.59
C GLY C 79 34.29 -25.19 -3.41
N ARG C 80 33.60 -24.06 -3.24
CA ARG C 80 33.21 -23.62 -1.91
C ARG C 80 31.82 -23.96 -1.35
N ASP C 81 31.73 -24.01 -0.01
CA ASP C 81 30.46 -24.20 0.70
C ASP C 81 29.71 -22.89 0.96
N ALA C 82 28.63 -22.70 0.18
CA ALA C 82 27.82 -21.48 0.22
C ALA C 82 27.36 -21.13 1.62
N HIS C 83 27.11 -22.16 2.44
CA HIS C 83 26.70 -21.97 3.84
C HIS C 83 27.62 -21.04 4.63
N ARG C 84 28.87 -20.94 4.19
CA ARG C 84 29.93 -20.30 4.96
C ARG C 84 30.16 -18.85 4.61
N ILE C 85 29.09 -18.06 4.74
CA ILE C 85 29.10 -16.65 4.41
C ILE C 85 30.25 -15.88 5.03
N GLU C 86 30.40 -15.95 6.36
CA GLU C 86 31.43 -15.16 7.05
C GLU C 86 32.83 -15.51 6.58
N ASP C 87 33.07 -16.78 6.31
CA ASP C 87 34.40 -17.21 5.91
C ASP C 87 34.67 -16.72 4.51
N ILE C 88 33.69 -16.82 3.65
CA ILE C 88 33.83 -16.33 2.29
C ILE C 88 34.08 -14.82 2.37
N TRP C 89 33.38 -14.12 3.26
CA TRP C 89 33.49 -12.66 3.35
C TRP C 89 34.89 -12.29 3.78
N GLN C 90 35.33 -12.83 4.92
CA GLN C 90 36.68 -12.58 5.42
C GLN C 90 37.78 -12.95 4.40
N PHE C 91 37.59 -14.08 3.71
CA PHE C 91 38.52 -14.59 2.69
C PHE C 91 38.74 -13.62 1.56
N PHE C 92 37.67 -13.07 1.01
CA PHE C 92 37.88 -12.06 -0.02
C PHE C 92 38.36 -10.73 0.55
N TYR C 93 37.86 -10.36 1.73
CA TYR C 93 38.22 -9.08 2.35
C TYR C 93 39.70 -8.97 2.74
N LYS C 94 40.14 -9.86 3.62
CA LYS C 94 41.54 -9.93 4.02
C LYS C 94 42.40 -10.56 2.94
N GLY C 95 41.83 -11.54 2.24
CA GLY C 95 42.56 -12.28 1.20
C GLY C 95 43.05 -11.44 0.05
N ALA C 96 42.24 -10.49 -0.39
CA ALA C 96 42.81 -9.45 -1.22
C ALA C 96 43.69 -8.69 -0.26
N TYR C 97 44.97 -8.62 -0.55
CA TYR C 97 45.97 -8.04 0.34
C TYR C 97 45.71 -6.55 0.45
N TRP C 98 45.31 -5.98 -0.69
CA TRP C 98 44.95 -4.59 -0.80
C TRP C 98 43.48 -4.46 -0.40
N ARG C 99 43.21 -3.82 0.74
CA ARG C 99 42.00 -4.16 1.52
C ARG C 99 40.62 -3.59 1.22
N ARG C 100 40.49 -2.32 0.91
CA ARG C 100 39.12 -1.80 0.86
C ARG C 100 38.80 -1.35 -0.54
N GLY C 101 37.92 -0.37 -0.67
CA GLY C 101 37.79 0.30 -1.94
C GLY C 101 36.50 0.01 -2.64
N PRO C 102 36.12 0.93 -3.54
CA PRO C 102 34.81 0.87 -4.20
C PRO C 102 34.70 -0.34 -5.14
N VAL C 103 35.76 -0.67 -5.88
CA VAL C 103 35.75 -1.83 -6.79
C VAL C 103 35.80 -3.13 -6.01
N THR C 104 36.77 -3.23 -5.11
CA THR C 104 36.88 -4.34 -4.17
C THR C 104 35.56 -4.65 -3.42
N MET C 105 34.95 -3.63 -2.84
CA MET C 105 33.81 -3.92 -1.97
C MET C 105 32.53 -4.22 -2.72
N SER C 106 32.44 -3.75 -3.96
CA SER C 106 31.25 -3.96 -4.76
C SER C 106 31.19 -5.42 -5.14
N ALA C 107 32.34 -5.91 -5.58
CA ALA C 107 32.53 -7.33 -5.85
C ALA C 107 32.25 -8.11 -4.57
N ILE C 108 32.98 -7.83 -3.50
CA ILE C 108 32.73 -8.51 -2.22
C ILE C 108 31.25 -8.49 -1.81
N SER C 109 30.58 -7.35 -1.96
CA SER C 109 29.15 -7.26 -1.57
C SER C 109 28.21 -8.10 -2.43
N ALA C 110 28.56 -8.26 -3.70
CA ALA C 110 27.77 -9.02 -4.67
C ALA C 110 27.69 -10.50 -4.27
N VAL C 111 28.85 -11.08 -3.99
CA VAL C 111 28.95 -12.43 -3.43
C VAL C 111 28.15 -12.52 -2.15
N ASP C 112 28.39 -11.57 -1.24
CA ASP C 112 27.70 -11.59 0.05
C ASP C 112 26.18 -11.59 -0.10
N MET C 113 25.65 -10.72 -0.96
CA MET C 113 24.21 -10.55 -1.13
C MET C 113 23.57 -11.82 -1.72
N ALA C 114 24.33 -12.46 -2.60
CA ALA C 114 23.89 -13.66 -3.29
C ALA C 114 23.90 -14.84 -2.32
N LEU C 115 24.84 -14.85 -1.38
CA LEU C 115 24.89 -15.94 -0.40
C LEU C 115 23.75 -15.89 0.63
N TRP C 116 23.27 -14.69 0.96
CA TRP C 116 22.22 -14.55 1.98
C TRP C 116 20.89 -14.85 1.32
N ASP C 117 20.82 -14.55 0.04
CA ASP C 117 19.68 -14.93 -0.79
C ASP C 117 19.58 -16.45 -0.75
N ILE C 118 20.70 -17.12 -1.02
CA ILE C 118 20.74 -18.58 -0.95
C ILE C 118 20.37 -19.08 0.47
N LYS C 119 21.03 -18.54 1.49
CA LYS C 119 20.79 -19.01 2.86
C LYS C 119 19.31 -18.94 3.22
N ALA C 120 18.70 -17.79 2.97
CA ALA C 120 17.28 -17.62 3.27
C ALA C 120 16.41 -18.62 2.52
N LYS C 121 16.79 -18.92 1.28
CA LYS C 121 16.08 -19.89 0.47
C LYS C 121 16.24 -21.30 1.03
N ALA C 122 17.46 -21.67 1.40
CA ALA C 122 17.66 -22.96 2.06
C ALA C 122 16.83 -23.02 3.35
N ALA C 123 16.71 -21.86 4.00
CA ALA C 123 15.89 -21.74 5.20
C ALA C 123 14.38 -21.71 4.91
N ASN C 124 14.01 -21.53 3.63
CA ASN C 124 12.64 -21.23 3.24
C ASN C 124 12.04 -20.03 4.04
N MET C 125 12.77 -18.92 4.05
CA MET C 125 12.33 -17.70 4.74
C MET C 125 12.65 -16.48 3.87
N PRO C 126 11.79 -15.45 3.92
CA PRO C 126 12.25 -14.13 3.46
C PRO C 126 13.46 -13.71 4.31
N LEU C 127 14.44 -13.09 3.68
CA LEU C 127 15.70 -12.77 4.36
C LEU C 127 15.54 -12.01 5.68
N TYR C 128 14.52 -11.15 5.80
CA TYR C 128 14.41 -10.32 7.00
C TYR C 128 14.24 -11.18 8.24
N GLN C 129 13.62 -12.33 8.05
CA GLN C 129 13.40 -13.30 9.11
C GLN C 129 14.72 -13.87 9.68
N LEU C 130 15.75 -13.94 8.86
CA LEU C 130 17.07 -14.42 9.30
C LEU C 130 17.84 -13.33 10.06
N LEU C 131 17.56 -12.07 9.73
CA LEU C 131 18.28 -10.96 10.31
C LEU C 131 17.85 -10.71 11.75
N GLY C 132 16.69 -11.25 12.11
CA GLY C 132 16.10 -11.01 13.42
C GLY C 132 14.60 -10.76 13.36
N GLY C 133 14.06 -10.70 12.15
CA GLY C 133 12.63 -10.46 11.95
C GLY C 133 12.28 -8.99 11.91
N ALA C 134 11.05 -8.68 11.50
CA ALA C 134 10.66 -7.28 11.33
C ALA C 134 10.67 -6.45 12.63
N SER C 135 11.19 -5.23 12.55
CA SER C 135 11.07 -4.26 13.65
C SER C 135 9.96 -3.27 13.35
N ARG C 136 9.43 -3.35 12.13
CA ARG C 136 8.37 -2.42 11.69
C ARG C 136 7.40 -3.07 10.73
N GLU C 137 6.25 -2.40 10.51
CA GLU C 137 5.25 -2.89 9.57
C GLU C 137 5.76 -2.71 8.15
N GLY C 138 6.40 -1.58 7.91
CA GLY C 138 6.89 -1.25 6.59
C GLY C 138 7.98 -0.20 6.63
N VAL C 139 8.45 0.17 5.44
CA VAL C 139 9.70 0.93 5.36
C VAL C 139 9.47 2.31 4.74
N MET C 140 9.67 3.38 5.51
CA MET C 140 9.43 4.72 4.99
C MET C 140 10.45 5.06 3.87
N VAL C 141 9.97 5.45 2.70
CA VAL C 141 10.87 5.82 1.60
C VAL C 141 10.72 7.28 1.21
N TYR C 142 11.78 7.87 0.63
CA TYR C 142 11.67 9.25 0.16
C TYR C 142 11.90 9.34 -1.34
N CYS C 143 11.20 10.27 -1.99
CA CYS C 143 11.29 10.44 -3.41
C CYS C 143 12.17 11.63 -3.78
N HIS C 144 12.43 11.76 -5.08
CA HIS C 144 13.11 12.92 -5.63
C HIS C 144 12.10 13.86 -6.28
N THR C 145 12.17 15.14 -5.92
CA THR C 145 11.45 16.19 -6.61
C THR C 145 12.45 17.21 -7.12
N THR C 146 12.18 17.75 -8.31
CA THR C 146 13.06 18.72 -8.96
C THR C 146 12.24 19.76 -9.70
N GLY C 147 12.95 20.61 -10.44
CA GLY C 147 12.37 21.69 -11.20
C GLY C 147 13.50 22.67 -11.52
N HIS C 148 13.27 23.54 -12.50
CA HIS C 148 14.26 24.52 -12.90
C HIS C 148 14.01 25.85 -12.20
N SER C 149 12.88 25.91 -11.53
CA SER C 149 12.44 27.10 -10.84
C SER C 149 11.77 26.61 -9.57
N ILE C 150 11.55 27.52 -8.62
CA ILE C 150 10.88 27.13 -7.37
C ILE C 150 9.43 26.67 -7.63
N ASP C 151 8.71 27.40 -8.50
CA ASP C 151 7.32 27.03 -8.80
C ASP C 151 7.25 25.61 -9.40
N GLU C 152 8.14 25.32 -10.35
CA GLU C 152 8.25 24.00 -10.99
C GLU C 152 8.53 22.95 -9.92
N ALA C 153 9.45 23.25 -9.00
CA ALA C 153 9.71 22.36 -7.87
C ALA C 153 8.45 22.14 -7.05
N LEU C 154 7.75 23.20 -6.68
CA LEU C 154 6.55 23.09 -5.85
C LEU C 154 5.49 22.16 -6.44
N ASP C 155 5.29 22.26 -7.75
CA ASP C 155 4.31 21.40 -8.41
C ASP C 155 4.76 19.93 -8.40
N ASP C 156 6.05 19.68 -8.62
CA ASP C 156 6.57 18.31 -8.59
C ASP C 156 6.40 17.73 -7.19
N TYR C 157 6.59 18.59 -6.18
CA TYR C 157 6.31 18.25 -4.79
C TYR C 157 4.87 17.81 -4.60
N ALA C 158 3.95 18.63 -5.07
CA ALA C 158 2.52 18.33 -4.94
C ALA C 158 2.21 16.94 -5.49
N ARG C 159 2.72 16.66 -6.69
CA ARG C 159 2.41 15.42 -7.37
C ARG C 159 2.88 14.24 -6.53
N HIS C 160 4.04 14.38 -5.88
CA HIS C 160 4.56 13.29 -5.05
C HIS C 160 3.88 13.23 -3.68
N GLN C 161 3.41 14.37 -3.18
CA GLN C 161 2.66 14.36 -1.93
C GLN C 161 1.38 13.54 -2.13
N GLU C 162 0.88 13.58 -3.35
CA GLU C 162 -0.39 12.97 -3.66
C GLU C 162 -0.21 11.46 -3.82
N LEU C 163 0.95 11.06 -4.28
CA LEU C 163 1.32 9.65 -4.35
C LEU C 163 1.46 9.04 -2.94
N GLY C 164 1.50 9.89 -1.91
CA GLY C 164 1.54 9.41 -0.55
C GLY C 164 2.92 9.38 0.11
N PHE C 165 3.92 9.90 -0.60
CA PHE C 165 5.25 9.98 -0.03
C PHE C 165 5.23 10.87 1.23
N LYS C 166 5.81 10.37 2.32
CA LYS C 166 5.87 11.07 3.61
C LYS C 166 7.19 11.84 3.78
N ALA C 167 8.17 11.49 2.98
CA ALA C 167 9.46 12.17 3.02
C ALA C 167 9.78 12.52 1.59
N ILE C 168 10.31 13.72 1.38
CA ILE C 168 10.51 14.24 0.03
C ILE C 168 11.84 15.02 -0.02
N ARG C 169 12.68 14.70 -1.00
CA ARG C 169 13.93 15.43 -1.18
C ARG C 169 13.67 16.45 -2.27
N VAL C 170 13.74 17.73 -1.92
CA VAL C 170 13.57 18.81 -2.90
C VAL C 170 14.89 19.45 -3.37
N GLN C 171 14.98 19.68 -4.67
CA GLN C 171 16.07 20.45 -5.23
C GLN C 171 15.46 21.33 -6.31
N CYS C 172 16.19 22.35 -6.73
CA CYS C 172 15.73 23.12 -7.86
C CYS C 172 16.86 23.94 -8.38
N GLY C 173 16.84 24.20 -9.69
CA GLY C 173 17.90 24.92 -10.35
C GLY C 173 18.20 26.25 -9.68
N ILE C 174 19.46 26.70 -9.80
CA ILE C 174 19.89 27.96 -9.23
C ILE C 174 19.87 29.03 -10.32
N PRO C 175 19.10 30.11 -10.11
CA PRO C 175 19.09 31.28 -11.00
C PRO C 175 20.49 31.73 -11.39
N GLY C 176 20.72 31.94 -12.68
CA GLY C 176 22.07 32.21 -13.16
C GLY C 176 22.73 30.98 -13.75
N PRO C 200 32.54 12.46 -19.82
CA PRO C 200 31.74 13.04 -18.75
C PRO C 200 31.34 14.47 -19.03
N GLU C 201 30.09 14.80 -18.73
CA GLU C 201 29.65 16.18 -18.72
C GLU C 201 30.44 16.98 -17.70
N GLU C 202 30.46 18.30 -17.87
CA GLU C 202 31.20 19.19 -16.97
C GLU C 202 30.28 20.32 -16.53
N GLN C 203 29.92 20.36 -15.25
CA GLN C 203 28.91 21.30 -14.81
C GLN C 203 29.55 22.43 -14.05
N LEU C 204 29.19 23.66 -14.42
CA LEU C 204 29.63 24.86 -13.71
C LEU C 204 29.00 24.92 -12.33
N TRP C 205 29.79 25.25 -11.31
CA TRP C 205 29.29 25.39 -9.94
C TRP C 205 29.70 26.69 -9.24
N SER C 206 28.72 27.34 -8.60
CA SER C 206 29.00 28.47 -7.72
C SER C 206 28.44 28.21 -6.32
N THR C 207 29.32 28.10 -5.34
CA THR C 207 28.86 27.90 -3.97
C THR C 207 28.10 29.11 -3.50
N GLU C 208 28.69 30.29 -3.72
CA GLU C 208 28.14 31.51 -3.17
C GLU C 208 26.70 31.74 -3.67
N LYS C 209 26.46 31.46 -4.95
CA LYS C 209 25.11 31.57 -5.49
C LYS C 209 24.13 30.57 -4.82
N TYR C 210 24.61 29.36 -4.51
CA TYR C 210 23.78 28.34 -3.87
C TYR C 210 23.42 28.75 -2.44
N LEU C 211 24.38 29.32 -1.73
CA LEU C 211 24.17 29.73 -0.35
C LEU C 211 23.07 30.80 -0.26
N ASP C 212 23.13 31.76 -1.18
CA ASP C 212 22.22 32.91 -1.20
C ASP C 212 20.81 32.51 -1.62
N PHE C 213 20.69 31.47 -2.43
CA PHE C 213 19.38 31.16 -3.02
C PHE C 213 18.64 29.99 -2.42
N MET C 214 19.34 28.89 -2.18
CA MET C 214 18.66 27.65 -1.84
C MET C 214 17.78 27.64 -0.58
N PRO C 215 18.18 28.36 0.50
CA PRO C 215 17.21 28.38 1.63
C PRO C 215 15.87 28.96 1.17
N LYS C 216 15.82 29.69 0.05
CA LYS C 216 14.54 30.18 -0.47
C LYS C 216 13.59 29.07 -1.00
N LEU C 217 14.16 27.96 -1.51
CA LEU C 217 13.34 26.80 -1.89
C LEU C 217 12.56 26.27 -0.69
N PHE C 218 13.25 25.95 0.39
CA PHE C 218 12.61 25.31 1.54
C PHE C 218 11.56 26.22 2.18
N ASP C 219 11.81 27.52 2.11
CA ASP C 219 10.86 28.47 2.70
C ASP C 219 9.56 28.46 1.93
N ALA C 220 9.69 28.42 0.61
CA ALA C 220 8.50 28.34 -0.25
C ALA C 220 7.78 27.02 -0.04
N VAL C 221 8.57 25.94 0.06
CA VAL C 221 8.00 24.61 0.27
C VAL C 221 7.19 24.55 1.58
N ARG C 222 7.83 24.92 2.68
CA ARG C 222 7.16 24.97 3.98
C ARG C 222 5.96 25.95 4.02
N ASN C 223 6.07 27.10 3.35
CA ASN C 223 4.97 28.05 3.27
C ASN C 223 3.77 27.47 2.55
N LYS C 224 4.04 26.76 1.46
CA LYS C 224 2.97 26.24 0.64
C LYS C 224 2.35 24.98 1.25
N PHE C 225 3.19 24.11 1.77
CA PHE C 225 2.74 22.77 2.13
C PHE C 225 2.69 22.49 3.63
N GLY C 226 3.15 23.45 4.43
CA GLY C 226 3.23 23.28 5.86
C GLY C 226 4.32 22.30 6.21
N PHE C 227 4.27 21.78 7.42
CA PHE C 227 5.23 20.79 7.87
C PHE C 227 4.48 19.46 7.73
N ASP C 228 4.74 18.45 8.57
CA ASP C 228 4.20 17.07 8.36
C ASP C 228 5.20 16.24 7.58
N GLU C 229 5.22 16.37 6.24
CA GLU C 229 6.23 15.74 5.37
C GLU C 229 7.63 15.96 5.93
N HIS C 230 8.46 14.94 5.83
CA HIS C 230 9.86 15.07 6.17
C HIS C 230 10.50 15.76 4.99
N LEU C 231 11.40 16.71 5.26
CA LEU C 231 11.96 17.56 4.22
C LEU C 231 13.47 17.41 4.13
N LEU C 232 13.89 16.97 2.96
CA LEU C 232 15.20 16.41 2.73
C LEU C 232 15.87 17.20 1.64
N HIS C 233 17.19 17.25 1.67
CA HIS C 233 17.94 17.99 0.65
C HIS C 233 19.36 17.48 0.51
N ASP C 234 19.78 17.36 -0.75
CA ASP C 234 21.07 16.80 -1.03
C ASP C 234 22.01 17.92 -1.49
N MET C 235 23.02 18.18 -0.67
CA MET C 235 24.15 19.02 -1.04
C MET C 235 25.08 18.04 -1.65
N HIS C 236 25.75 18.39 -2.72
CA HIS C 236 26.40 17.32 -3.45
C HIS C 236 27.89 17.40 -3.27
N HIS C 237 28.32 17.36 -2.00
CA HIS C 237 29.72 17.44 -1.61
C HIS C 237 30.34 18.81 -1.86
N ARG C 238 29.53 19.79 -2.23
CA ARG C 238 30.08 21.01 -2.82
C ARG C 238 30.64 22.09 -1.90
N LEU C 239 30.32 22.06 -0.62
CA LEU C 239 30.76 23.13 0.30
C LEU C 239 31.94 22.74 1.18
N THR C 240 32.61 23.74 1.77
CA THR C 240 33.62 23.53 2.79
C THR C 240 32.86 23.44 4.09
N PRO C 241 33.52 22.92 5.15
CA PRO C 241 32.79 22.80 6.42
C PRO C 241 32.16 24.10 6.92
N ILE C 242 32.88 25.23 6.91
CA ILE C 242 32.30 26.43 7.50
C ILE C 242 31.18 26.98 6.61
N GLU C 243 31.30 26.74 5.30
CA GLU C 243 30.17 27.00 4.40
C GLU C 243 28.97 26.13 4.75
N ALA C 244 29.21 24.85 4.99
CA ALA C 244 28.14 23.95 5.35
C ALA C 244 27.56 24.33 6.70
N ALA C 245 28.42 24.75 7.62
CA ALA C 245 27.96 25.25 8.91
C ALA C 245 26.91 26.30 8.65
N ARG C 246 27.29 27.24 7.81
CA ARG C 246 26.53 28.44 7.55
C ARG C 246 25.21 28.07 6.91
N PHE C 247 25.30 27.23 5.89
CA PHE C 247 24.11 26.78 5.20
C PHE C 247 23.13 26.09 6.15
N GLY C 248 23.63 25.22 7.01
CA GLY C 248 22.81 24.50 7.96
C GLY C 248 22.07 25.43 8.88
N LYS C 249 22.76 26.45 9.41
CA LYS C 249 22.13 27.53 10.17
C LYS C 249 20.98 28.16 9.41
N SER C 250 21.24 28.57 8.18
CA SER C 250 20.29 29.34 7.39
C SER C 250 18.98 28.59 7.09
N ILE C 251 18.99 27.26 7.22
CA ILE C 251 17.80 26.47 6.94
C ILE C 251 17.17 25.83 8.20
N GLU C 252 17.65 26.22 9.38
CA GLU C 252 17.09 25.74 10.64
C GLU C 252 15.58 25.98 10.80
N ASP C 253 15.10 27.15 10.38
CA ASP C 253 13.67 27.49 10.48
C ASP C 253 12.76 26.51 9.73
N TYR C 254 13.32 25.78 8.77
CA TYR C 254 12.50 24.86 7.96
C TYR C 254 12.52 23.40 8.44
N ARG C 255 13.20 23.17 9.57
CA ARG C 255 13.26 21.85 10.21
C ARG C 255 13.49 20.72 9.23
N MET C 256 14.65 20.72 8.56
CA MET C 256 14.98 19.68 7.58
C MET C 256 15.12 18.29 8.23
N PHE C 257 14.62 17.26 7.56
CA PHE C 257 14.84 15.88 7.98
C PHE C 257 16.33 15.63 7.95
N TRP C 258 16.97 16.08 6.88
CA TRP C 258 18.42 16.12 6.88
C TRP C 258 18.96 17.03 5.80
N MET C 259 20.20 17.43 6.02
CA MET C 259 20.99 18.00 4.98
C MET C 259 22.09 16.96 4.65
N GLU C 260 22.15 16.53 3.39
CA GLU C 260 22.96 15.38 2.98
C GLU C 260 24.27 15.74 2.30
N ASP C 261 25.32 14.95 2.54
CA ASP C 261 26.63 15.15 1.91
C ASP C 261 27.09 16.63 1.88
N PRO C 262 27.23 17.28 3.05
CA PRO C 262 27.53 18.72 3.03
C PRO C 262 28.91 19.12 2.45
N THR C 263 29.92 18.25 2.64
CA THR C 263 31.32 18.53 2.28
C THR C 263 32.02 17.17 2.07
N PRO C 264 33.17 17.15 1.36
CA PRO C 264 33.90 15.88 1.19
C PRO C 264 34.28 15.27 2.54
N ALA C 265 34.10 13.96 2.70
CA ALA C 265 34.27 13.38 4.03
C ALA C 265 35.48 12.48 4.19
N GLU C 266 36.43 12.57 3.26
CA GLU C 266 37.65 11.77 3.37
C GLU C 266 38.36 12.03 4.70
N ASN C 267 38.52 13.30 5.04
CA ASN C 267 38.91 13.73 6.40
C ASN C 267 37.64 13.83 7.23
N GLN C 268 37.36 12.82 8.04
CA GLN C 268 36.12 12.82 8.82
C GLN C 268 36.05 13.92 9.87
N GLU C 269 37.17 14.58 10.12
CA GLU C 269 37.18 15.69 11.07
C GLU C 269 36.53 16.90 10.42
N CYS C 270 36.37 16.86 9.11
CA CYS C 270 35.80 18.01 8.42
C CYS C 270 34.34 18.27 8.76
N PHE C 271 33.70 17.31 9.43
CA PHE C 271 32.31 17.51 9.82
C PHE C 271 32.24 18.16 11.21
N ARG C 272 33.37 18.24 11.90
CA ARG C 272 33.37 18.85 13.24
C ARG C 272 32.78 20.24 13.24
N LEU C 273 33.23 21.08 12.29
CA LEU C 273 32.77 22.46 12.21
C LEU C 273 31.28 22.56 11.94
N ILE C 274 30.78 21.64 11.13
CA ILE C 274 29.37 21.68 10.79
C ILE C 274 28.58 21.45 12.06
N ARG C 275 28.95 20.42 12.80
CA ARG C 275 28.19 19.98 13.96
C ARG C 275 28.24 20.99 15.10
N GLN C 276 29.34 21.75 15.17
CA GLN C 276 29.50 22.78 16.20
C GLN C 276 28.48 23.87 15.98
N HIS C 277 28.03 24.04 14.74
CA HIS C 277 27.41 25.31 14.38
C HIS C 277 25.93 25.28 14.05
N THR C 278 25.41 24.09 13.74
CA THR C 278 24.01 23.96 13.36
C THR C 278 23.32 22.74 14.00
N VAL C 279 22.00 22.84 14.18
CA VAL C 279 21.20 21.71 14.65
C VAL C 279 20.44 21.06 13.48
N THR C 280 20.64 21.59 12.28
CA THR C 280 20.10 20.93 11.10
C THR C 280 20.73 19.55 11.02
N PRO C 281 19.89 18.50 10.94
CA PRO C 281 20.41 17.12 10.97
C PRO C 281 21.30 16.81 9.77
N ILE C 282 22.30 15.94 9.92
CA ILE C 282 23.28 15.66 8.88
C ILE C 282 23.24 14.20 8.39
N ALA C 283 23.31 14.01 7.07
CA ALA C 283 23.43 12.67 6.52
C ALA C 283 24.57 12.57 5.52
N VAL C 284 25.23 11.41 5.49
CA VAL C 284 26.39 11.21 4.62
C VAL C 284 26.62 9.71 4.39
N GLY C 285 27.31 9.37 3.30
CA GLY C 285 27.89 8.04 3.19
C GLY C 285 27.62 7.20 1.96
N GLU C 286 26.84 7.72 1.02
CA GLU C 286 26.61 6.96 -0.22
C GLU C 286 27.89 6.54 -0.95
N VAL C 287 28.95 7.35 -0.81
CA VAL C 287 30.20 7.04 -1.50
C VAL C 287 31.12 6.11 -0.72
N PHE C 288 30.73 5.76 0.51
CA PHE C 288 31.57 4.98 1.42
C PHE C 288 31.53 3.49 1.09
N ASN C 289 32.64 2.78 1.33
CA ASN C 289 32.64 1.33 1.12
C ASN C 289 32.94 0.51 2.38
N SER C 290 33.03 1.19 3.53
CA SER C 290 33.56 0.57 4.75
C SER C 290 33.21 1.31 6.06
N ILE C 291 33.27 0.58 7.16
CA ILE C 291 33.10 1.18 8.48
C ILE C 291 34.25 2.14 8.77
N TRP C 292 35.41 1.90 8.15
CA TRP C 292 36.55 2.79 8.40
C TRP C 292 36.33 4.15 7.72
N ASP C 293 35.40 4.19 6.77
CA ASP C 293 34.97 5.43 6.13
C ASP C 293 34.18 6.33 7.08
N CYS C 294 33.52 5.76 8.09
CA CYS C 294 32.56 6.54 8.88
C CYS C 294 32.62 6.41 10.41
N LYS C 295 33.53 5.56 10.89
CA LYS C 295 33.65 5.29 12.32
C LYS C 295 33.81 6.59 13.12
N GLN C 296 34.72 7.45 12.68
CA GLN C 296 34.96 8.69 13.39
C GLN C 296 33.75 9.65 13.27
N LEU C 297 33.12 9.68 12.10
CA LEU C 297 31.89 10.48 11.95
C LEU C 297 30.81 10.06 12.95
N ILE C 298 30.63 8.76 13.12
CA ILE C 298 29.59 8.23 13.99
C ILE C 298 29.99 8.35 15.47
N GLU C 299 31.24 8.01 15.75
CA GLU C 299 31.76 7.92 17.11
C GLU C 299 31.72 9.27 17.79
N GLU C 300 32.00 10.30 17.01
CA GLU C 300 31.98 11.65 17.53
C GLU C 300 30.65 12.34 17.28
N GLN C 301 29.63 11.56 16.93
CA GLN C 301 28.28 12.07 16.74
C GLN C 301 28.17 13.29 15.83
N LEU C 302 28.84 13.22 14.66
CA LEU C 302 28.87 14.34 13.74
C LEU C 302 27.80 14.21 12.67
N ILE C 303 27.15 13.05 12.62
CA ILE C 303 26.06 12.77 11.68
C ILE C 303 24.84 12.18 12.39
N ASP C 304 23.68 12.27 11.74
CA ASP C 304 22.46 11.66 12.27
C ASP C 304 21.99 10.46 11.44
N TYR C 305 22.35 10.44 10.16
CA TYR C 305 22.05 9.29 9.29
C TYR C 305 23.23 8.81 8.44
N ILE C 306 23.40 7.50 8.39
CA ILE C 306 24.41 6.87 7.60
C ILE C 306 23.75 6.31 6.33
N ARG C 307 24.30 6.69 5.18
CA ARG C 307 23.71 6.42 3.85
C ARG C 307 24.41 5.33 3.06
N THR C 308 25.24 4.54 3.73
CA THR C 308 25.96 3.42 3.14
C THR C 308 24.98 2.45 2.52
N THR C 309 25.41 1.74 1.49
CA THR C 309 24.55 0.75 0.83
C THR C 309 25.08 -0.68 0.85
N LEU C 310 24.17 -1.63 0.72
CA LEU C 310 24.52 -3.05 0.76
C LEU C 310 25.49 -3.37 -0.39
N THR C 311 25.22 -2.81 -1.58
CA THR C 311 26.09 -3.03 -2.75
C THR C 311 27.50 -2.48 -2.60
N HIS C 312 27.61 -1.31 -1.99
CA HIS C 312 28.91 -0.62 -1.99
C HIS C 312 29.69 -0.77 -0.70
N ALA C 313 29.02 -1.16 0.38
CA ALA C 313 29.68 -1.24 1.67
C ALA C 313 29.59 -2.60 2.39
N GLY C 314 29.69 -3.69 1.65
CA GLY C 314 29.95 -4.97 2.31
C GLY C 314 28.82 -5.97 2.37
N GLY C 315 27.71 -5.66 1.70
CA GLY C 315 26.57 -6.55 1.72
C GLY C 315 25.85 -6.56 3.05
N ILE C 316 25.05 -7.60 3.27
CA ILE C 316 24.37 -7.79 4.54
C ILE C 316 25.35 -7.92 5.70
N THR C 317 26.38 -8.74 5.52
CA THR C 317 27.38 -9.04 6.56
C THR C 317 28.10 -7.77 7.04
N GLY C 318 28.54 -6.95 6.09
CA GLY C 318 29.32 -5.77 6.42
C GLY C 318 28.43 -4.65 6.95
N MET C 319 27.24 -4.55 6.38
CA MET C 319 26.37 -3.43 6.71
C MET C 319 25.61 -3.62 8.03
N ARG C 320 25.42 -4.86 8.47
CA ARG C 320 24.84 -5.07 9.78
C ARG C 320 25.79 -4.52 10.85
N ARG C 321 27.09 -4.74 10.66
CA ARG C 321 28.08 -4.21 11.58
C ARG C 321 28.07 -2.69 11.59
N ILE C 322 27.89 -2.09 10.42
CA ILE C 322 27.92 -0.62 10.28
C ILE C 322 26.72 0.01 11.00
N ALA C 323 25.54 -0.56 10.80
CA ALA C 323 24.34 -0.06 11.43
C ALA C 323 24.33 -0.29 12.94
N ASP C 324 24.73 -1.50 13.37
CA ASP C 324 24.77 -1.76 14.79
C ASP C 324 25.73 -0.80 15.46
N PHE C 325 26.87 -0.53 14.82
CA PHE C 325 27.84 0.39 15.40
C PHE C 325 27.15 1.72 15.51
N ALA C 326 26.52 2.17 14.42
CA ALA C 326 25.81 3.44 14.43
C ALA C 326 24.82 3.57 15.59
N SER C 327 24.08 2.48 15.84
CA SER C 327 23.03 2.52 16.85
C SER C 327 23.55 2.93 18.22
N LEU C 328 24.85 2.69 18.49
CA LEU C 328 25.43 3.03 19.79
C LEU C 328 25.38 4.54 20.09
N TYR C 329 25.36 5.34 19.03
CA TYR C 329 25.41 6.79 19.09
C TYR C 329 24.14 7.42 18.57
N GLN C 330 23.07 6.63 18.55
CA GLN C 330 21.75 7.04 18.05
C GLN C 330 21.74 7.56 16.62
N VAL C 331 22.68 7.10 15.82
CA VAL C 331 22.68 7.40 14.39
C VAL C 331 21.77 6.38 13.68
N ARG C 332 20.88 6.84 12.79
CA ARG C 332 19.98 5.92 12.08
C ARG C 332 20.42 5.64 10.63
N THR C 333 19.91 4.58 10.03
CA THR C 333 20.24 4.22 8.64
C THR C 333 19.41 5.05 7.65
N GLY C 334 20.03 5.52 6.57
CA GLY C 334 19.32 6.26 5.54
C GLY C 334 19.86 5.88 4.18
N SER C 335 19.79 4.58 3.89
CA SER C 335 20.51 4.04 2.73
C SER C 335 20.24 4.76 1.41
N HIS C 336 21.33 5.03 0.71
CA HIS C 336 21.30 5.56 -0.64
C HIS C 336 20.52 4.59 -1.55
N GLY C 337 19.60 5.12 -2.35
CA GLY C 337 18.83 4.26 -3.24
C GLY C 337 18.55 4.87 -4.60
N PRO C 338 19.59 4.97 -5.45
CA PRO C 338 19.39 5.56 -6.78
C PRO C 338 19.04 4.46 -7.80
N SER C 339 18.71 4.87 -9.02
CA SER C 339 18.58 3.93 -10.12
C SER C 339 19.87 3.18 -10.47
N ASP C 340 21.03 3.67 -10.03
CA ASP C 340 22.28 2.93 -10.27
C ASP C 340 22.59 1.80 -9.28
N LEU C 341 21.73 1.58 -8.27
CA LEU C 341 21.76 0.33 -7.51
C LEU C 341 20.69 -0.57 -8.11
N SER C 342 21.03 -1.83 -8.37
CA SER C 342 20.11 -2.72 -9.07
C SER C 342 18.88 -3.10 -8.24
N PRO C 343 17.83 -3.58 -8.91
CA PRO C 343 16.65 -4.10 -8.21
C PRO C 343 16.98 -5.26 -7.26
N VAL C 344 18.11 -5.93 -7.50
CA VAL C 344 18.66 -6.89 -6.53
C VAL C 344 18.98 -6.17 -5.21
N CYS C 345 19.69 -5.05 -5.28
CA CYS C 345 20.02 -4.31 -4.06
C CYS C 345 18.77 -3.73 -3.35
N MET C 346 17.79 -3.30 -4.13
CA MET C 346 16.57 -2.75 -3.59
C MET C 346 15.88 -3.83 -2.74
N ALA C 347 15.75 -5.05 -3.26
CA ALA C 347 15.19 -6.11 -2.43
C ALA C 347 15.99 -6.33 -1.18
N ALA C 348 17.31 -6.49 -1.34
CA ALA C 348 18.18 -6.67 -0.19
C ALA C 348 18.07 -5.54 0.82
N ALA C 349 17.93 -4.31 0.32
CA ALA C 349 17.86 -3.14 1.21
C ALA C 349 16.54 -3.15 1.97
N LEU C 350 15.45 -3.50 1.27
CA LEU C 350 14.12 -3.56 1.87
C LEU C 350 13.95 -4.65 2.94
N HIS C 351 14.59 -5.80 2.74
CA HIS C 351 14.75 -6.79 3.80
C HIS C 351 15.59 -6.29 4.99
N PHE C 352 16.76 -5.72 4.70
CA PHE C 352 17.60 -5.04 5.69
C PHE C 352 16.80 -3.98 6.45
N ASP C 353 16.06 -3.15 5.72
CA ASP C 353 15.36 -2.01 6.30
C ASP C 353 14.26 -2.44 7.27
N LEU C 354 13.67 -3.60 7.03
CA LEU C 354 12.51 -4.03 7.79
C LEU C 354 12.91 -4.53 9.18
N TRP C 355 14.13 -5.05 9.28
CA TRP C 355 14.68 -5.55 10.56
C TRP C 355 15.40 -4.49 11.39
N VAL C 356 16.43 -3.85 10.82
CA VAL C 356 17.34 -3.01 11.63
C VAL C 356 16.55 -2.06 12.52
N PRO C 357 16.85 -2.11 13.83
CA PRO C 357 16.08 -1.30 14.78
C PRO C 357 16.33 0.20 14.56
N ASN C 358 17.58 0.59 14.27
CA ASN C 358 17.88 2.00 14.08
C ASN C 358 17.65 2.50 12.65
N PHE C 359 16.56 2.07 12.04
CA PHE C 359 16.18 2.52 10.70
C PHE C 359 15.67 3.96 10.69
N GLY C 360 16.19 4.77 9.76
CA GLY C 360 15.76 6.14 9.56
C GLY C 360 14.84 6.39 8.36
N VAL C 361 15.30 6.07 7.14
CA VAL C 361 14.48 6.21 5.92
C VAL C 361 15.16 5.42 4.80
N GLN C 362 14.44 5.07 3.73
CA GLN C 362 15.09 4.40 2.60
C GLN C 362 14.92 5.24 1.36
N GLU C 363 16.02 5.57 0.70
CA GLU C 363 15.90 6.31 -0.54
C GLU C 363 15.26 5.44 -1.62
N TYR C 364 14.41 6.04 -2.46
CA TYR C 364 13.86 5.33 -3.60
C TYR C 364 13.78 6.24 -4.81
N MET C 365 14.85 6.31 -5.57
CA MET C 365 14.78 6.92 -6.88
C MET C 365 14.06 5.86 -7.70
N GLY C 366 13.19 6.26 -8.62
CA GLY C 366 12.47 5.23 -9.40
C GLY C 366 13.32 4.21 -10.16
N TYR C 367 12.70 3.09 -10.59
CA TYR C 367 13.23 2.24 -11.67
C TYR C 367 12.23 2.19 -12.81
N SER C 368 12.75 2.03 -14.02
CA SER C 368 11.95 1.90 -15.22
C SER C 368 11.16 0.59 -15.27
N GLU C 369 9.93 0.64 -15.80
CA GLU C 369 9.23 -0.58 -16.19
C GLU C 369 10.18 -1.48 -16.98
N GLN C 370 10.99 -0.87 -17.85
CA GLN C 370 12.02 -1.58 -18.60
C GLN C 370 13.02 -2.30 -17.68
N MET C 371 13.37 -1.70 -16.55
CA MET C 371 14.39 -2.30 -15.70
C MET C 371 13.78 -3.43 -14.88
N LEU C 372 12.48 -3.34 -14.62
CA LEU C 372 11.80 -4.25 -13.69
C LEU C 372 11.26 -5.51 -14.38
N GLU C 373 11.32 -5.56 -15.70
CA GLU C 373 11.09 -6.84 -16.34
C GLU C 373 12.38 -7.67 -16.41
N VAL C 374 13.52 -6.99 -16.51
CA VAL C 374 14.83 -7.65 -16.42
C VAL C 374 15.05 -8.17 -15.01
N PHE C 375 14.50 -7.46 -14.02
CA PHE C 375 14.55 -7.92 -12.64
C PHE C 375 13.14 -8.03 -12.04
N PRO C 376 12.40 -9.11 -12.36
CA PRO C 376 11.02 -9.19 -11.86
C PRO C 376 11.02 -9.10 -10.35
N HIS C 377 10.22 -8.17 -9.84
CA HIS C 377 10.33 -7.76 -8.45
C HIS C 377 9.13 -8.25 -7.69
N ASN C 378 9.22 -8.18 -6.36
CA ASN C 378 8.15 -8.68 -5.51
C ASN C 378 7.86 -7.73 -4.36
N TRP C 379 8.68 -6.70 -4.19
CA TRP C 379 8.38 -5.68 -3.17
C TRP C 379 7.08 -4.97 -3.51
N THR C 380 6.52 -4.27 -2.53
CA THR C 380 5.38 -3.40 -2.79
C THR C 380 5.59 -2.00 -2.21
N PHE C 381 4.68 -1.10 -2.56
CA PHE C 381 4.70 0.27 -2.06
C PHE C 381 3.24 0.60 -1.83
N ASP C 382 2.94 1.10 -0.64
CA ASP C 382 1.59 1.55 -0.32
C ASP C 382 1.71 2.77 0.57
N ASN C 383 1.10 3.87 0.11
CA ASN C 383 0.96 5.11 0.87
C ASN C 383 2.23 5.50 1.65
N GLY C 384 3.36 5.45 0.96
CA GLY C 384 4.60 6.01 1.46
C GLY C 384 5.50 5.02 2.17
N TYR C 385 5.06 3.76 2.26
CA TYR C 385 5.84 2.69 2.90
C TYR C 385 6.07 1.55 1.94
N MET C 386 7.29 1.02 1.94
CA MET C 386 7.54 -0.16 1.12
C MET C 386 7.68 -1.40 1.96
N HIS C 387 7.62 -2.55 1.28
CA HIS C 387 7.77 -3.83 1.95
C HIS C 387 8.45 -4.82 1.02
N PRO C 388 9.40 -5.61 1.56
CA PRO C 388 9.95 -6.63 0.67
C PRO C 388 8.88 -7.71 0.57
N GLY C 389 8.93 -8.57 -0.43
CA GLY C 389 8.00 -9.69 -0.40
C GLY C 389 8.05 -10.55 0.87
N GLU C 390 7.16 -11.55 0.92
CA GLU C 390 7.23 -12.63 1.89
C GLU C 390 7.77 -13.91 1.25
N LYS C 391 8.16 -13.84 -0.02
CA LYS C 391 8.73 -15.03 -0.64
C LYS C 391 10.12 -15.33 -0.06
N PRO C 392 10.55 -16.61 -0.08
CA PRO C 392 11.88 -16.94 0.45
C PRO C 392 13.05 -16.26 -0.29
N GLY C 393 14.15 -16.03 0.40
CA GLY C 393 15.28 -15.32 -0.18
C GLY C 393 15.10 -13.81 -0.26
N LEU C 394 15.66 -13.20 -1.30
CA LEU C 394 15.52 -11.76 -1.46
C LEU C 394 14.14 -11.44 -2.00
N GLY C 395 13.58 -12.38 -2.74
CA GLY C 395 12.35 -12.19 -3.48
C GLY C 395 12.52 -11.46 -4.80
N ILE C 396 13.69 -11.57 -5.43
CA ILE C 396 13.91 -10.95 -6.74
C ILE C 396 14.46 -11.95 -7.75
N GLU C 397 14.20 -11.70 -9.02
CA GLU C 397 14.72 -12.55 -10.09
C GLU C 397 15.49 -11.72 -11.13
N PHE C 398 16.04 -12.42 -12.14
CA PHE C 398 16.92 -11.82 -13.15
C PHE C 398 16.75 -12.58 -14.48
N ASP C 399 16.03 -11.96 -15.41
CA ASP C 399 15.71 -12.61 -16.68
C ASP C 399 16.89 -12.51 -17.65
N GLU C 400 17.67 -13.58 -17.72
CA GLU C 400 18.94 -13.54 -18.43
C GLU C 400 18.74 -13.45 -19.94
N LYS C 401 17.72 -14.14 -20.47
CA LYS C 401 17.36 -13.98 -21.88
C LYS C 401 17.11 -12.52 -22.27
N LEU C 402 16.29 -11.83 -21.49
CA LEU C 402 15.95 -10.46 -21.80
C LEU C 402 17.08 -9.50 -21.43
N ALA C 403 17.82 -9.81 -20.36
CA ALA C 403 19.02 -9.01 -20.05
C ALA C 403 20.00 -8.98 -21.22
N ALA C 404 20.04 -10.06 -22.00
CA ALA C 404 20.99 -10.13 -23.12
C ALA C 404 20.52 -9.35 -24.34
N LYS C 405 19.30 -8.82 -24.29
CA LYS C 405 18.80 -7.91 -25.32
C LYS C 405 19.37 -6.48 -25.17
N TYR C 406 19.92 -6.16 -24.01
CA TYR C 406 20.52 -4.83 -23.82
C TYR C 406 21.99 -4.91 -23.44
N PRO C 407 22.87 -4.90 -24.44
CA PRO C 407 24.31 -4.90 -24.16
C PRO C 407 24.77 -3.64 -23.43
N TYR C 408 25.93 -3.75 -22.80
CA TYR C 408 26.55 -2.64 -22.07
C TYR C 408 26.80 -1.43 -22.96
N GLU C 409 26.61 -0.24 -22.40
CA GLU C 409 26.80 0.98 -23.14
C GLU C 409 27.55 1.93 -22.22
N PRO C 410 28.73 2.42 -22.65
CA PRO C 410 29.58 3.27 -21.82
C PRO C 410 28.87 4.52 -21.33
N ALA C 411 29.00 4.83 -20.04
CA ALA C 411 28.30 5.98 -19.48
C ALA C 411 28.86 6.43 -18.13
N TYR C 412 29.09 7.74 -18.01
CA TYR C 412 29.87 8.24 -16.90
C TYR C 412 29.20 9.41 -16.15
N LEU C 413 29.40 9.44 -14.83
CA LEU C 413 28.89 10.54 -14.00
C LEU C 413 29.57 11.83 -14.37
N PRO C 414 28.87 12.96 -14.16
CA PRO C 414 29.43 14.27 -14.50
C PRO C 414 30.51 14.69 -13.52
N VAL C 415 31.36 15.61 -13.96
CA VAL C 415 32.25 16.33 -13.06
C VAL C 415 31.80 17.78 -12.86
N ALA C 416 32.28 18.38 -11.78
CA ALA C 416 32.01 19.77 -11.50
C ALA C 416 33.27 20.60 -11.53
N ARG C 417 33.20 21.74 -12.20
CA ARG C 417 34.27 22.72 -12.19
C ARG C 417 33.82 24.10 -11.68
N LEU C 418 34.67 24.73 -10.88
CA LEU C 418 34.47 26.14 -10.50
C LEU C 418 34.48 27.02 -11.74
N GLU C 419 33.95 28.24 -11.61
CA GLU C 419 34.06 29.27 -12.64
C GLU C 419 35.51 29.43 -13.09
N ASP C 420 36.43 29.28 -12.12
CA ASP C 420 37.86 29.01 -12.32
C ASP C 420 38.22 27.97 -13.36
N GLY C 421 37.41 26.92 -13.42
CA GLY C 421 37.76 25.71 -14.15
C GLY C 421 38.44 24.72 -13.22
N THR C 422 38.44 25.05 -11.92
CA THR C 422 39.05 24.18 -10.93
C THR C 422 38.22 22.91 -10.81
N LEU C 423 38.86 21.75 -10.84
CA LEU C 423 38.06 20.54 -10.67
C LEU C 423 37.51 20.42 -9.25
N TRP C 424 36.19 20.45 -9.14
CA TRP C 424 35.55 20.46 -7.84
C TRP C 424 34.91 19.11 -7.58
N ASN C 425 34.21 19.01 -6.45
CA ASN C 425 33.46 17.81 -6.10
C ASN C 425 32.08 17.84 -6.73
N TRP C 426 31.73 16.77 -7.44
CA TRP C 426 30.40 16.72 -8.07
C TRP C 426 29.36 16.09 -7.15
N LYS D 24 3.09 -18.05 16.32
CA LYS D 24 2.57 -17.49 17.56
C LYS D 24 3.01 -18.25 18.81
N ILE D 25 3.22 -17.52 19.89
CA ILE D 25 3.68 -18.18 21.10
C ILE D 25 2.50 -18.53 21.99
N VAL D 26 2.43 -19.80 22.41
CA VAL D 26 1.28 -20.26 23.20
C VAL D 26 1.62 -20.57 24.66
N LYS D 27 2.88 -20.89 24.91
CA LYS D 27 3.38 -21.06 26.28
C LYS D 27 4.81 -20.52 26.43
N ALA D 28 5.07 -19.88 27.57
CA ALA D 28 6.43 -19.56 27.99
C ALA D 28 6.58 -20.01 29.44
N GLU D 29 7.34 -21.07 29.68
CA GLU D 29 7.33 -21.67 31.02
C GLU D 29 8.70 -21.70 31.71
N VAL D 30 8.70 -21.44 33.01
CA VAL D 30 9.93 -21.43 33.77
C VAL D 30 10.16 -22.70 34.61
N PHE D 31 11.37 -23.23 34.55
CA PHE D 31 11.74 -24.41 35.32
C PHE D 31 13.00 -24.12 36.12
N VAL D 32 12.92 -24.22 37.45
CA VAL D 32 14.10 -24.20 38.32
C VAL D 32 14.41 -25.61 38.82
N THR D 33 15.70 -26.00 38.78
CA THR D 33 16.10 -27.35 39.16
C THR D 33 17.53 -27.36 39.71
N CYS D 34 17.80 -28.26 40.65
CA CYS D 34 19.11 -28.33 41.31
C CYS D 34 19.78 -29.73 41.29
N PRO D 35 20.41 -30.09 40.15
CA PRO D 35 21.17 -31.34 40.04
C PRO D 35 22.71 -31.26 39.82
N GLY D 36 23.55 -31.07 40.82
CA GLY D 36 23.22 -30.63 42.15
C GLY D 36 23.82 -29.24 42.23
N ARG D 37 23.22 -28.34 41.46
CA ARG D 37 23.42 -26.89 41.54
C ARG D 37 22.32 -26.25 40.71
N ASN D 38 21.83 -25.10 41.16
CA ASN D 38 20.66 -24.45 40.55
C ASN D 38 20.82 -24.05 39.06
N PHE D 39 19.82 -24.40 38.26
CA PHE D 39 19.68 -23.84 36.92
C PHE D 39 18.26 -23.30 36.76
N VAL D 40 18.13 -22.12 36.14
CA VAL D 40 16.82 -21.61 35.75
C VAL D 40 16.69 -21.68 34.22
N THR D 41 15.71 -22.47 33.75
CA THR D 41 15.49 -22.71 32.32
C THR D 41 14.18 -22.14 31.78
N LEU D 42 14.23 -21.55 30.60
CA LEU D 42 13.05 -21.00 29.95
C LEU D 42 12.68 -21.83 28.74
N LYS D 43 11.44 -22.29 28.68
CA LYS D 43 10.94 -23.04 27.54
C LYS D 43 9.78 -22.31 26.90
N ILE D 44 9.95 -21.93 25.63
CA ILE D 44 8.91 -21.31 24.82
C ILE D 44 8.36 -22.35 23.84
N THR D 45 7.04 -22.41 23.71
CA THR D 45 6.38 -23.35 22.80
C THR D 45 5.56 -22.54 21.79
N THR D 46 5.58 -22.95 20.52
CA THR D 46 4.82 -22.24 19.47
C THR D 46 3.55 -22.97 19.11
N GLU D 47 2.65 -22.29 18.42
CA GLU D 47 1.36 -22.87 18.04
C GLU D 47 1.47 -24.21 17.31
N ASP D 48 2.52 -24.36 16.50
CA ASP D 48 2.71 -25.58 15.71
C ASP D 48 3.75 -26.54 16.29
N GLY D 49 4.08 -26.39 17.58
CA GLY D 49 4.87 -27.40 18.25
C GLY D 49 6.36 -27.15 18.41
N ILE D 50 6.88 -26.08 17.83
CA ILE D 50 8.30 -25.79 17.94
C ILE D 50 8.64 -25.32 19.36
N THR D 51 9.71 -25.87 19.92
CA THR D 51 10.09 -25.51 21.28
C THR D 51 11.43 -24.81 21.29
N GLY D 52 11.63 -23.93 22.27
CA GLY D 52 12.87 -23.20 22.42
C GLY D 52 13.35 -23.19 23.87
N LEU D 53 14.65 -23.40 24.05
CA LEU D 53 15.25 -23.35 25.37
C LEU D 53 16.22 -22.18 25.51
N GLY D 54 16.16 -21.52 26.65
CA GLY D 54 17.06 -20.42 26.96
C GLY D 54 17.50 -20.51 28.40
N ASP D 55 18.76 -20.15 28.68
CA ASP D 55 19.27 -20.24 30.04
C ASP D 55 19.18 -18.87 30.75
N ALA D 56 18.75 -18.87 32.01
CA ALA D 56 18.45 -17.63 32.72
C ALA D 56 19.13 -17.60 34.09
N THR D 57 19.97 -18.60 34.32
CA THR D 57 20.60 -18.84 35.59
C THR D 57 21.55 -17.72 35.97
N LEU D 58 21.29 -17.13 37.14
CA LEU D 58 22.11 -16.05 37.66
C LEU D 58 22.58 -16.48 39.04
N ASN D 59 23.85 -16.86 39.12
CA ASN D 59 24.38 -17.55 40.28
C ASN D 59 24.20 -16.81 41.60
N GLY D 60 23.41 -17.38 42.50
CA GLY D 60 23.20 -16.83 43.84
C GLY D 60 22.05 -15.85 43.98
N ARG D 61 21.32 -15.62 42.88
CA ARG D 61 20.15 -14.74 42.89
C ARG D 61 19.10 -15.31 41.95
N GLU D 62 19.06 -16.62 41.82
CA GLU D 62 18.31 -17.25 40.72
C GLU D 62 16.80 -17.02 40.72
N LEU D 63 16.23 -16.83 41.91
CA LEU D 63 14.78 -16.80 42.07
C LEU D 63 14.21 -15.43 41.67
N SER D 64 15.02 -14.39 41.79
CA SER D 64 14.66 -13.08 41.30
C SER D 64 14.53 -13.17 39.79
N VAL D 65 15.46 -13.86 39.14
CA VAL D 65 15.42 -13.95 37.70
C VAL D 65 14.25 -14.86 37.30
N ALA D 66 13.97 -15.87 38.12
CA ALA D 66 12.81 -16.72 37.84
C ALA D 66 11.53 -15.91 38.03
N SER D 67 11.56 -14.93 38.90
CA SER D 67 10.39 -14.07 39.10
C SER D 67 10.18 -13.10 37.93
N TYR D 68 11.25 -12.40 37.56
CA TYR D 68 11.22 -11.50 36.43
C TYR D 68 10.61 -12.20 35.22
N LEU D 69 10.97 -13.47 35.06
CA LEU D 69 10.45 -14.23 33.93
C LEU D 69 8.98 -14.64 34.15
N GLN D 70 8.70 -15.59 35.03
CA GLN D 70 7.30 -16.05 35.19
C GLN D 70 6.30 -14.97 35.60
N ASP D 71 6.73 -14.03 36.43
CA ASP D 71 5.78 -13.06 37.00
C ASP D 71 5.43 -11.92 36.05
N HIS D 72 6.43 -11.40 35.34
CA HIS D 72 6.28 -10.19 34.55
C HIS D 72 6.49 -10.41 33.05
N LEU D 73 7.53 -11.16 32.69
CA LEU D 73 7.91 -11.25 31.30
C LEU D 73 7.17 -12.34 30.49
N CYS D 74 6.99 -13.52 31.08
CA CYS D 74 6.37 -14.62 30.32
C CYS D 74 4.89 -14.41 29.90
N PRO D 75 4.09 -13.77 30.76
CA PRO D 75 2.73 -13.53 30.27
C PRO D 75 2.64 -12.56 29.08
N GLN D 76 3.62 -11.68 28.92
CA GLN D 76 3.61 -10.68 27.84
C GLN D 76 4.16 -11.28 26.56
N LEU D 77 4.73 -12.45 26.78
CA LEU D 77 5.15 -13.37 25.76
C LEU D 77 4.16 -14.51 25.74
N ILE D 78 2.90 -14.22 25.46
CA ILE D 78 1.93 -15.21 24.98
C ILE D 78 1.12 -14.50 23.89
N GLY D 79 0.95 -15.15 22.74
CA GLY D 79 0.21 -14.53 21.67
C GLY D 79 1.09 -13.77 20.70
N ARG D 80 2.37 -13.64 21.02
CA ARG D 80 3.31 -12.96 20.12
C ARG D 80 3.85 -13.85 18.99
N ASP D 81 4.36 -13.19 17.96
CA ASP D 81 5.04 -13.85 16.86
C ASP D 81 6.52 -14.08 17.23
N ALA D 82 6.85 -15.35 17.48
CA ALA D 82 8.22 -15.80 17.79
C ALA D 82 9.27 -15.50 16.69
N HIS D 83 8.83 -15.22 15.48
CA HIS D 83 9.77 -14.77 14.43
C HIS D 83 10.43 -13.43 14.78
N ARG D 84 9.69 -12.56 15.44
CA ARG D 84 10.14 -11.19 15.66
C ARG D 84 11.09 -11.08 16.85
N ILE D 85 12.27 -11.66 16.70
CA ILE D 85 13.21 -11.75 17.81
C ILE D 85 13.69 -10.38 18.24
N GLU D 86 14.04 -9.54 17.27
CA GLU D 86 14.58 -8.23 17.60
C GLU D 86 13.53 -7.39 18.32
N ASP D 87 12.30 -7.37 17.80
CA ASP D 87 11.28 -6.55 18.40
C ASP D 87 11.05 -6.95 19.85
N ILE D 88 11.02 -8.26 20.11
CA ILE D 88 10.86 -8.79 21.46
C ILE D 88 12.04 -8.37 22.35
N TRP D 89 13.25 -8.46 21.81
CA TRP D 89 14.43 -8.01 22.54
C TRP D 89 14.27 -6.54 22.90
N GLN D 90 13.98 -5.70 21.91
CA GLN D 90 13.84 -4.26 22.16
C GLN D 90 12.66 -3.94 23.08
N PHE D 91 11.55 -4.64 22.85
CA PHE D 91 10.31 -4.44 23.61
C PHE D 91 10.63 -4.62 25.08
N PHE D 92 11.32 -5.71 25.43
CA PHE D 92 11.71 -5.95 26.82
C PHE D 92 12.88 -5.10 27.28
N TYR D 93 13.83 -4.82 26.39
CA TYR D 93 14.98 -4.00 26.79
C TYR D 93 14.55 -2.57 27.15
N LYS D 94 13.92 -1.89 26.21
CA LYS D 94 13.48 -0.50 26.42
C LYS D 94 12.16 -0.42 27.20
N GLY D 95 11.28 -1.38 26.96
CA GLY D 95 10.00 -1.41 27.63
C GLY D 95 10.06 -1.60 29.12
N ALA D 96 11.10 -2.23 29.64
CA ALA D 96 11.20 -2.39 31.08
C ALA D 96 11.28 -1.03 31.79
N TYR D 97 11.57 0.01 31.02
CA TYR D 97 11.78 1.39 31.49
C TYR D 97 13.05 1.49 32.35
N TRP D 98 13.19 0.60 33.34
CA TRP D 98 14.44 0.52 34.12
C TRP D 98 15.38 -0.45 33.40
N ARG D 99 16.47 0.07 32.84
CA ARG D 99 17.10 -0.62 31.71
C ARG D 99 18.24 -1.61 31.99
N ARG D 100 19.14 -1.32 32.91
CA ARG D 100 20.34 -2.16 32.81
C ARG D 100 20.73 -3.03 33.99
N GLY D 101 20.92 -4.31 33.75
CA GLY D 101 21.52 -5.10 34.81
C GLY D 101 21.33 -6.60 34.82
N PRO D 102 21.89 -7.24 35.85
CA PRO D 102 22.12 -8.69 35.90
C PRO D 102 20.84 -9.49 35.88
N VAL D 103 19.92 -9.19 36.80
CA VAL D 103 18.62 -9.86 36.83
C VAL D 103 17.89 -9.59 35.52
N THR D 104 17.77 -8.30 35.21
CA THR D 104 17.09 -7.84 34.01
C THR D 104 17.56 -8.52 32.72
N MET D 105 18.88 -8.66 32.56
CA MET D 105 19.41 -9.21 31.31
C MET D 105 19.48 -10.74 31.26
N SER D 106 19.48 -11.39 32.42
CA SER D 106 19.40 -12.84 32.45
C SER D 106 18.04 -13.28 31.89
N ALA D 107 17.00 -12.54 32.25
CA ALA D 107 15.67 -12.86 31.77
C ALA D 107 15.55 -12.58 30.26
N ILE D 108 15.91 -11.36 29.87
CA ILE D 108 15.90 -10.97 28.45
C ILE D 108 16.67 -11.96 27.58
N SER D 109 17.88 -12.31 28.04
CA SER D 109 18.75 -13.24 27.33
C SER D 109 18.14 -14.62 27.21
N ALA D 110 17.41 -15.05 28.24
CA ALA D 110 16.78 -16.37 28.22
C ALA D 110 15.79 -16.42 27.08
N VAL D 111 14.88 -15.44 27.07
CA VAL D 111 13.95 -15.26 25.95
C VAL D 111 14.64 -15.33 24.59
N ASP D 112 15.73 -14.59 24.43
CA ASP D 112 16.46 -14.48 23.16
C ASP D 112 17.04 -15.81 22.68
N MET D 113 17.73 -16.49 23.60
CA MET D 113 18.36 -17.76 23.33
C MET D 113 17.30 -18.75 22.88
N ALA D 114 16.14 -18.66 23.53
CA ALA D 114 15.03 -19.56 23.27
C ALA D 114 14.39 -19.30 21.92
N LEU D 115 14.35 -18.04 21.51
CA LEU D 115 13.74 -17.68 20.24
C LEU D 115 14.65 -18.00 19.06
N TRP D 116 15.97 -17.84 19.23
CA TRP D 116 16.90 -18.19 18.17
C TRP D 116 16.89 -19.71 17.99
N ASP D 117 16.69 -20.41 19.10
CA ASP D 117 16.57 -21.85 19.14
C ASP D 117 15.37 -22.27 18.30
N ILE D 118 14.29 -21.48 18.38
CA ILE D 118 13.09 -21.75 17.58
C ILE D 118 13.30 -21.38 16.11
N LYS D 119 14.00 -20.28 15.87
CA LYS D 119 14.21 -19.80 14.51
C LYS D 119 15.09 -20.76 13.73
N ALA D 120 16.12 -21.29 14.38
CA ALA D 120 16.99 -22.26 13.72
C ALA D 120 16.27 -23.59 13.45
N LYS D 121 15.36 -23.98 14.34
CA LYS D 121 14.56 -25.18 14.09
C LYS D 121 13.66 -24.92 12.89
N ALA D 122 12.94 -23.79 12.90
CA ALA D 122 12.04 -23.48 11.78
C ALA D 122 12.79 -23.40 10.45
N ALA D 123 14.05 -22.97 10.49
CA ALA D 123 14.90 -22.96 9.31
C ALA D 123 15.54 -24.31 9.07
N ASN D 124 15.36 -25.24 10.02
CA ASN D 124 15.96 -26.58 9.97
C ASN D 124 17.47 -26.57 9.78
N MET D 125 18.15 -25.76 10.59
CA MET D 125 19.60 -25.63 10.51
C MET D 125 20.21 -25.58 11.92
N PRO D 126 21.47 -26.02 12.05
CA PRO D 126 22.11 -25.74 13.34
C PRO D 126 22.21 -24.23 13.49
N LEU D 127 22.20 -23.73 14.73
CA LEU D 127 22.13 -22.30 14.98
C LEU D 127 23.21 -21.47 14.28
N TYR D 128 24.45 -21.96 14.31
CA TYR D 128 25.62 -21.21 13.82
C TYR D 128 25.50 -20.85 12.35
N GLN D 129 24.67 -21.61 11.63
CA GLN D 129 24.52 -21.48 10.20
C GLN D 129 23.73 -20.20 9.89
N LEU D 130 22.83 -19.83 10.81
CA LEU D 130 22.03 -18.62 10.66
C LEU D 130 22.82 -17.37 10.95
N LEU D 131 23.84 -17.51 11.80
CA LEU D 131 24.65 -16.37 12.21
C LEU D 131 25.65 -15.97 11.14
N GLY D 132 25.78 -16.78 10.09
CA GLY D 132 26.71 -16.51 9.02
C GLY D 132 27.59 -17.70 8.67
N GLY D 133 27.46 -18.77 9.43
CA GLY D 133 28.24 -19.97 9.16
C GLY D 133 29.47 -20.06 10.04
N ALA D 134 30.20 -21.16 9.91
CA ALA D 134 31.38 -21.39 10.72
C ALA D 134 32.59 -20.64 10.16
N SER D 135 33.28 -19.89 11.01
CA SER D 135 34.56 -19.29 10.66
C SER D 135 35.69 -20.25 11.00
N ARG D 136 35.33 -21.39 11.59
CA ARG D 136 36.33 -22.36 12.02
C ARG D 136 35.74 -23.76 12.05
N GLU D 137 36.61 -24.76 12.15
CA GLU D 137 36.07 -26.11 12.25
C GLU D 137 36.13 -26.67 13.67
N GLY D 138 36.41 -25.81 14.64
CA GLY D 138 36.46 -26.23 16.03
C GLY D 138 36.62 -25.07 17.01
N VAL D 139 36.06 -25.22 18.20
CA VAL D 139 36.12 -24.18 19.23
C VAL D 139 37.11 -24.53 20.34
N MET D 140 38.27 -23.88 20.33
CA MET D 140 39.28 -24.05 21.39
C MET D 140 38.67 -23.76 22.74
N VAL D 141 38.97 -24.58 23.73
CA VAL D 141 38.37 -24.36 25.04
C VAL D 141 39.44 -24.33 26.12
N TYR D 142 39.09 -23.84 27.30
CA TYR D 142 40.05 -23.99 28.39
C TYR D 142 39.46 -24.61 29.64
N CYS D 143 40.31 -25.31 30.37
CA CYS D 143 39.90 -26.01 31.58
C CYS D 143 40.43 -25.32 32.84
N HIS D 144 39.98 -25.80 33.99
CA HIS D 144 40.42 -25.27 35.27
C HIS D 144 41.42 -26.20 35.95
N THR D 145 42.64 -25.74 36.17
CA THR D 145 43.59 -26.49 36.98
C THR D 145 43.93 -25.69 38.23
N THR D 146 44.13 -26.41 39.33
CA THR D 146 44.45 -25.78 40.59
C THR D 146 45.35 -26.79 41.27
N GLY D 147 45.90 -26.42 42.42
CA GLY D 147 46.48 -27.36 43.35
C GLY D 147 46.37 -26.61 44.65
N HIS D 148 46.58 -27.27 45.80
CA HIS D 148 46.61 -26.54 47.06
C HIS D 148 48.03 -26.03 47.26
N SER D 149 48.97 -26.62 46.53
CA SER D 149 50.37 -26.21 46.53
C SER D 149 50.84 -26.22 45.07
N ILE D 150 52.03 -25.69 44.81
CA ILE D 150 52.57 -25.67 43.44
C ILE D 150 52.65 -27.07 42.82
N ASP D 151 53.12 -28.05 43.60
CA ASP D 151 53.25 -29.40 43.08
C ASP D 151 51.90 -30.10 42.87
N GLU D 152 50.89 -29.75 43.65
CA GLU D 152 49.55 -30.29 43.39
C GLU D 152 49.01 -29.70 42.09
N ALA D 153 49.34 -28.45 41.84
CA ALA D 153 48.84 -27.73 40.68
C ALA D 153 49.53 -28.21 39.39
N LEU D 154 50.80 -28.59 39.50
CA LEU D 154 51.50 -29.07 38.31
C LEU D 154 51.02 -30.47 37.96
N ASP D 155 50.64 -31.22 38.98
CA ASP D 155 50.15 -32.57 38.78
C ASP D 155 48.81 -32.47 38.04
N ASP D 156 48.00 -31.49 38.45
CA ASP D 156 46.71 -31.22 37.83
C ASP D 156 46.91 -30.64 36.42
N TYR D 157 47.90 -29.75 36.29
CA TYR D 157 48.25 -29.22 34.95
C TYR D 157 48.55 -30.38 34.01
N ALA D 158 49.52 -31.21 34.36
CA ALA D 158 49.90 -32.36 33.54
C ALA D 158 48.74 -33.29 33.20
N ARG D 159 47.86 -33.53 34.17
CA ARG D 159 46.73 -34.41 33.95
C ARG D 159 45.70 -33.86 32.93
N HIS D 160 45.69 -32.56 32.69
CA HIS D 160 44.73 -32.00 31.74
C HIS D 160 45.37 -31.88 30.38
N GLN D 161 46.70 -31.94 30.38
CA GLN D 161 47.49 -31.98 29.17
C GLN D 161 47.20 -33.27 28.40
N GLU D 162 47.39 -34.41 29.05
CA GLU D 162 47.18 -35.68 28.39
C GLU D 162 45.71 -35.82 28.00
N LEU D 163 44.83 -35.18 28.77
CA LEU D 163 43.41 -35.10 28.48
C LEU D 163 43.09 -34.29 27.22
N GLY D 164 44.04 -33.48 26.74
CA GLY D 164 43.90 -32.85 25.43
C GLY D 164 43.85 -31.34 25.36
N PHE D 165 43.47 -30.69 26.46
CA PHE D 165 43.33 -29.24 26.46
C PHE D 165 44.58 -28.55 25.93
N LYS D 166 44.37 -27.50 25.15
CA LYS D 166 45.45 -26.73 24.54
C LYS D 166 45.68 -25.45 25.35
N ALA D 167 44.67 -25.12 26.16
CA ALA D 167 44.66 -23.89 26.96
C ALA D 167 44.34 -24.24 28.42
N ILE D 168 45.21 -23.84 29.33
CA ILE D 168 45.06 -24.28 30.72
C ILE D 168 45.11 -23.11 31.71
N ARG D 169 44.10 -23.02 32.57
CA ARG D 169 44.02 -21.95 33.55
C ARG D 169 44.52 -22.44 34.89
N VAL D 170 45.64 -21.87 35.35
CA VAL D 170 46.29 -22.31 36.57
C VAL D 170 46.07 -21.38 37.76
N GLN D 171 45.96 -21.99 38.94
CA GLN D 171 45.71 -21.29 40.18
C GLN D 171 46.29 -22.21 41.24
N CYS D 172 46.67 -21.65 42.40
CA CYS D 172 46.97 -22.51 43.55
C CYS D 172 46.98 -21.69 44.85
N GLY D 173 46.53 -22.28 45.96
CA GLY D 173 46.41 -21.57 47.21
C GLY D 173 47.72 -20.96 47.64
N ILE D 174 47.65 -20.03 48.60
CA ILE D 174 48.82 -19.23 48.99
C ILE D 174 49.26 -19.45 50.45
N PRO D 175 50.58 -19.63 50.66
CA PRO D 175 51.34 -19.84 51.91
C PRO D 175 50.94 -19.00 53.13
N GLY D 176 49.80 -19.29 53.76
CA GLY D 176 49.40 -18.53 54.95
C GLY D 176 48.28 -19.18 55.74
N PRO D 200 26.83 -16.41 53.23
CA PRO D 200 27.82 -16.99 52.31
C PRO D 200 29.14 -17.24 53.04
N GLU D 201 30.04 -18.02 52.43
CA GLU D 201 31.39 -18.20 52.97
C GLU D 201 32.15 -16.88 52.96
N GLU D 202 32.89 -16.63 54.03
CA GLU D 202 33.65 -15.39 54.14
C GLU D 202 35.11 -15.72 54.05
N GLN D 203 35.76 -15.34 52.95
CA GLN D 203 37.16 -15.72 52.78
C GLN D 203 38.15 -14.59 53.04
N LEU D 204 39.32 -14.96 53.56
CA LEU D 204 40.36 -13.99 53.84
C LEU D 204 41.16 -13.72 52.58
N TRP D 205 41.47 -12.45 52.33
CA TRP D 205 42.36 -12.08 51.25
C TRP D 205 43.52 -11.24 51.75
N SER D 206 44.68 -11.38 51.07
CA SER D 206 45.81 -10.46 51.20
C SER D 206 46.50 -10.28 49.83
N THR D 207 46.41 -9.08 49.30
CA THR D 207 46.98 -8.76 48.00
C THR D 207 48.50 -8.91 48.01
N GLU D 208 49.10 -8.48 49.11
CA GLU D 208 50.52 -8.54 49.30
C GLU D 208 51.11 -9.93 49.07
N LYS D 209 50.56 -10.93 49.73
CA LYS D 209 51.10 -12.28 49.66
C LYS D 209 50.92 -12.87 48.26
N TYR D 210 49.81 -12.52 47.62
CA TYR D 210 49.50 -12.88 46.25
C TYR D 210 50.56 -12.36 45.28
N LEU D 211 50.85 -11.06 45.37
CA LEU D 211 51.86 -10.43 44.52
C LEU D 211 53.24 -11.10 44.67
N ASP D 212 53.67 -11.35 45.90
CA ASP D 212 55.01 -11.89 46.12
C ASP D 212 55.08 -13.37 45.71
N PHE D 213 53.95 -14.06 45.69
CA PHE D 213 53.95 -15.50 45.44
C PHE D 213 53.52 -16.00 44.05
N MET D 214 52.40 -15.51 43.53
CA MET D 214 51.88 -16.09 42.28
C MET D 214 52.84 -16.22 41.09
N PRO D 215 53.71 -15.20 40.84
CA PRO D 215 54.62 -15.41 39.71
C PRO D 215 55.43 -16.71 39.85
N LYS D 216 55.74 -17.12 41.08
CA LYS D 216 56.37 -18.44 41.29
C LYS D 216 55.60 -19.55 40.58
N LEU D 217 54.27 -19.52 40.67
CA LEU D 217 53.45 -20.58 40.05
C LEU D 217 53.76 -20.72 38.57
N PHE D 218 53.73 -19.60 37.86
CA PHE D 218 53.86 -19.63 36.41
C PHE D 218 55.28 -19.99 35.98
N ASP D 219 56.27 -19.73 36.83
CA ASP D 219 57.62 -20.17 36.55
C ASP D 219 57.64 -21.68 36.55
N ALA D 220 57.16 -22.29 37.64
CA ALA D 220 57.15 -23.75 37.78
C ALA D 220 56.35 -24.43 36.65
N VAL D 221 55.26 -23.81 36.23
CA VAL D 221 54.53 -24.33 35.07
C VAL D 221 55.42 -24.34 33.84
N ARG D 222 55.87 -23.14 33.46
CA ARG D 222 56.69 -22.92 32.28
C ARG D 222 57.98 -23.73 32.33
N ASN D 223 58.55 -23.92 33.51
CA ASN D 223 59.81 -24.66 33.57
C ASN D 223 59.62 -26.17 33.45
N LYS D 224 58.54 -26.69 34.03
CA LYS D 224 58.31 -28.12 33.96
C LYS D 224 57.79 -28.51 32.58
N PHE D 225 56.63 -27.96 32.23
CA PHE D 225 56.12 -28.07 30.88
C PHE D 225 56.60 -26.81 30.22
N GLY D 226 57.00 -26.88 28.96
CA GLY D 226 57.45 -25.68 28.28
C GLY D 226 56.32 -24.72 28.05
N PHE D 227 56.23 -24.24 26.82
CA PHE D 227 55.07 -23.51 26.40
C PHE D 227 54.21 -24.47 25.64
N ASP D 228 53.67 -23.97 24.54
CA ASP D 228 52.77 -24.76 23.67
C ASP D 228 51.35 -24.88 24.22
N GLU D 229 51.17 -25.15 25.51
CA GLU D 229 49.84 -24.92 26.09
C GLU D 229 49.60 -23.45 26.45
N HIS D 230 48.40 -22.97 26.15
CA HIS D 230 48.04 -21.60 26.50
C HIS D 230 47.87 -21.49 28.01
N LEU D 231 48.44 -20.42 28.57
CA LEU D 231 48.50 -20.26 30.02
C LEU D 231 47.55 -19.19 30.51
N LEU D 232 46.64 -19.57 31.38
CA LEU D 232 45.61 -18.66 31.85
C LEU D 232 45.70 -18.46 33.34
N HIS D 233 45.18 -17.34 33.82
CA HIS D 233 45.10 -17.10 35.25
C HIS D 233 44.03 -16.06 35.56
N ASP D 234 43.22 -16.35 36.58
CA ASP D 234 42.05 -15.57 36.94
C ASP D 234 42.41 -14.78 38.18
N MET D 235 42.20 -13.46 38.16
CA MET D 235 42.65 -12.63 39.28
C MET D 235 41.59 -12.30 40.30
N HIS D 236 40.34 -12.67 39.96
CA HIS D 236 39.22 -12.63 40.89
C HIS D 236 38.98 -11.26 41.47
N HIS D 237 39.19 -10.26 40.62
CA HIS D 237 39.20 -8.89 41.07
C HIS D 237 40.33 -8.76 42.09
N ARG D 238 40.12 -8.30 43.32
CA ARG D 238 41.26 -7.87 44.14
C ARG D 238 42.11 -6.90 43.34
N LEU D 239 43.26 -6.53 43.86
CA LEU D 239 44.19 -5.71 43.12
C LEU D 239 43.64 -4.38 42.59
N THR D 240 44.16 -3.32 43.18
CA THR D 240 44.12 -1.97 42.66
C THR D 240 44.63 -1.95 41.20
N PRO D 241 44.37 -0.88 40.45
CA PRO D 241 45.00 -0.77 39.12
C PRO D 241 46.53 -0.82 39.13
N ILE D 242 47.19 -0.04 39.99
CA ILE D 242 48.65 -0.06 40.03
C ILE D 242 49.20 -1.39 40.54
N GLU D 243 48.48 -2.04 41.46
CA GLU D 243 48.85 -3.40 41.83
C GLU D 243 48.81 -4.33 40.61
N ALA D 244 47.78 -4.20 39.80
CA ALA D 244 47.63 -5.01 38.58
C ALA D 244 48.69 -4.75 37.53
N ALA D 245 49.07 -3.47 37.38
CA ALA D 245 50.17 -3.11 36.51
C ALA D 245 51.43 -3.86 36.95
N ARG D 246 51.65 -3.88 38.26
CA ARG D 246 52.82 -4.56 38.82
C ARG D 246 52.73 -6.08 38.65
N PHE D 247 51.56 -6.67 38.91
CA PHE D 247 51.38 -8.09 38.66
C PHE D 247 51.66 -8.51 37.22
N GLY D 248 51.21 -7.69 36.26
CA GLY D 248 51.35 -8.03 34.85
C GLY D 248 52.81 -7.96 34.45
N LYS D 249 53.46 -6.87 34.84
CA LYS D 249 54.89 -6.68 34.62
C LYS D 249 55.65 -7.89 35.10
N SER D 250 55.37 -8.27 36.35
CA SER D 250 56.08 -9.34 37.03
C SER D 250 55.95 -10.70 36.36
N ILE D 251 55.07 -10.82 35.37
CA ILE D 251 54.83 -12.11 34.72
C ILE D 251 54.89 -12.13 33.17
N GLU D 252 55.26 -11.02 32.54
CA GLU D 252 55.33 -10.99 31.07
C GLU D 252 56.34 -12.03 30.62
N ASP D 253 57.33 -12.25 31.48
CA ASP D 253 58.39 -13.20 31.25
C ASP D 253 57.86 -14.60 30.84
N TYR D 254 56.64 -14.93 31.30
CA TYR D 254 56.03 -16.25 31.05
C TYR D 254 55.00 -16.30 29.89
N ARG D 255 54.82 -15.19 29.18
CA ARG D 255 53.87 -15.08 28.05
C ARG D 255 52.47 -15.70 28.28
N MET D 256 51.76 -15.17 29.28
CA MET D 256 50.39 -15.58 29.56
C MET D 256 49.41 -15.33 28.41
N PHE D 257 48.40 -16.21 28.29
CA PHE D 257 47.27 -16.00 27.39
C PHE D 257 46.44 -14.81 27.89
N TRP D 258 45.93 -14.92 29.12
CA TRP D 258 45.30 -13.78 29.79
C TRP D 258 45.92 -13.54 31.11
N MET D 259 45.60 -12.37 31.61
CA MET D 259 45.50 -12.11 33.01
C MET D 259 44.08 -11.55 33.16
N GLU D 260 43.22 -12.29 33.85
CA GLU D 260 41.78 -12.05 33.80
C GLU D 260 41.24 -11.32 35.05
N ASP D 261 40.29 -10.39 34.85
CA ASP D 261 39.66 -9.64 35.94
C ASP D 261 40.60 -9.01 36.97
N PRO D 262 41.60 -8.24 36.51
CA PRO D 262 42.63 -7.70 37.40
C PRO D 262 42.15 -6.75 38.49
N THR D 263 41.11 -5.96 38.22
CA THR D 263 40.61 -4.98 39.17
C THR D 263 39.12 -4.82 38.86
N PRO D 264 38.31 -4.44 39.86
CA PRO D 264 36.90 -4.11 39.62
C PRO D 264 36.72 -3.13 38.47
N ALA D 265 35.77 -3.41 37.59
CA ALA D 265 35.65 -2.68 36.33
C ALA D 265 34.46 -1.74 36.15
N GLU D 266 33.73 -1.42 37.22
CA GLU D 266 32.64 -0.44 37.17
C GLU D 266 33.08 0.90 36.58
N ASN D 267 34.25 1.37 37.01
CA ASN D 267 34.93 2.52 36.42
C ASN D 267 35.90 1.94 35.41
N GLN D 268 35.60 2.10 34.13
CA GLN D 268 36.38 1.43 33.10
C GLN D 268 37.73 2.12 32.94
N GLU D 269 37.82 3.39 33.33
CA GLU D 269 39.09 4.12 33.29
C GLU D 269 40.19 3.50 34.19
N CYS D 270 39.81 2.64 35.13
CA CYS D 270 40.80 1.99 36.01
C CYS D 270 41.72 0.98 35.30
N PHE D 271 41.36 0.56 34.09
CA PHE D 271 42.20 -0.36 33.33
C PHE D 271 43.24 0.39 32.52
N ARG D 272 43.14 1.72 32.51
CA ARG D 272 44.12 2.53 31.80
C ARG D 272 45.53 2.37 32.37
N LEU D 273 45.64 2.33 33.70
CA LEU D 273 46.95 2.29 34.39
C LEU D 273 47.63 0.96 34.21
N ILE D 274 46.84 -0.09 34.07
CA ILE D 274 47.39 -1.43 33.92
C ILE D 274 47.96 -1.54 32.52
N ARG D 275 47.16 -1.12 31.54
CA ARG D 275 47.48 -1.29 30.12
C ARG D 275 48.73 -0.51 29.80
N GLN D 276 48.90 0.57 30.56
CA GLN D 276 50.03 1.51 30.52
C GLN D 276 51.36 0.85 30.87
N HIS D 277 51.35 -0.13 31.76
CA HIS D 277 52.59 -0.66 32.31
C HIS D 277 52.88 -2.11 31.97
N THR D 278 51.96 -2.81 31.31
CA THR D 278 52.26 -4.20 31.00
C THR D 278 51.87 -4.65 29.59
N VAL D 279 52.60 -5.62 29.06
CA VAL D 279 52.24 -6.20 27.77
C VAL D 279 51.53 -7.53 27.95
N THR D 280 51.28 -7.89 29.21
CA THR D 280 50.49 -9.09 29.50
C THR D 280 49.05 -8.79 29.13
N PRO D 281 48.46 -9.66 28.29
CA PRO D 281 47.09 -9.52 27.80
C PRO D 281 46.08 -9.55 28.94
N ILE D 282 44.98 -8.81 28.77
CA ILE D 282 43.97 -8.66 29.80
C ILE D 282 42.65 -9.21 29.28
N ALA D 283 41.92 -9.89 30.15
CA ALA D 283 40.57 -10.33 29.82
C ALA D 283 39.61 -9.84 30.90
N VAL D 284 38.37 -9.55 30.51
CA VAL D 284 37.36 -9.18 31.50
C VAL D 284 35.94 -9.41 30.97
N GLY D 285 34.98 -9.54 31.90
CA GLY D 285 33.60 -9.30 31.54
C GLY D 285 32.54 -10.32 31.91
N GLU D 286 32.92 -11.36 32.67
CA GLU D 286 31.95 -12.33 33.17
C GLU D 286 30.72 -11.68 33.77
N VAL D 287 30.96 -10.60 34.53
CA VAL D 287 29.92 -9.90 35.28
C VAL D 287 29.29 -8.71 34.53
N PHE D 288 29.60 -8.58 33.24
CA PHE D 288 28.99 -7.50 32.48
C PHE D 288 27.65 -7.98 31.93
N ASN D 289 26.69 -7.06 31.78
CA ASN D 289 25.38 -7.43 31.21
C ASN D 289 25.00 -6.65 29.95
N SER D 290 25.90 -5.77 29.51
CA SER D 290 25.62 -4.88 28.40
C SER D 290 26.88 -4.33 27.75
N ILE D 291 26.70 -3.70 26.60
CA ILE D 291 27.83 -3.13 25.87
C ILE D 291 28.32 -1.89 26.62
N TRP D 292 27.42 -1.32 27.42
CA TRP D 292 27.74 -0.11 28.17
C TRP D 292 28.66 -0.38 29.35
N ASP D 293 28.76 -1.66 29.75
CA ASP D 293 29.71 -2.05 30.79
C ASP D 293 31.15 -2.12 30.27
N CYS D 294 31.30 -2.22 28.95
CA CYS D 294 32.62 -2.49 28.36
C CYS D 294 32.96 -1.71 27.10
N LYS D 295 32.12 -0.75 26.73
CA LYS D 295 32.40 0.09 25.56
C LYS D 295 33.65 0.93 25.76
N GLN D 296 33.87 1.45 26.97
CA GLN D 296 35.08 2.26 27.17
C GLN D 296 36.35 1.42 27.11
N LEU D 297 36.29 0.26 27.75
CA LEU D 297 37.40 -0.69 27.76
C LEU D 297 37.83 -1.14 26.37
N ILE D 298 36.87 -1.39 25.50
CA ILE D 298 37.16 -1.88 24.15
C ILE D 298 37.66 -0.76 23.23
N GLU D 299 36.93 0.36 23.25
CA GLU D 299 37.25 1.51 22.41
C GLU D 299 38.62 2.10 22.69
N GLU D 300 39.09 1.93 23.93
CA GLU D 300 40.37 2.52 24.36
C GLU D 300 41.51 1.48 24.30
N GLN D 301 41.19 0.29 23.80
CA GLN D 301 42.14 -0.83 23.72
C GLN D 301 42.82 -1.10 25.06
N LEU D 302 42.00 -1.24 26.10
CA LEU D 302 42.49 -1.57 27.43
C LEU D 302 42.42 -3.06 27.73
N ILE D 303 41.72 -3.83 26.88
CA ILE D 303 41.61 -5.27 27.07
C ILE D 303 41.86 -6.03 25.77
N ASP D 304 42.17 -7.33 25.88
CA ASP D 304 42.37 -8.19 24.71
C ASP D 304 41.25 -9.19 24.44
N TYR D 305 40.47 -9.50 25.48
CA TYR D 305 39.45 -10.53 25.39
C TYR D 305 38.25 -10.10 26.19
N ILE D 306 37.07 -10.16 25.57
CA ILE D 306 35.84 -9.79 26.23
C ILE D 306 35.13 -11.06 26.70
N ARG D 307 34.74 -11.09 27.96
CA ARG D 307 34.35 -12.34 28.60
C ARG D 307 32.86 -12.45 28.89
N THR D 308 32.06 -11.62 28.22
CA THR D 308 30.59 -11.64 28.25
C THR D 308 29.99 -12.99 27.86
N THR D 309 28.78 -13.27 28.32
CA THR D 309 28.12 -14.57 28.02
C THR D 309 26.75 -14.38 27.41
N LEU D 310 26.22 -15.42 26.78
CA LEU D 310 24.91 -15.31 26.17
C LEU D 310 23.80 -15.13 27.20
N THR D 311 23.93 -15.83 28.34
CA THR D 311 22.91 -15.76 29.40
C THR D 311 22.87 -14.41 30.12
N HIS D 312 24.02 -13.77 30.23
CA HIS D 312 24.13 -12.61 31.09
C HIS D 312 24.18 -11.26 30.38
N ALA D 313 24.53 -11.27 29.09
CA ALA D 313 24.75 -10.02 28.35
C ALA D 313 23.91 -9.84 27.08
N GLY D 314 22.78 -10.52 26.97
CA GLY D 314 21.82 -10.15 25.95
C GLY D 314 21.51 -11.19 24.89
N GLY D 315 21.95 -12.43 25.13
CA GLY D 315 21.69 -13.53 24.22
C GLY D 315 22.47 -13.40 22.94
N ILE D 316 22.04 -14.12 21.92
CA ILE D 316 22.68 -14.01 20.61
C ILE D 316 22.65 -12.58 20.08
N THR D 317 21.47 -11.95 20.18
CA THR D 317 21.24 -10.61 19.67
C THR D 317 22.18 -9.55 20.27
N GLY D 318 22.38 -9.61 21.59
CA GLY D 318 23.13 -8.60 22.29
C GLY D 318 24.62 -8.85 22.16
N MET D 319 24.99 -10.11 22.36
CA MET D 319 26.37 -10.55 22.22
C MET D 319 26.90 -10.49 20.79
N ARG D 320 26.03 -10.62 19.79
CA ARG D 320 26.46 -10.47 18.39
C ARG D 320 27.00 -9.05 18.22
N ARG D 321 26.28 -8.09 18.80
CA ARG D 321 26.68 -6.70 18.75
C ARG D 321 27.96 -6.41 19.52
N ILE D 322 28.05 -6.91 20.74
CA ILE D 322 29.27 -6.81 21.54
C ILE D 322 30.49 -7.41 20.84
N ALA D 323 30.35 -8.60 20.26
CA ALA D 323 31.48 -9.23 19.59
C ALA D 323 31.92 -8.44 18.37
N ASP D 324 30.95 -7.97 17.60
CA ASP D 324 31.26 -7.20 16.40
C ASP D 324 31.94 -5.88 16.75
N PHE D 325 31.50 -5.25 17.83
CA PHE D 325 32.11 -4.01 18.29
C PHE D 325 33.58 -4.23 18.68
N ALA D 326 33.85 -5.33 19.37
CA ALA D 326 35.22 -5.62 19.80
C ALA D 326 36.13 -5.87 18.62
N SER D 327 35.59 -6.42 17.53
CA SER D 327 36.44 -6.77 16.39
C SER D 327 37.07 -5.55 15.77
N LEU D 328 36.33 -4.45 15.73
CA LEU D 328 36.83 -3.15 15.25
C LEU D 328 38.16 -2.73 15.88
N TYR D 329 38.39 -3.19 17.10
CA TYR D 329 39.57 -2.85 17.88
C TYR D 329 40.52 -4.04 18.15
N GLN D 330 40.32 -5.14 17.42
CA GLN D 330 41.17 -6.36 17.54
C GLN D 330 41.05 -7.06 18.90
N VAL D 331 39.93 -6.84 19.58
CA VAL D 331 39.61 -7.56 20.82
C VAL D 331 38.87 -8.85 20.49
N ARG D 332 39.23 -9.92 21.19
CA ARG D 332 38.66 -11.22 20.85
C ARG D 332 37.64 -11.67 21.91
N THR D 333 36.92 -12.74 21.62
CA THR D 333 35.93 -13.23 22.57
C THR D 333 36.55 -14.34 23.42
N GLY D 334 36.19 -14.34 24.71
CA GLY D 334 36.72 -15.26 25.68
C GLY D 334 35.65 -15.62 26.69
N SER D 335 34.49 -16.03 26.17
CA SER D 335 33.28 -16.23 26.97
C SER D 335 33.49 -17.02 28.26
N HIS D 336 32.92 -16.49 29.32
CA HIS D 336 32.85 -17.14 30.61
C HIS D 336 32.01 -18.41 30.52
N GLY D 337 32.56 -19.53 30.99
CA GLY D 337 31.90 -20.82 30.85
C GLY D 337 31.99 -21.69 32.08
N PRO D 338 31.37 -21.25 33.18
CA PRO D 338 31.40 -22.02 34.42
C PRO D 338 30.24 -22.98 34.49
N SER D 339 30.20 -23.76 35.55
CA SER D 339 29.15 -24.75 35.72
C SER D 339 27.84 -24.05 35.99
N ASP D 340 27.92 -22.81 36.49
CA ASP D 340 26.72 -22.07 36.85
C ASP D 340 26.02 -21.38 35.68
N LEU D 341 26.57 -21.56 34.48
CA LEU D 341 25.81 -21.36 33.26
C LEU D 341 25.33 -22.73 32.80
N SER D 342 24.03 -22.85 32.54
CA SER D 342 23.45 -24.16 32.21
C SER D 342 23.99 -24.66 30.87
N PRO D 343 23.79 -25.95 30.58
CA PRO D 343 24.12 -26.52 29.27
C PRO D 343 23.38 -25.88 28.09
N VAL D 344 22.24 -25.22 28.35
CA VAL D 344 21.57 -24.48 27.29
C VAL D 344 22.54 -23.42 26.77
N CYS D 345 23.05 -22.59 27.67
CA CYS D 345 24.07 -21.61 27.34
C CYS D 345 25.28 -22.19 26.58
N MET D 346 25.87 -23.29 27.08
CA MET D 346 27.01 -23.91 26.41
C MET D 346 26.69 -24.26 24.96
N ALA D 347 25.48 -24.79 24.74
CA ALA D 347 25.01 -25.15 23.41
C ALA D 347 24.92 -23.90 22.55
N ALA D 348 24.42 -22.84 23.14
CA ALA D 348 24.29 -21.59 22.41
C ALA D 348 25.67 -20.97 22.23
N ALA D 349 26.53 -21.17 23.22
CA ALA D 349 27.87 -20.64 23.18
C ALA D 349 28.66 -21.23 22.01
N LEU D 350 28.64 -22.55 21.92
CA LEU D 350 29.45 -23.23 20.93
C LEU D 350 29.00 -22.91 19.50
N HIS D 351 27.71 -22.63 19.32
CA HIS D 351 27.20 -22.18 18.04
C HIS D 351 27.70 -20.76 17.74
N PHE D 352 27.52 -19.84 18.69
CA PHE D 352 28.07 -18.48 18.56
C PHE D 352 29.60 -18.56 18.29
N ASP D 353 30.33 -19.23 19.18
CA ASP D 353 31.78 -19.40 19.07
C ASP D 353 32.24 -19.96 17.72
N LEU D 354 31.45 -20.87 17.16
CA LEU D 354 31.83 -21.53 15.90
C LEU D 354 31.78 -20.52 14.73
N TRP D 355 30.92 -19.51 14.84
CA TRP D 355 30.82 -18.46 13.81
C TRP D 355 31.69 -17.19 14.00
N VAL D 356 31.66 -16.56 15.18
CA VAL D 356 32.38 -15.27 15.40
C VAL D 356 33.77 -15.18 14.82
N PRO D 357 33.95 -14.28 13.84
CA PRO D 357 35.19 -13.96 13.13
C PRO D 357 36.10 -13.04 13.92
N ASN D 358 36.12 -13.21 15.25
CA ASN D 358 37.11 -12.63 16.14
C ASN D 358 37.05 -13.41 17.44
N PHE D 359 36.90 -14.72 17.31
CA PHE D 359 36.88 -15.64 18.47
C PHE D 359 38.27 -15.79 19.08
N GLY D 360 38.34 -15.85 20.40
CA GLY D 360 39.60 -16.02 21.08
C GLY D 360 39.68 -17.36 21.78
N VAL D 361 38.79 -17.59 22.73
CA VAL D 361 38.77 -18.85 23.47
C VAL D 361 37.45 -19.02 24.19
N GLN D 362 37.09 -20.25 24.51
CA GLN D 362 35.85 -20.54 25.26
C GLN D 362 36.14 -21.24 26.58
N GLU D 363 35.68 -20.67 27.70
CA GLU D 363 35.92 -21.33 28.96
C GLU D 363 35.05 -22.56 29.07
N TYR D 364 35.66 -23.63 29.54
CA TYR D 364 34.92 -24.83 29.84
C TYR D 364 35.29 -25.31 31.23
N MET D 365 34.66 -24.73 32.23
CA MET D 365 34.48 -25.44 33.48
C MET D 365 33.26 -26.25 33.14
N GLY D 366 33.43 -27.55 33.06
CA GLY D 366 32.37 -28.45 32.65
C GLY D 366 31.38 -28.77 33.75
N TYR D 367 30.63 -29.84 33.53
CA TYR D 367 29.47 -30.13 34.35
C TYR D 367 29.59 -31.47 35.08
N SER D 368 28.82 -31.66 36.14
CA SER D 368 28.75 -32.98 36.76
C SER D 368 27.97 -33.89 35.82
N GLU D 369 28.17 -35.19 35.93
CA GLU D 369 27.36 -36.17 35.20
C GLU D 369 25.91 -35.96 35.60
N GLN D 370 25.71 -35.78 36.90
CA GLN D 370 24.42 -35.42 37.47
C GLN D 370 23.81 -34.22 36.77
N MET D 371 24.58 -33.14 36.58
CA MET D 371 24.09 -31.99 35.82
C MET D 371 23.72 -32.37 34.39
N LEU D 372 24.58 -33.14 33.73
CA LEU D 372 24.47 -33.37 32.29
C LEU D 372 23.17 -34.03 31.85
N GLU D 373 22.74 -35.04 32.61
CA GLU D 373 21.61 -35.85 32.17
C GLU D 373 20.27 -35.10 32.23
N VAL D 374 20.25 -33.96 32.93
CA VAL D 374 19.06 -33.10 32.87
C VAL D 374 19.05 -32.34 31.55
N PHE D 375 20.21 -32.32 30.88
CA PHE D 375 20.35 -31.66 29.59
C PHE D 375 21.00 -32.56 28.54
N PRO D 376 20.21 -33.45 27.93
CA PRO D 376 20.67 -34.27 26.80
C PRO D 376 21.17 -33.35 25.72
N HIS D 377 22.41 -33.53 25.28
CA HIS D 377 23.04 -32.58 24.35
C HIS D 377 23.71 -33.28 23.17
N ASN D 378 24.39 -32.50 22.33
CA ASN D 378 24.98 -33.06 21.14
C ASN D 378 26.38 -32.51 20.84
N TRP D 379 26.95 -31.73 21.75
CA TRP D 379 28.30 -31.19 21.53
C TRP D 379 29.33 -32.31 21.55
N THR D 380 30.53 -32.00 21.10
CA THR D 380 31.64 -32.95 21.12
C THR D 380 32.91 -32.27 21.64
N PHE D 381 33.82 -33.08 22.16
CA PHE D 381 35.18 -32.66 22.53
C PHE D 381 36.14 -33.50 21.69
N ASP D 382 37.30 -32.97 21.35
CA ASP D 382 38.27 -33.73 20.55
C ASP D 382 39.61 -32.99 20.55
N ASN D 383 40.61 -33.53 21.25
CA ASN D 383 41.94 -32.90 21.26
C ASN D 383 41.92 -31.39 21.53
N GLY D 384 41.00 -30.96 22.38
CA GLY D 384 40.96 -29.59 22.83
C GLY D 384 39.92 -28.67 22.20
N TYR D 385 39.30 -29.08 21.09
CA TYR D 385 38.28 -28.24 20.46
C TYR D 385 36.85 -28.82 20.49
N MET D 386 35.88 -27.94 20.72
CA MET D 386 34.49 -28.36 20.84
C MET D 386 33.71 -27.97 19.59
N HIS D 387 32.56 -28.60 19.40
CA HIS D 387 31.76 -28.36 18.22
C HIS D 387 30.30 -28.60 18.56
N PRO D 388 29.44 -27.63 18.22
CA PRO D 388 28.00 -27.78 18.49
C PRO D 388 27.45 -28.95 17.70
N GLY D 389 26.18 -29.27 17.87
CA GLY D 389 25.61 -30.33 17.07
C GLY D 389 25.41 -29.86 15.64
N GLU D 390 25.14 -30.82 14.75
CA GLU D 390 24.64 -30.47 13.43
C GLU D 390 23.12 -30.58 13.50
N LYS D 391 22.59 -30.69 14.71
CA LYS D 391 21.15 -30.75 14.96
C LYS D 391 20.46 -29.40 14.76
N PRO D 392 19.20 -29.42 14.29
CA PRO D 392 18.55 -28.12 14.07
C PRO D 392 18.28 -27.37 15.38
N GLY D 393 18.39 -26.05 15.36
CA GLY D 393 18.28 -25.28 16.59
C GLY D 393 19.57 -25.32 17.39
N LEU D 394 19.46 -25.11 18.69
CA LEU D 394 20.63 -25.23 19.57
C LEU D 394 21.19 -26.64 19.59
N GLY D 395 20.32 -27.64 19.52
CA GLY D 395 20.74 -29.02 19.65
C GLY D 395 20.85 -29.48 21.09
N ILE D 396 19.96 -28.99 21.95
CA ILE D 396 19.89 -29.39 23.37
C ILE D 396 18.45 -29.57 23.84
N GLU D 397 18.27 -30.41 24.85
CA GLU D 397 16.95 -30.67 25.44
C GLU D 397 16.92 -30.39 26.94
N PHE D 398 15.73 -30.39 27.51
CA PHE D 398 15.56 -30.24 28.94
C PHE D 398 14.62 -31.34 29.42
N ASP D 399 15.07 -32.16 30.36
CA ASP D 399 14.24 -33.24 30.89
C ASP D 399 13.46 -32.72 32.11
N GLU D 400 12.20 -32.38 31.88
CA GLU D 400 11.35 -31.75 32.89
C GLU D 400 10.93 -32.74 33.98
N LYS D 401 10.63 -33.98 33.58
CA LYS D 401 10.31 -35.04 34.52
C LYS D 401 11.49 -35.25 35.47
N LEU D 402 12.69 -35.39 34.92
CA LEU D 402 13.88 -35.54 35.74
C LEU D 402 14.19 -34.28 36.54
N ALA D 403 13.96 -33.12 35.94
CA ALA D 403 14.23 -31.85 36.60
C ALA D 403 13.37 -31.63 37.83
N ALA D 404 12.12 -32.04 37.77
CA ALA D 404 11.21 -31.78 38.88
C ALA D 404 11.59 -32.60 40.12
N LYS D 405 12.55 -33.50 39.95
CA LYS D 405 13.02 -34.36 41.03
C LYS D 405 14.02 -33.64 41.93
N TYR D 406 14.62 -32.57 41.41
CA TYR D 406 15.59 -31.78 42.17
C TYR D 406 15.07 -30.39 42.53
N PRO D 407 14.48 -30.22 43.72
CA PRO D 407 13.99 -28.92 44.19
C PRO D 407 15.10 -27.86 44.31
N TYR D 408 14.71 -26.59 44.22
CA TYR D 408 15.62 -25.48 44.45
C TYR D 408 16.37 -25.65 45.75
N GLU D 409 17.68 -25.47 45.71
CA GLU D 409 18.47 -25.49 46.92
C GLU D 409 19.35 -24.24 46.96
N PRO D 410 19.17 -23.37 47.98
CA PRO D 410 19.93 -22.13 47.92
C PRO D 410 21.42 -22.37 48.13
N ALA D 411 22.23 -21.58 47.42
CA ALA D 411 23.67 -21.54 47.60
C ALA D 411 24.09 -20.18 47.10
N TYR D 412 25.15 -19.63 47.70
CA TYR D 412 25.57 -18.29 47.38
C TYR D 412 27.09 -18.19 47.22
N LEU D 413 27.53 -17.32 46.32
CA LEU D 413 28.95 -17.13 46.13
C LEU D 413 29.55 -16.54 47.39
N PRO D 414 30.83 -16.84 47.65
CA PRO D 414 31.53 -16.30 48.82
C PRO D 414 31.75 -14.79 48.75
N VAL D 415 32.03 -14.17 49.90
CA VAL D 415 32.49 -12.79 49.94
C VAL D 415 33.92 -12.76 50.46
N ALA D 416 34.69 -11.80 49.96
CA ALA D 416 36.09 -11.67 50.35
C ALA D 416 36.23 -10.57 51.37
N ARG D 417 37.03 -10.80 52.40
CA ARG D 417 37.34 -9.78 53.39
C ARG D 417 38.84 -9.61 53.60
N LEU D 418 39.27 -8.36 53.73
CA LEU D 418 40.64 -8.08 54.12
C LEU D 418 40.93 -8.57 55.54
N GLU D 419 42.17 -8.40 55.98
CA GLU D 419 42.58 -8.79 57.33
C GLU D 419 41.89 -7.88 58.35
N ASP D 420 41.70 -6.62 57.98
CA ASP D 420 40.91 -5.62 58.68
C ASP D 420 39.51 -6.11 59.01
N GLY D 421 38.98 -6.97 58.13
CA GLY D 421 37.55 -7.21 58.08
C GLY D 421 36.83 -6.34 57.06
N THR D 422 37.55 -5.65 56.18
CA THR D 422 36.86 -4.82 55.19
C THR D 422 36.33 -5.66 54.08
N LEU D 423 35.08 -5.40 53.74
CA LEU D 423 34.44 -6.09 52.65
C LEU D 423 35.10 -5.73 51.34
N TRP D 424 35.59 -6.76 50.65
CA TRP D 424 36.44 -6.60 49.49
C TRP D 424 35.76 -7.20 48.28
N ASN D 425 36.46 -7.22 47.15
CA ASN D 425 35.99 -7.92 45.97
C ASN D 425 36.32 -9.40 46.05
N TRP D 426 35.35 -10.24 45.71
CA TRP D 426 35.62 -11.69 45.61
C TRP D 426 35.73 -12.13 44.15
MG MG E . -39.87 16.47 -23.13
MG MG F . -16.21 -8.12 -8.29
MG MG G . 23.72 12.48 -2.64
MG MG H . 36.80 -14.55 37.37
#